data_4FZ4
# 
_entry.id   4FZ4 
# 
_audit_conform.dict_name       mmcif_pdbx.dic 
_audit_conform.dict_version    5.388 
_audit_conform.dict_location   http://mmcif.pdb.org/dictionaries/ascii/mmcif_pdbx.dic 
# 
loop_
_database_2.database_id 
_database_2.database_code 
_database_2.pdbx_database_accession 
_database_2.pdbx_DOI 
PDB   4FZ4         pdb_00004fz4 10.2210/pdb4fz4/pdb 
RCSB  RCSB073533   ?            ?                   
WWPDB D_1000073533 ?            ?                   
# 
loop_
_pdbx_audit_revision_history.ordinal 
_pdbx_audit_revision_history.data_content_type 
_pdbx_audit_revision_history.major_revision 
_pdbx_audit_revision_history.minor_revision 
_pdbx_audit_revision_history.revision_date 
1 'Structure model' 1 0 2012-12-05 
2 'Structure model' 1 1 2013-09-04 
3 'Structure model' 1 2 2017-10-04 
4 'Structure model' 1 3 2024-03-20 
# 
_pdbx_audit_revision_details.ordinal             1 
_pdbx_audit_revision_details.revision_ordinal    1 
_pdbx_audit_revision_details.data_content_type   'Structure model' 
_pdbx_audit_revision_details.provider            repository 
_pdbx_audit_revision_details.type                'Initial release' 
_pdbx_audit_revision_details.description         ? 
_pdbx_audit_revision_details.details             ? 
# 
loop_
_pdbx_audit_revision_group.ordinal 
_pdbx_audit_revision_group.revision_ordinal 
_pdbx_audit_revision_group.data_content_type 
_pdbx_audit_revision_group.group 
1 2 'Structure model' 'Database references'  
2 3 'Structure model' 'Data collection'      
3 4 'Structure model' 'Data collection'      
4 4 'Structure model' 'Database references'  
5 4 'Structure model' 'Derived calculations' 
# 
loop_
_pdbx_audit_revision_category.ordinal 
_pdbx_audit_revision_category.revision_ordinal 
_pdbx_audit_revision_category.data_content_type 
_pdbx_audit_revision_category.category 
1 3 'Structure model' diffrn_detector    
2 4 'Structure model' chem_comp_atom     
3 4 'Structure model' chem_comp_bond     
4 4 'Structure model' database_2         
5 4 'Structure model' struct_ref_seq_dif 
6 4 'Structure model' struct_site        
# 
loop_
_pdbx_audit_revision_item.ordinal 
_pdbx_audit_revision_item.revision_ordinal 
_pdbx_audit_revision_item.data_content_type 
_pdbx_audit_revision_item.item 
1 3 'Structure model' '_diffrn_detector.detector'           
2 4 'Structure model' '_database_2.pdbx_DOI'                
3 4 'Structure model' '_database_2.pdbx_database_accession' 
4 4 'Structure model' '_struct_ref_seq_dif.details'         
5 4 'Structure model' '_struct_site.pdbx_auth_asym_id'      
6 4 'Structure model' '_struct_site.pdbx_auth_comp_id'      
7 4 'Structure model' '_struct_site.pdbx_auth_seq_id'       
# 
_pdbx_database_status.status_code                     REL 
_pdbx_database_status.entry_id                        4FZ4 
_pdbx_database_status.recvd_initial_deposition_date   2012-07-06 
_pdbx_database_status.deposit_site                    RCSB 
_pdbx_database_status.process_site                    PDBJ 
_pdbx_database_status.methods_development_category    ? 
_pdbx_database_status.status_code_sf                  REL 
_pdbx_database_status.status_code_mr                  ? 
_pdbx_database_status.SG_entry                        ? 
_pdbx_database_status.status_code_cs                  ? 
_pdbx_database_status.pdb_format_compatible           Y 
_pdbx_database_status.status_code_nmr_data            ? 
# 
loop_
_audit_author.name 
_audit_author.pdbx_ordinal 
'Yuan, Z.' 1 
'Yan, X.'  2 
# 
_citation.id                        primary 
_citation.title                     
'Molecular mechanism by which surface antigen HP0197 mediates host cell attachment in the pathogenic bacteria Streptococcus suis' 
_citation.journal_abbrev            J.Biol.Chem. 
_citation.journal_volume            288 
_citation.page_first                956 
_citation.page_last                 963 
_citation.year                      2013 
_citation.journal_id_ASTM           JBCHA3 
_citation.country                   US 
_citation.journal_id_ISSN           0021-9258 
_citation.journal_id_CSD            0071 
_citation.book_publisher            ? 
_citation.pdbx_database_id_PubMed   23184929 
_citation.pdbx_database_id_DOI      10.1074/jbc.M112.388686 
# 
loop_
_citation_author.citation_id 
_citation_author.name 
_citation_author.ordinal 
_citation_author.identifier_ORCID 
primary 'Yuan, Z.Z.'  1 ? 
primary 'Yan, X.J.'   2 ? 
primary 'Zhang, A.D.' 3 ? 
primary 'Chen, B.'    4 ? 
primary 'Shen, Y.Q.'  5 ? 
primary 'Jin, M.L.'   6 ? 
# 
loop_
_entity.id 
_entity.type 
_entity.src_method 
_entity.pdbx_description 
_entity.formula_weight 
_entity.pdbx_number_of_molecules 
_entity.pdbx_ec 
_entity.pdbx_mutation 
_entity.pdbx_fragment 
_entity.details 
1 polymer     man 'Uncharacterized protein conserved in bacteria' 18024.191 1  ? ? 'UNP RESIDUES 51-199' ? 
2 non-polymer syn 'CHLORIDE ION'                                  35.453    2  ? ? ?                     ? 
3 non-polymer syn 'NITRATE ION'                                   62.005    1  ? ? ?                     ? 
4 water       nat water                                           18.015    31 ? ? ?                     ? 
# 
_entity_name_com.entity_id   1 
_entity_name_com.name        0197-18kd 
# 
_entity_poly.entity_id                      1 
_entity_poly.type                           'polypeptide(L)' 
_entity_poly.nstd_linkage                   no 
_entity_poly.nstd_monomer                   no 
_entity_poly.pdbx_seq_one_letter_code       
;EAMAKVEEVQKVVKELEKELGELDKVPSYGDAQDYSYQKALWEEFLRIGKDNMDYASKMKADDKFFHKVKGDLNDFKYQI
KVENYIRQVAELRKKYPGDNTIEEEYNAHLKQDEGKSIASQEGATLRDYVDREASEAMGRIKQRVAELEILEHH
;
_entity_poly.pdbx_seq_one_letter_code_can   
;EAMAKVEEVQKVVKELEKELGELDKVPSYGDAQDYSYQKALWEEFLRIGKDNMDYASKMKADDKFFHKVKGDLNDFKYQI
KVENYIRQVAELRKKYPGDNTIEEEYNAHLKQDEGKSIASQEGATLRDYVDREASEAMGRIKQRVAELEILEHH
;
_entity_poly.pdbx_strand_id                 A 
_entity_poly.pdbx_target_identifier         ? 
# 
loop_
_pdbx_entity_nonpoly.entity_id 
_pdbx_entity_nonpoly.name 
_pdbx_entity_nonpoly.comp_id 
2 'CHLORIDE ION' CL  
3 'NITRATE ION'  NO3 
4 water          HOH 
# 
loop_
_entity_poly_seq.entity_id 
_entity_poly_seq.num 
_entity_poly_seq.mon_id 
_entity_poly_seq.hetero 
1 1   GLU n 
1 2   ALA n 
1 3   MET n 
1 4   ALA n 
1 5   LYS n 
1 6   VAL n 
1 7   GLU n 
1 8   GLU n 
1 9   VAL n 
1 10  GLN n 
1 11  LYS n 
1 12  VAL n 
1 13  VAL n 
1 14  LYS n 
1 15  GLU n 
1 16  LEU n 
1 17  GLU n 
1 18  LYS n 
1 19  GLU n 
1 20  LEU n 
1 21  GLY n 
1 22  GLU n 
1 23  LEU n 
1 24  ASP n 
1 25  LYS n 
1 26  VAL n 
1 27  PRO n 
1 28  SER n 
1 29  TYR n 
1 30  GLY n 
1 31  ASP n 
1 32  ALA n 
1 33  GLN n 
1 34  ASP n 
1 35  TYR n 
1 36  SER n 
1 37  TYR n 
1 38  GLN n 
1 39  LYS n 
1 40  ALA n 
1 41  LEU n 
1 42  TRP n 
1 43  GLU n 
1 44  GLU n 
1 45  PHE n 
1 46  LEU n 
1 47  ARG n 
1 48  ILE n 
1 49  GLY n 
1 50  LYS n 
1 51  ASP n 
1 52  ASN n 
1 53  MET n 
1 54  ASP n 
1 55  TYR n 
1 56  ALA n 
1 57  SER n 
1 58  LYS n 
1 59  MET n 
1 60  LYS n 
1 61  ALA n 
1 62  ASP n 
1 63  ASP n 
1 64  LYS n 
1 65  PHE n 
1 66  PHE n 
1 67  HIS n 
1 68  LYS n 
1 69  VAL n 
1 70  LYS n 
1 71  GLY n 
1 72  ASP n 
1 73  LEU n 
1 74  ASN n 
1 75  ASP n 
1 76  PHE n 
1 77  LYS n 
1 78  TYR n 
1 79  GLN n 
1 80  ILE n 
1 81  LYS n 
1 82  VAL n 
1 83  GLU n 
1 84  ASN n 
1 85  TYR n 
1 86  ILE n 
1 87  ARG n 
1 88  GLN n 
1 89  VAL n 
1 90  ALA n 
1 91  GLU n 
1 92  LEU n 
1 93  ARG n 
1 94  LYS n 
1 95  LYS n 
1 96  TYR n 
1 97  PRO n 
1 98  GLY n 
1 99  ASP n 
1 100 ASN n 
1 101 THR n 
1 102 ILE n 
1 103 GLU n 
1 104 GLU n 
1 105 GLU n 
1 106 TYR n 
1 107 ASN n 
1 108 ALA n 
1 109 HIS n 
1 110 LEU n 
1 111 LYS n 
1 112 GLN n 
1 113 ASP n 
1 114 GLU n 
1 115 GLY n 
1 116 LYS n 
1 117 SER n 
1 118 ILE n 
1 119 ALA n 
1 120 SER n 
1 121 GLN n 
1 122 GLU n 
1 123 GLY n 
1 124 ALA n 
1 125 THR n 
1 126 LEU n 
1 127 ARG n 
1 128 ASP n 
1 129 TYR n 
1 130 VAL n 
1 131 ASP n 
1 132 ARG n 
1 133 GLU n 
1 134 ALA n 
1 135 SER n 
1 136 GLU n 
1 137 ALA n 
1 138 MET n 
1 139 GLY n 
1 140 ARG n 
1 141 ILE n 
1 142 LYS n 
1 143 GLN n 
1 144 ARG n 
1 145 VAL n 
1 146 ALA n 
1 147 GLU n 
1 148 LEU n 
1 149 GLU n 
1 150 ILE n 
1 151 LEU n 
1 152 GLU n 
1 153 HIS n 
1 154 HIS n 
# 
_entity_src_gen.entity_id                          1 
_entity_src_gen.pdbx_src_id                        1 
_entity_src_gen.pdbx_alt_source_flag               sample 
_entity_src_gen.pdbx_seq_type                      ? 
_entity_src_gen.pdbx_beg_seq_num                   ? 
_entity_src_gen.pdbx_end_seq_num                   ? 
_entity_src_gen.gene_src_common_name               ? 
_entity_src_gen.gene_src_genus                     ? 
_entity_src_gen.pdbx_gene_src_gene                 SSU98_0197 
_entity_src_gen.gene_src_species                   ? 
_entity_src_gen.gene_src_strain                    98HAH33 
_entity_src_gen.gene_src_tissue                    ? 
_entity_src_gen.gene_src_tissue_fraction           ? 
_entity_src_gen.gene_src_details                   ? 
_entity_src_gen.pdbx_gene_src_fragment             ? 
_entity_src_gen.pdbx_gene_src_scientific_name      'Streptococcus suis' 
_entity_src_gen.pdbx_gene_src_ncbi_taxonomy_id     391296 
_entity_src_gen.pdbx_gene_src_variant              ? 
_entity_src_gen.pdbx_gene_src_cell_line            ? 
_entity_src_gen.pdbx_gene_src_atcc                 ? 
_entity_src_gen.pdbx_gene_src_organ                ? 
_entity_src_gen.pdbx_gene_src_organelle            ? 
_entity_src_gen.pdbx_gene_src_cell                 ? 
_entity_src_gen.pdbx_gene_src_cellular_location    ? 
_entity_src_gen.host_org_common_name               ? 
_entity_src_gen.pdbx_host_org_scientific_name      'Escherichia coli' 
_entity_src_gen.pdbx_host_org_ncbi_taxonomy_id     562 
_entity_src_gen.host_org_genus                     ? 
_entity_src_gen.pdbx_host_org_gene                 ? 
_entity_src_gen.pdbx_host_org_organ                ? 
_entity_src_gen.host_org_species                   ? 
_entity_src_gen.pdbx_host_org_tissue               ? 
_entity_src_gen.pdbx_host_org_tissue_fraction      ? 
_entity_src_gen.pdbx_host_org_strain               ? 
_entity_src_gen.pdbx_host_org_variant              ? 
_entity_src_gen.pdbx_host_org_cell_line            ? 
_entity_src_gen.pdbx_host_org_atcc                 ? 
_entity_src_gen.pdbx_host_org_culture_collection   ? 
_entity_src_gen.pdbx_host_org_cell                 ? 
_entity_src_gen.pdbx_host_org_organelle            ? 
_entity_src_gen.pdbx_host_org_cellular_location    ? 
_entity_src_gen.pdbx_host_org_vector_type          ? 
_entity_src_gen.pdbx_host_org_vector               ? 
_entity_src_gen.host_org_details                   ? 
_entity_src_gen.expression_system_id               ? 
_entity_src_gen.plasmid_name                       ? 
_entity_src_gen.plasmid_details                    ? 
_entity_src_gen.pdbx_description                   ? 
# 
loop_
_chem_comp.id 
_chem_comp.type 
_chem_comp.mon_nstd_flag 
_chem_comp.name 
_chem_comp.pdbx_synonyms 
_chem_comp.formula 
_chem_comp.formula_weight 
ALA 'L-peptide linking' y ALANINE         ? 'C3 H7 N O2'     89.093  
ARG 'L-peptide linking' y ARGININE        ? 'C6 H15 N4 O2 1' 175.209 
ASN 'L-peptide linking' y ASPARAGINE      ? 'C4 H8 N2 O3'    132.118 
ASP 'L-peptide linking' y 'ASPARTIC ACID' ? 'C4 H7 N O4'     133.103 
CL  non-polymer         . 'CHLORIDE ION'  ? 'Cl -1'          35.453  
GLN 'L-peptide linking' y GLUTAMINE       ? 'C5 H10 N2 O3'   146.144 
GLU 'L-peptide linking' y 'GLUTAMIC ACID' ? 'C5 H9 N O4'     147.129 
GLY 'peptide linking'   y GLYCINE         ? 'C2 H5 N O2'     75.067  
HIS 'L-peptide linking' y HISTIDINE       ? 'C6 H10 N3 O2 1' 156.162 
HOH non-polymer         . WATER           ? 'H2 O'           18.015  
ILE 'L-peptide linking' y ISOLEUCINE      ? 'C6 H13 N O2'    131.173 
LEU 'L-peptide linking' y LEUCINE         ? 'C6 H13 N O2'    131.173 
LYS 'L-peptide linking' y LYSINE          ? 'C6 H15 N2 O2 1' 147.195 
MET 'L-peptide linking' y METHIONINE      ? 'C5 H11 N O2 S'  149.211 
NO3 non-polymer         . 'NITRATE ION'   ? 'N O3 -1'        62.005  
PHE 'L-peptide linking' y PHENYLALANINE   ? 'C9 H11 N O2'    165.189 
PRO 'L-peptide linking' y PROLINE         ? 'C5 H9 N O2'     115.130 
SER 'L-peptide linking' y SERINE          ? 'C3 H7 N O3'     105.093 
THR 'L-peptide linking' y THREONINE       ? 'C4 H9 N O3'     119.119 
TRP 'L-peptide linking' y TRYPTOPHAN      ? 'C11 H12 N2 O2'  204.225 
TYR 'L-peptide linking' y TYROSINE        ? 'C9 H11 N O3'    181.189 
VAL 'L-peptide linking' y VALINE          ? 'C5 H11 N O2'    117.146 
# 
loop_
_pdbx_poly_seq_scheme.asym_id 
_pdbx_poly_seq_scheme.entity_id 
_pdbx_poly_seq_scheme.seq_id 
_pdbx_poly_seq_scheme.mon_id 
_pdbx_poly_seq_scheme.ndb_seq_num 
_pdbx_poly_seq_scheme.pdb_seq_num 
_pdbx_poly_seq_scheme.auth_seq_num 
_pdbx_poly_seq_scheme.pdb_mon_id 
_pdbx_poly_seq_scheme.auth_mon_id 
_pdbx_poly_seq_scheme.pdb_strand_id 
_pdbx_poly_seq_scheme.pdb_ins_code 
_pdbx_poly_seq_scheme.hetero 
A 1 1   GLU 1   51  51  GLU GLU A . n 
A 1 2   ALA 2   52  52  ALA ALA A . n 
A 1 3   MET 3   53  53  MET MET A . n 
A 1 4   ALA 4   54  54  ALA ALA A . n 
A 1 5   LYS 5   55  55  LYS LYS A . n 
A 1 6   VAL 6   56  56  VAL VAL A . n 
A 1 7   GLU 7   57  57  GLU GLU A . n 
A 1 8   GLU 8   58  58  GLU GLU A . n 
A 1 9   VAL 9   59  59  VAL VAL A . n 
A 1 10  GLN 10  60  60  GLN GLN A . n 
A 1 11  LYS 11  61  61  LYS LYS A . n 
A 1 12  VAL 12  62  62  VAL VAL A . n 
A 1 13  VAL 13  63  63  VAL VAL A . n 
A 1 14  LYS 14  64  64  LYS LYS A . n 
A 1 15  GLU 15  65  65  GLU GLU A . n 
A 1 16  LEU 16  66  66  LEU LEU A . n 
A 1 17  GLU 17  67  67  GLU GLU A . n 
A 1 18  LYS 18  68  68  LYS LYS A . n 
A 1 19  GLU 19  69  69  GLU GLU A . n 
A 1 20  LEU 20  70  70  LEU LEU A . n 
A 1 21  GLY 21  71  71  GLY GLY A . n 
A 1 22  GLU 22  72  72  GLU GLU A . n 
A 1 23  LEU 23  73  73  LEU LEU A . n 
A 1 24  ASP 24  74  74  ASP ASP A . n 
A 1 25  LYS 25  75  75  LYS LYS A . n 
A 1 26  VAL 26  76  76  VAL VAL A . n 
A 1 27  PRO 27  77  77  PRO PRO A . n 
A 1 28  SER 28  78  78  SER SER A . n 
A 1 29  TYR 29  79  79  TYR TYR A . n 
A 1 30  GLY 30  80  80  GLY GLY A . n 
A 1 31  ASP 31  81  81  ASP ASP A . n 
A 1 32  ALA 32  82  82  ALA ALA A . n 
A 1 33  GLN 33  83  83  GLN GLN A . n 
A 1 34  ASP 34  84  84  ASP ASP A . n 
A 1 35  TYR 35  85  85  TYR TYR A . n 
A 1 36  SER 36  86  86  SER SER A . n 
A 1 37  TYR 37  87  87  TYR TYR A . n 
A 1 38  GLN 38  88  88  GLN GLN A . n 
A 1 39  LYS 39  89  89  LYS LYS A . n 
A 1 40  ALA 40  90  90  ALA ALA A . n 
A 1 41  LEU 41  91  91  LEU LEU A . n 
A 1 42  TRP 42  92  92  TRP TRP A . n 
A 1 43  GLU 43  93  93  GLU GLU A . n 
A 1 44  GLU 44  94  94  GLU GLU A . n 
A 1 45  PHE 45  95  95  PHE PHE A . n 
A 1 46  LEU 46  96  96  LEU LEU A . n 
A 1 47  ARG 47  97  97  ARG ARG A . n 
A 1 48  ILE 48  98  98  ILE ILE A . n 
A 1 49  GLY 49  99  99  GLY GLY A . n 
A 1 50  LYS 50  100 100 LYS LYS A . n 
A 1 51  ASP 51  101 101 ASP ASP A . n 
A 1 52  ASN 52  102 102 ASN ASN A . n 
A 1 53  MET 53  103 103 MET MET A . n 
A 1 54  ASP 54  104 104 ASP ASP A . n 
A 1 55  TYR 55  105 105 TYR TYR A . n 
A 1 56  ALA 56  106 106 ALA ALA A . n 
A 1 57  SER 57  107 107 SER SER A . n 
A 1 58  LYS 58  108 108 LYS LYS A . n 
A 1 59  MET 59  109 109 MET MET A . n 
A 1 60  LYS 60  110 110 LYS LYS A . n 
A 1 61  ALA 61  111 111 ALA ALA A . n 
A 1 62  ASP 62  112 112 ASP ASP A . n 
A 1 63  ASP 63  113 113 ASP ASP A . n 
A 1 64  LYS 64  114 114 LYS LYS A . n 
A 1 65  PHE 65  115 115 PHE PHE A . n 
A 1 66  PHE 66  116 116 PHE PHE A . n 
A 1 67  HIS 67  117 117 HIS HIS A . n 
A 1 68  LYS 68  118 118 LYS LYS A . n 
A 1 69  VAL 69  119 119 VAL VAL A . n 
A 1 70  LYS 70  120 120 LYS LYS A . n 
A 1 71  GLY 71  121 121 GLY GLY A . n 
A 1 72  ASP 72  122 122 ASP ASP A . n 
A 1 73  LEU 73  123 123 LEU LEU A . n 
A 1 74  ASN 74  124 124 ASN ASN A . n 
A 1 75  ASP 75  125 125 ASP ASP A . n 
A 1 76  PHE 76  126 126 PHE PHE A . n 
A 1 77  LYS 77  127 127 LYS LYS A . n 
A 1 78  TYR 78  128 128 TYR TYR A . n 
A 1 79  GLN 79  129 129 GLN GLN A . n 
A 1 80  ILE 80  130 130 ILE ILE A . n 
A 1 81  LYS 81  131 131 LYS LYS A . n 
A 1 82  VAL 82  132 132 VAL VAL A . n 
A 1 83  GLU 83  133 133 GLU GLU A . n 
A 1 84  ASN 84  134 134 ASN ASN A . n 
A 1 85  TYR 85  135 135 TYR TYR A . n 
A 1 86  ILE 86  136 136 ILE ILE A . n 
A 1 87  ARG 87  137 137 ARG ARG A . n 
A 1 88  GLN 88  138 138 GLN GLN A . n 
A 1 89  VAL 89  139 139 VAL VAL A . n 
A 1 90  ALA 90  140 140 ALA ALA A . n 
A 1 91  GLU 91  141 141 GLU GLU A . n 
A 1 92  LEU 92  142 142 LEU LEU A . n 
A 1 93  ARG 93  143 143 ARG ARG A . n 
A 1 94  LYS 94  144 144 LYS LYS A . n 
A 1 95  LYS 95  145 145 LYS LYS A . n 
A 1 96  TYR 96  146 146 TYR TYR A . n 
A 1 97  PRO 97  147 147 PRO PRO A . n 
A 1 98  GLY 98  148 148 GLY GLY A . n 
A 1 99  ASP 99  149 149 ASP ASP A . n 
A 1 100 ASN 100 150 150 ASN ASN A . n 
A 1 101 THR 101 151 151 THR THR A . n 
A 1 102 ILE 102 152 152 ILE ILE A . n 
A 1 103 GLU 103 153 153 GLU GLU A . n 
A 1 104 GLU 104 154 154 GLU GLU A . n 
A 1 105 GLU 105 155 155 GLU GLU A . n 
A 1 106 TYR 106 156 156 TYR TYR A . n 
A 1 107 ASN 107 157 157 ASN ASN A . n 
A 1 108 ALA 108 158 158 ALA ALA A . n 
A 1 109 HIS 109 159 159 HIS HIS A . n 
A 1 110 LEU 110 160 160 LEU LEU A . n 
A 1 111 LYS 111 161 161 LYS LYS A . n 
A 1 112 GLN 112 162 162 GLN GLN A . n 
A 1 113 ASP 113 163 163 ASP ASP A . n 
A 1 114 GLU 114 164 164 GLU GLU A . n 
A 1 115 GLY 115 165 165 GLY GLY A . n 
A 1 116 LYS 116 166 166 LYS LYS A . n 
A 1 117 SER 117 167 167 SER SER A . n 
A 1 118 ILE 118 168 168 ILE ILE A . n 
A 1 119 ALA 119 169 169 ALA ALA A . n 
A 1 120 SER 120 170 170 SER SER A . n 
A 1 121 GLN 121 171 171 GLN GLN A . n 
A 1 122 GLU 122 172 172 GLU GLU A . n 
A 1 123 GLY 123 173 173 GLY GLY A . n 
A 1 124 ALA 124 174 174 ALA ALA A . n 
A 1 125 THR 125 175 175 THR THR A . n 
A 1 126 LEU 126 176 176 LEU LEU A . n 
A 1 127 ARG 127 177 177 ARG ARG A . n 
A 1 128 ASP 128 178 178 ASP ASP A . n 
A 1 129 TYR 129 179 179 TYR TYR A . n 
A 1 130 VAL 130 180 180 VAL VAL A . n 
A 1 131 ASP 131 181 181 ASP ASP A . n 
A 1 132 ARG 132 182 182 ARG ARG A . n 
A 1 133 GLU 133 183 183 GLU GLU A . n 
A 1 134 ALA 134 184 184 ALA ALA A . n 
A 1 135 SER 135 185 185 SER SER A . n 
A 1 136 GLU 136 186 186 GLU GLU A . n 
A 1 137 ALA 137 187 187 ALA ALA A . n 
A 1 138 MET 138 188 188 MET MET A . n 
A 1 139 GLY 139 189 189 GLY GLY A . n 
A 1 140 ARG 140 190 190 ARG ARG A . n 
A 1 141 ILE 141 191 191 ILE ILE A . n 
A 1 142 LYS 142 192 192 LYS LYS A . n 
A 1 143 GLN 143 193 193 GLN GLN A . n 
A 1 144 ARG 144 194 194 ARG ARG A . n 
A 1 145 VAL 145 195 195 VAL VAL A . n 
A 1 146 ALA 146 196 196 ALA ALA A . n 
A 1 147 GLU 147 197 197 GLU GLU A . n 
A 1 148 LEU 148 198 198 LEU LEU A . n 
A 1 149 GLU 149 199 199 GLU GLU A . n 
A 1 150 ILE 150 200 200 ILE ILE A . n 
A 1 151 LEU 151 201 201 LEU LEU A . n 
A 1 152 GLU 152 202 202 GLU GLU A . n 
A 1 153 HIS 153 203 203 HIS HIS A . n 
A 1 154 HIS 154 204 204 HIS HIS A . n 
# 
loop_
_pdbx_nonpoly_scheme.asym_id 
_pdbx_nonpoly_scheme.entity_id 
_pdbx_nonpoly_scheme.mon_id 
_pdbx_nonpoly_scheme.ndb_seq_num 
_pdbx_nonpoly_scheme.pdb_seq_num 
_pdbx_nonpoly_scheme.auth_seq_num 
_pdbx_nonpoly_scheme.pdb_mon_id 
_pdbx_nonpoly_scheme.auth_mon_id 
_pdbx_nonpoly_scheme.pdb_strand_id 
_pdbx_nonpoly_scheme.pdb_ins_code 
B 2 CL  1  301 1  CL  CL  A . 
C 2 CL  1  302 2  CL  CL  A . 
D 3 NO3 1  303 1  NO3 NO3 A . 
E 4 HOH 1  401 5  HOH HOH A . 
E 4 HOH 2  402 8  HOH HOH A . 
E 4 HOH 3  403 9  HOH HOH A . 
E 4 HOH 4  404 10 HOH HOH A . 
E 4 HOH 5  405 11 HOH HOH A . 
E 4 HOH 6  406 14 HOH HOH A . 
E 4 HOH 7  407 15 HOH HOH A . 
E 4 HOH 8  408 16 HOH HOH A . 
E 4 HOH 9  409 18 HOH HOH A . 
E 4 HOH 10 410 19 HOH HOH A . 
E 4 HOH 11 411 20 HOH HOH A . 
E 4 HOH 12 412 21 HOH HOH A . 
E 4 HOH 13 413 22 HOH HOH A . 
E 4 HOH 14 414 23 HOH HOH A . 
E 4 HOH 15 415 24 HOH HOH A . 
E 4 HOH 16 416 25 HOH HOH A . 
E 4 HOH 17 417 27 HOH HOH A . 
E 4 HOH 18 418 28 HOH HOH A . 
E 4 HOH 19 419 29 HOH HOH A . 
E 4 HOH 20 420 32 HOH HOH A . 
E 4 HOH 21 421 34 HOH HOH A . 
E 4 HOH 22 422 35 HOH HOH A . 
E 4 HOH 23 423 37 HOH HOH A . 
E 4 HOH 24 424 40 HOH HOH A . 
E 4 HOH 25 425 41 HOH HOH A . 
E 4 HOH 26 426 45 HOH HOH A . 
E 4 HOH 27 427 46 HOH HOH A . 
E 4 HOH 28 428 47 HOH HOH A . 
E 4 HOH 29 429 48 HOH HOH A . 
E 4 HOH 30 430 49 HOH HOH A . 
E 4 HOH 31 431 50 HOH HOH A . 
# 
loop_
_software.name 
_software.classification 
_software.version 
_software.citation_id 
_software.pdbx_ordinal 
_software.date 
_software.type 
_software.location 
_software.language 
MAR345dtb 'data collection' .   ? 1 ? ? ? ? 
PHENIX    'model building'  .   ? 2 ? ? ? ? 
CNS       refinement        1.2 ? 3 ? ? ? ? 
HKL-2000  'data reduction'  .   ? 4 ? ? ? ? 
HKL-2000  'data scaling'    .   ? 5 ? ? ? ? 
PHENIX    phasing           .   ? 6 ? ? ? ? 
# 
_cell.entry_id           4FZ4 
_cell.length_a           49.235 
_cell.length_b           87.601 
_cell.length_c           38.540 
_cell.angle_alpha        90.00 
_cell.angle_beta         90.00 
_cell.angle_gamma        90.00 
_cell.Z_PDB              4 
_cell.pdbx_unique_axis   ? 
_cell.length_a_esd       ? 
_cell.length_b_esd       ? 
_cell.length_c_esd       ? 
_cell.angle_alpha_esd    ? 
_cell.angle_beta_esd     ? 
_cell.angle_gamma_esd    ? 
# 
_symmetry.entry_id                         4FZ4 
_symmetry.space_group_name_H-M             'P 21 21 2' 
_symmetry.pdbx_full_space_group_name_H-M   ? 
_symmetry.cell_setting                     ? 
_symmetry.Int_Tables_number                18 
_symmetry.space_group_name_Hall            ? 
# 
_exptl.entry_id          4FZ4 
_exptl.method            'X-RAY DIFFRACTION' 
_exptl.crystals_number   1 
# 
_exptl_crystal.id                    1 
_exptl_crystal.density_meas          ? 
_exptl_crystal.density_Matthews      2.31 
_exptl_crystal.density_percent_sol   46.65 
_exptl_crystal.description           ? 
_exptl_crystal.F_000                 ? 
_exptl_crystal.preparation           ? 
# 
_exptl_crystal_grow.crystal_id      1 
_exptl_crystal_grow.method          EVAPORATION 
_exptl_crystal_grow.temp            293 
_exptl_crystal_grow.temp_details    ? 
_exptl_crystal_grow.pH              7.5 
_exptl_crystal_grow.pdbx_details    '30% PEG 3350, 0.4M NaNO3 , pH 7.5, EVAPORATION, temperature 293K' 
_exptl_crystal_grow.pdbx_pH_range   ? 
# 
_diffrn.id                     1 
_diffrn.ambient_temp           298 
_diffrn.ambient_temp_details   ? 
_diffrn.crystal_id             1 
# 
_diffrn_detector.diffrn_id              1 
_diffrn_detector.detector               'IMAGE PLATE' 
_diffrn_detector.type                   'MAR555 FLAT PANEL' 
_diffrn_detector.pdbx_collection_date   2008-11-20 
_diffrn_detector.details                ? 
# 
_diffrn_radiation.diffrn_id                        1 
_diffrn_radiation.wavelength_id                    1 
_diffrn_radiation.pdbx_monochromatic_or_laue_m_l   M 
_diffrn_radiation.monochromator                    GRAPHITE 
_diffrn_radiation.pdbx_diffrn_protocol             'SINGLE WAVELENGTH' 
_diffrn_radiation.pdbx_scattering_type             x-ray 
# 
_diffrn_radiation_wavelength.id           1 
_diffrn_radiation_wavelength.wavelength   0.9795 
_diffrn_radiation_wavelength.wt           1.0 
# 
_diffrn_source.diffrn_id                   1 
_diffrn_source.source                      SYNCHROTRON 
_diffrn_source.type                        'SSRF BEAMLINE BL17U' 
_diffrn_source.pdbx_synchrotron_site       SSRF 
_diffrn_source.pdbx_synchrotron_beamline   BL17U 
_diffrn_source.pdbx_wavelength             ? 
_diffrn_source.pdbx_wavelength_list        0.9795 
# 
_reflns.entry_id                     4FZ4 
_reflns.observed_criterion_sigma_I   2.0 
_reflns.observed_criterion_sigma_F   2.0 
_reflns.d_resolution_low             50 
_reflns.d_resolution_high            2.44 
_reflns.number_obs                   6551 
_reflns.number_all                   7687 
_reflns.percent_possible_obs         85.2 
_reflns.pdbx_Rmerge_I_obs            ? 
_reflns.pdbx_Rsym_value              ? 
_reflns.pdbx_netI_over_sigmaI        ? 
_reflns.B_iso_Wilson_estimate        ? 
_reflns.pdbx_redundancy              ? 
_reflns.R_free_details               ? 
_reflns.limit_h_max                  ? 
_reflns.limit_h_min                  ? 
_reflns.limit_k_max                  ? 
_reflns.limit_k_min                  ? 
_reflns.limit_l_max                  ? 
_reflns.limit_l_min                  ? 
_reflns.observed_criterion_F_max     ? 
_reflns.observed_criterion_F_min     ? 
_reflns.pdbx_chi_squared             ? 
_reflns.pdbx_scaling_rejects         ? 
_reflns.pdbx_ordinal                 1 
_reflns.pdbx_diffrn_id               1 
# 
_reflns_shell.d_res_high                  2.40 
_reflns_shell.d_res_low                   2.49 
_reflns_shell.percent_possible_all        97.8 
_reflns_shell.Rmerge_I_obs                ? 
_reflns_shell.pdbx_Rsym_value             ? 
_reflns_shell.meanI_over_sigI_obs         ? 
_reflns_shell.pdbx_redundancy             ? 
_reflns_shell.percent_possible_obs        ? 
_reflns_shell.number_unique_all           ? 
_reflns_shell.number_measured_all         ? 
_reflns_shell.number_measured_obs         ? 
_reflns_shell.number_unique_obs           ? 
_reflns_shell.pdbx_chi_squared            ? 
_reflns_shell.pdbx_rejects                ? 
_reflns_shell.pdbx_netI_over_sigmaI_obs   ? 
_reflns_shell.number_possible             ? 
_reflns_shell.Rmerge_F_all                ? 
_reflns_shell.Rmerge_F_obs                ? 
_reflns_shell.Rmerge_I_all                ? 
_reflns_shell.meanI_over_sigI_all         ? 
_reflns_shell.pdbx_Rrim_I_all             ? 
_reflns_shell.pdbx_Rpim_I_all             ? 
_reflns_shell.pdbx_ordinal                1 
_reflns_shell.pdbx_diffrn_id              1 
# 
_refine.entry_id                                 4FZ4 
_refine.ls_number_reflns_obs                     6551 
_refine.ls_number_reflns_all                     7687 
_refine.pdbx_ls_sigma_I                          ? 
_refine.pdbx_ls_sigma_F                          0.0 
_refine.pdbx_data_cutoff_high_absF               850665.53 
_refine.pdbx_data_cutoff_low_absF                0.000000 
_refine.pdbx_data_cutoff_high_rms_absF           ? 
_refine.ls_d_res_low                             18.82 
_refine.ls_d_res_high                            2.44 
_refine.ls_percent_reflns_obs                    ? 
_refine.ls_R_factor_obs                          0.222 
_refine.ls_R_factor_all                          0.263 
_refine.ls_R_factor_R_work                       0.222 
_refine.ls_R_factor_R_free                       0.263 
_refine.ls_R_factor_R_free_error                 0.014 
_refine.ls_R_factor_R_free_error_details         ? 
_refine.ls_percent_reflns_R_free                 5.1 
_refine.ls_number_reflns_R_free                  336 
_refine.ls_number_parameters                     ? 
_refine.ls_number_restraints                     ? 
_refine.occupancy_min                            ? 
_refine.occupancy_max                            ? 
_refine.correlation_coeff_Fo_to_Fc               ? 
_refine.correlation_coeff_Fo_to_Fc_free          ? 
_refine.B_iso_mean                               47.1 
_refine.aniso_B[1][1]                            -0.85 
_refine.aniso_B[2][2]                            4.73 
_refine.aniso_B[3][3]                            -3.88 
_refine.aniso_B[1][2]                            0.00 
_refine.aniso_B[1][3]                            0.00 
_refine.aniso_B[2][3]                            0.00 
_refine.solvent_model_details                    'FLAT MODEL' 
_refine.solvent_model_param_ksol                 0.35 
_refine.solvent_model_param_bsol                 58.4455 
_refine.pdbx_solvent_vdw_probe_radii             ? 
_refine.pdbx_solvent_ion_probe_radii             ? 
_refine.pdbx_solvent_shrinkage_radii             ? 
_refine.pdbx_ls_cross_valid_method               THROUGHOUT 
_refine.details                                  'BULK SOLVENT MODEL USED' 
_refine.pdbx_starting_model                      ? 
_refine.pdbx_method_to_determine_struct          SAD 
_refine.pdbx_isotropic_thermal_model             RESTRAINED 
_refine.pdbx_stereochemistry_target_values       'Engh & Huber' 
_refine.pdbx_stereochem_target_val_spec_case     ? 
_refine.pdbx_R_Free_selection_details            RANDOM 
_refine.pdbx_overall_ESU_R                       ? 
_refine.pdbx_overall_ESU_R_Free                  ? 
_refine.overall_SU_ML                            ? 
_refine.pdbx_overall_phase_error                 ? 
_refine.overall_SU_B                             ? 
_refine.overall_SU_R_Cruickshank_DPI             ? 
_refine.ls_redundancy_reflns_obs                 ? 
_refine.B_iso_min                                ? 
_refine.B_iso_max                                ? 
_refine.overall_SU_R_free                        ? 
_refine.ls_wR_factor_R_free                      ? 
_refine.ls_wR_factor_R_work                      ? 
_refine.overall_FOM_free_R_set                   ? 
_refine.overall_FOM_work_R_set                   ? 
_refine.pdbx_diffrn_id                           1 
_refine.pdbx_refine_id                           'X-RAY DIFFRACTION' 
_refine.pdbx_TLS_residual_ADP_flag               ? 
_refine.pdbx_overall_SU_R_free_Cruickshank_DPI   ? 
_refine.pdbx_overall_SU_R_Blow_DPI               ? 
_refine.pdbx_overall_SU_R_free_Blow_DPI          ? 
# 
_refine_analyze.entry_id                        4FZ4 
_refine_analyze.Luzzati_coordinate_error_obs    0.31 
_refine_analyze.Luzzati_sigma_a_obs             0.25 
_refine_analyze.Luzzati_d_res_low_obs           5.00 
_refine_analyze.Luzzati_coordinate_error_free   0.39 
_refine_analyze.Luzzati_sigma_a_free            0.28 
_refine_analyze.Luzzati_d_res_low_free          ? 
_refine_analyze.number_disordered_residues      ? 
_refine_analyze.occupancy_sum_hydrogen          ? 
_refine_analyze.occupancy_sum_non_hydrogen      ? 
_refine_analyze.pdbx_Luzzati_d_res_high_obs     ? 
_refine_analyze.pdbx_refine_id                  'X-RAY DIFFRACTION' 
# 
_refine_hist.pdbx_refine_id                   'X-RAY DIFFRACTION' 
_refine_hist.cycle_id                         LAST 
_refine_hist.pdbx_number_atoms_protein        1267 
_refine_hist.pdbx_number_atoms_nucleic_acid   0 
_refine_hist.pdbx_number_atoms_ligand         6 
_refine_hist.number_atoms_solvent             31 
_refine_hist.number_atoms_total               1304 
_refine_hist.d_res_high                       2.44 
_refine_hist.d_res_low                        18.82 
# 
loop_
_refine_ls_restr.type 
_refine_ls_restr.dev_ideal 
_refine_ls_restr.dev_ideal_target 
_refine_ls_restr.weight 
_refine_ls_restr.number 
_refine_ls_restr.pdbx_restraint_function 
_refine_ls_restr.pdbx_refine_id 
c_bond_d           0.006 ?    ? ? ? 'X-RAY DIFFRACTION' 
c_angle_deg        1.1   ?    ? ? ? 'X-RAY DIFFRACTION' 
c_dihedral_angle_d 17.9  ?    ? ? ? 'X-RAY DIFFRACTION' 
c_improper_angle_d 0.67  ?    ? ? ? 'X-RAY DIFFRACTION' 
c_mcbond_it        5.72  1.50 ? ? ? 'X-RAY DIFFRACTION' 
c_mcangle_it       8.08  2.00 ? ? ? 'X-RAY DIFFRACTION' 
c_scbond_it        8.46  2.00 ? ? ? 'X-RAY DIFFRACTION' 
c_scangle_it       11.74 2.50 ? ? ? 'X-RAY DIFFRACTION' 
# 
_refine_ls_shell.pdbx_refine_id                   'X-RAY DIFFRACTION' 
_refine_ls_shell.pdbx_total_number_of_bins_used   6 
_refine_ls_shell.d_res_high                       2.44 
_refine_ls_shell.d_res_low                        2.59 
_refine_ls_shell.number_reflns_R_work             993 
_refine_ls_shell.R_factor_R_work                  0.273 
_refine_ls_shell.percent_reflns_obs               96.4 
_refine_ls_shell.R_factor_R_free                  0.318 
_refine_ls_shell.R_factor_R_free_error            0.043 
_refine_ls_shell.percent_reflns_R_free            5.3 
_refine_ls_shell.number_reflns_R_free             56 
_refine_ls_shell.number_reflns_all                ? 
_refine_ls_shell.R_factor_all                     ? 
_refine_ls_shell.number_reflns_obs                ? 
_refine_ls_shell.redundancy_reflns_obs            ? 
# 
loop_
_pdbx_xplor_file.pdbx_refine_id 
_pdbx_xplor_file.serial_no 
_pdbx_xplor_file.param_file 
_pdbx_xplor_file.topol_file 
'X-RAY DIFFRACTION' 1 protein_rep.param protein.top 
'X-RAY DIFFRACTION' 2 water_rep.param   water.top   
'X-RAY DIFFRACTION' 3 ion.param         ion.top     
'X-RAY DIFFRACTION' 4 no3.param         no3.top     
# 
_struct.entry_id                  4FZ4 
_struct.title                     'Crystal structure of HP0197-18kd' 
_struct.pdbx_model_details        ? 
_struct.pdbx_CASP_flag            ? 
_struct.pdbx_model_type_details   ? 
# 
_struct_keywords.entry_id        4FZ4 
_struct_keywords.pdbx_keywords   'IMMUNE SYSTEM' 
_struct_keywords.text            'surface antigen, IMMUNE SYSTEM' 
# 
loop_
_struct_asym.id 
_struct_asym.pdbx_blank_PDB_chainid_flag 
_struct_asym.pdbx_modified 
_struct_asym.entity_id 
_struct_asym.details 
A N N 1 ? 
B N N 2 ? 
C N N 2 ? 
D N N 3 ? 
E N N 4 ? 
# 
_struct_ref.id                         1 
_struct_ref.db_name                    UNP 
_struct_ref.db_code                    A4VZ16_STRS2 
_struct_ref.pdbx_db_accession          A4VZ16 
_struct_ref.entity_id                  1 
_struct_ref.pdbx_seq_one_letter_code   
;EAMAKVEEVQKLVKELEKELGELDKVPSYGDAQDYSYQKALWEEFLRIGKDNMDYASKMKADDKFFHKVKGDLNDFKYQI
KVENYIRQVAELRKKYPGDNTIEEEYNAHLKQDEGKSIASQEGATLRDYVDREASEAMGRIKQRVAELE
;
_struct_ref.pdbx_align_begin           51 
_struct_ref.pdbx_db_isoform            ? 
# 
_struct_ref_seq.align_id                      1 
_struct_ref_seq.ref_id                        1 
_struct_ref_seq.pdbx_PDB_id_code              4FZ4 
_struct_ref_seq.pdbx_strand_id                A 
_struct_ref_seq.seq_align_beg                 1 
_struct_ref_seq.pdbx_seq_align_beg_ins_code   ? 
_struct_ref_seq.seq_align_end                 149 
_struct_ref_seq.pdbx_seq_align_end_ins_code   ? 
_struct_ref_seq.pdbx_db_accession             A4VZ16 
_struct_ref_seq.db_align_beg                  51 
_struct_ref_seq.pdbx_db_align_beg_ins_code    ? 
_struct_ref_seq.db_align_end                  199 
_struct_ref_seq.pdbx_db_align_end_ins_code    ? 
_struct_ref_seq.pdbx_auth_seq_align_beg       51 
_struct_ref_seq.pdbx_auth_seq_align_end       199 
# 
loop_
_struct_ref_seq_dif.align_id 
_struct_ref_seq_dif.pdbx_pdb_id_code 
_struct_ref_seq_dif.mon_id 
_struct_ref_seq_dif.pdbx_pdb_strand_id 
_struct_ref_seq_dif.seq_num 
_struct_ref_seq_dif.pdbx_pdb_ins_code 
_struct_ref_seq_dif.pdbx_seq_db_name 
_struct_ref_seq_dif.pdbx_seq_db_accession_code 
_struct_ref_seq_dif.db_mon_id 
_struct_ref_seq_dif.pdbx_seq_db_seq_num 
_struct_ref_seq_dif.details 
_struct_ref_seq_dif.pdbx_auth_seq_num 
_struct_ref_seq_dif.pdbx_ordinal 
1 4FZ4 VAL A 12  ? UNP A4VZ16 LEU 62 conflict         62  1 
1 4FZ4 ILE A 150 ? UNP A4VZ16 ?   ?  'expression tag' 200 2 
1 4FZ4 LEU A 151 ? UNP A4VZ16 ?   ?  'expression tag' 201 3 
1 4FZ4 GLU A 152 ? UNP A4VZ16 ?   ?  'expression tag' 202 4 
1 4FZ4 HIS A 153 ? UNP A4VZ16 ?   ?  'expression tag' 203 5 
1 4FZ4 HIS A 154 ? UNP A4VZ16 ?   ?  'expression tag' 204 6 
# 
_pdbx_struct_assembly.id                   1 
_pdbx_struct_assembly.details              author_and_software_defined_assembly 
_pdbx_struct_assembly.method_details       PISA 
_pdbx_struct_assembly.oligomeric_details   monomeric 
_pdbx_struct_assembly.oligomeric_count     1 
# 
_pdbx_struct_assembly_gen.assembly_id       1 
_pdbx_struct_assembly_gen.oper_expression   1 
_pdbx_struct_assembly_gen.asym_id_list      A,B,C,D,E 
# 
_pdbx_struct_oper_list.id                   1 
_pdbx_struct_oper_list.type                 'identity operation' 
_pdbx_struct_oper_list.name                 1_555 
_pdbx_struct_oper_list.symmetry_operation   x,y,z 
_pdbx_struct_oper_list.matrix[1][1]         1.0000000000 
_pdbx_struct_oper_list.matrix[1][2]         0.0000000000 
_pdbx_struct_oper_list.matrix[1][3]         0.0000000000 
_pdbx_struct_oper_list.vector[1]            0.0000000000 
_pdbx_struct_oper_list.matrix[2][1]         0.0000000000 
_pdbx_struct_oper_list.matrix[2][2]         1.0000000000 
_pdbx_struct_oper_list.matrix[2][3]         0.0000000000 
_pdbx_struct_oper_list.vector[2]            0.0000000000 
_pdbx_struct_oper_list.matrix[3][1]         0.0000000000 
_pdbx_struct_oper_list.matrix[3][2]         0.0000000000 
_pdbx_struct_oper_list.matrix[3][3]         1.0000000000 
_pdbx_struct_oper_list.vector[3]            0.0000000000 
# 
loop_
_struct_conf.conf_type_id 
_struct_conf.id 
_struct_conf.pdbx_PDB_helix_id 
_struct_conf.beg_label_comp_id 
_struct_conf.beg_label_asym_id 
_struct_conf.beg_label_seq_id 
_struct_conf.pdbx_beg_PDB_ins_code 
_struct_conf.end_label_comp_id 
_struct_conf.end_label_asym_id 
_struct_conf.end_label_seq_id 
_struct_conf.pdbx_end_PDB_ins_code 
_struct_conf.beg_auth_comp_id 
_struct_conf.beg_auth_asym_id 
_struct_conf.beg_auth_seq_id 
_struct_conf.end_auth_comp_id 
_struct_conf.end_auth_asym_id 
_struct_conf.end_auth_seq_id 
_struct_conf.pdbx_PDB_helix_class 
_struct_conf.details 
_struct_conf.pdbx_PDB_helix_length 
HELX_P HELX_P1 1 ALA A 2   ? ASP A 24  ? ALA A 52  ASP A 74  1 ? 23 
HELX_P HELX_P2 2 ALA A 32  ? ASP A 34  ? ALA A 82  ASP A 84  5 ? 3  
HELX_P HELX_P3 3 TYR A 35  ? ALA A 56  ? TYR A 85  ALA A 106 1 ? 22 
HELX_P HELX_P4 4 PHE A 65  ? TYR A 96  ? PHE A 115 TYR A 146 1 ? 32 
HELX_P HELX_P5 5 ASP A 99  ? LEU A 110 ? ASP A 149 LEU A 160 1 ? 12 
HELX_P HELX_P6 6 GLU A 122 ? ARG A 132 ? GLU A 172 ARG A 182 1 ? 11 
HELX_P HELX_P7 7 ARG A 132 ? HIS A 153 ? ARG A 182 HIS A 203 1 ? 22 
# 
_struct_conf_type.id          HELX_P 
_struct_conf_type.criteria    ? 
_struct_conf_type.reference   ? 
# 
loop_
_struct_site.id 
_struct_site.pdbx_evidence_code 
_struct_site.pdbx_auth_asym_id 
_struct_site.pdbx_auth_comp_id 
_struct_site.pdbx_auth_seq_id 
_struct_site.pdbx_auth_ins_code 
_struct_site.pdbx_num_residues 
_struct_site.details 
AC1 Software A CL  301 ? 3 'BINDING SITE FOR RESIDUE CL A 301'  
AC2 Software A CL  302 ? 3 'BINDING SITE FOR RESIDUE CL A 302'  
AC3 Software A NO3 303 ? 5 'BINDING SITE FOR RESIDUE NO3 A 303' 
# 
loop_
_struct_site_gen.id 
_struct_site_gen.site_id 
_struct_site_gen.pdbx_num_res 
_struct_site_gen.label_comp_id 
_struct_site_gen.label_asym_id 
_struct_site_gen.label_seq_id 
_struct_site_gen.pdbx_auth_ins_code 
_struct_site_gen.auth_comp_id 
_struct_site_gen.auth_asym_id 
_struct_site_gen.auth_seq_id 
_struct_site_gen.label_atom_id 
_struct_site_gen.label_alt_id 
_struct_site_gen.symmetry 
_struct_site_gen.details 
1  AC1 3 GLN A 112 ? GLN A 162 . ? 1_555 ? 
2  AC1 3 LYS A 116 ? LYS A 166 . ? 1_555 ? 
3  AC1 3 TYR A 129 ? TYR A 179 . ? 1_555 ? 
4  AC2 3 GLU A 133 ? GLU A 183 . ? 1_555 ? 
5  AC2 3 GLU A 136 ? GLU A 186 . ? 1_555 ? 
6  AC2 3 ARG A 140 ? ARG A 190 . ? 1_555 ? 
7  AC3 5 PHE A 45  ? PHE A 95  . ? 1_555 ? 
8  AC3 5 GLY A 49  ? GLY A 99  . ? 1_555 ? 
9  AC3 5 ASP A 72  ? ASP A 122 . ? 1_555 ? 
10 AC3 5 PHE A 76  ? PHE A 126 . ? 1_555 ? 
11 AC3 5 GLN A 79  ? GLN A 129 . ? 1_555 ? 
# 
loop_
_pdbx_validate_torsion.id 
_pdbx_validate_torsion.PDB_model_num 
_pdbx_validate_torsion.auth_comp_id 
_pdbx_validate_torsion.auth_asym_id 
_pdbx_validate_torsion.auth_seq_id 
_pdbx_validate_torsion.PDB_ins_code 
_pdbx_validate_torsion.label_alt_id 
_pdbx_validate_torsion.phi 
_pdbx_validate_torsion.psi 
1 1 ALA A 111 ? ? -36.72  -33.62 
2 1 ASP A 149 ? ? -30.03  115.50 
3 1 ARG A 182 ? ? -111.46 -92.20 
# 
_pdbx_struct_special_symmetry.id              1 
_pdbx_struct_special_symmetry.PDB_model_num   1 
_pdbx_struct_special_symmetry.auth_asym_id    A 
_pdbx_struct_special_symmetry.auth_comp_id    HOH 
_pdbx_struct_special_symmetry.auth_seq_id     423 
_pdbx_struct_special_symmetry.PDB_ins_code    ? 
_pdbx_struct_special_symmetry.label_asym_id   E 
_pdbx_struct_special_symmetry.label_comp_id   HOH 
_pdbx_struct_special_symmetry.label_seq_id    . 
# 
loop_
_chem_comp_atom.comp_id 
_chem_comp_atom.atom_id 
_chem_comp_atom.type_symbol 
_chem_comp_atom.pdbx_aromatic_flag 
_chem_comp_atom.pdbx_stereo_config 
_chem_comp_atom.pdbx_ordinal 
ALA N    N  N N 1   
ALA CA   C  N S 2   
ALA C    C  N N 3   
ALA O    O  N N 4   
ALA CB   C  N N 5   
ALA OXT  O  N N 6   
ALA H    H  N N 7   
ALA H2   H  N N 8   
ALA HA   H  N N 9   
ALA HB1  H  N N 10  
ALA HB2  H  N N 11  
ALA HB3  H  N N 12  
ALA HXT  H  N N 13  
ARG N    N  N N 14  
ARG CA   C  N S 15  
ARG C    C  N N 16  
ARG O    O  N N 17  
ARG CB   C  N N 18  
ARG CG   C  N N 19  
ARG CD   C  N N 20  
ARG NE   N  N N 21  
ARG CZ   C  N N 22  
ARG NH1  N  N N 23  
ARG NH2  N  N N 24  
ARG OXT  O  N N 25  
ARG H    H  N N 26  
ARG H2   H  N N 27  
ARG HA   H  N N 28  
ARG HB2  H  N N 29  
ARG HB3  H  N N 30  
ARG HG2  H  N N 31  
ARG HG3  H  N N 32  
ARG HD2  H  N N 33  
ARG HD3  H  N N 34  
ARG HE   H  N N 35  
ARG HH11 H  N N 36  
ARG HH12 H  N N 37  
ARG HH21 H  N N 38  
ARG HH22 H  N N 39  
ARG HXT  H  N N 40  
ASN N    N  N N 41  
ASN CA   C  N S 42  
ASN C    C  N N 43  
ASN O    O  N N 44  
ASN CB   C  N N 45  
ASN CG   C  N N 46  
ASN OD1  O  N N 47  
ASN ND2  N  N N 48  
ASN OXT  O  N N 49  
ASN H    H  N N 50  
ASN H2   H  N N 51  
ASN HA   H  N N 52  
ASN HB2  H  N N 53  
ASN HB3  H  N N 54  
ASN HD21 H  N N 55  
ASN HD22 H  N N 56  
ASN HXT  H  N N 57  
ASP N    N  N N 58  
ASP CA   C  N S 59  
ASP C    C  N N 60  
ASP O    O  N N 61  
ASP CB   C  N N 62  
ASP CG   C  N N 63  
ASP OD1  O  N N 64  
ASP OD2  O  N N 65  
ASP OXT  O  N N 66  
ASP H    H  N N 67  
ASP H2   H  N N 68  
ASP HA   H  N N 69  
ASP HB2  H  N N 70  
ASP HB3  H  N N 71  
ASP HD2  H  N N 72  
ASP HXT  H  N N 73  
CL  CL   CL N N 74  
GLN N    N  N N 75  
GLN CA   C  N S 76  
GLN C    C  N N 77  
GLN O    O  N N 78  
GLN CB   C  N N 79  
GLN CG   C  N N 80  
GLN CD   C  N N 81  
GLN OE1  O  N N 82  
GLN NE2  N  N N 83  
GLN OXT  O  N N 84  
GLN H    H  N N 85  
GLN H2   H  N N 86  
GLN HA   H  N N 87  
GLN HB2  H  N N 88  
GLN HB3  H  N N 89  
GLN HG2  H  N N 90  
GLN HG3  H  N N 91  
GLN HE21 H  N N 92  
GLN HE22 H  N N 93  
GLN HXT  H  N N 94  
GLU N    N  N N 95  
GLU CA   C  N S 96  
GLU C    C  N N 97  
GLU O    O  N N 98  
GLU CB   C  N N 99  
GLU CG   C  N N 100 
GLU CD   C  N N 101 
GLU OE1  O  N N 102 
GLU OE2  O  N N 103 
GLU OXT  O  N N 104 
GLU H    H  N N 105 
GLU H2   H  N N 106 
GLU HA   H  N N 107 
GLU HB2  H  N N 108 
GLU HB3  H  N N 109 
GLU HG2  H  N N 110 
GLU HG3  H  N N 111 
GLU HE2  H  N N 112 
GLU HXT  H  N N 113 
GLY N    N  N N 114 
GLY CA   C  N N 115 
GLY C    C  N N 116 
GLY O    O  N N 117 
GLY OXT  O  N N 118 
GLY H    H  N N 119 
GLY H2   H  N N 120 
GLY HA2  H  N N 121 
GLY HA3  H  N N 122 
GLY HXT  H  N N 123 
HIS N    N  N N 124 
HIS CA   C  N S 125 
HIS C    C  N N 126 
HIS O    O  N N 127 
HIS CB   C  N N 128 
HIS CG   C  Y N 129 
HIS ND1  N  Y N 130 
HIS CD2  C  Y N 131 
HIS CE1  C  Y N 132 
HIS NE2  N  Y N 133 
HIS OXT  O  N N 134 
HIS H    H  N N 135 
HIS H2   H  N N 136 
HIS HA   H  N N 137 
HIS HB2  H  N N 138 
HIS HB3  H  N N 139 
HIS HD1  H  N N 140 
HIS HD2  H  N N 141 
HIS HE1  H  N N 142 
HIS HE2  H  N N 143 
HIS HXT  H  N N 144 
HOH O    O  N N 145 
HOH H1   H  N N 146 
HOH H2   H  N N 147 
ILE N    N  N N 148 
ILE CA   C  N S 149 
ILE C    C  N N 150 
ILE O    O  N N 151 
ILE CB   C  N S 152 
ILE CG1  C  N N 153 
ILE CG2  C  N N 154 
ILE CD1  C  N N 155 
ILE OXT  O  N N 156 
ILE H    H  N N 157 
ILE H2   H  N N 158 
ILE HA   H  N N 159 
ILE HB   H  N N 160 
ILE HG12 H  N N 161 
ILE HG13 H  N N 162 
ILE HG21 H  N N 163 
ILE HG22 H  N N 164 
ILE HG23 H  N N 165 
ILE HD11 H  N N 166 
ILE HD12 H  N N 167 
ILE HD13 H  N N 168 
ILE HXT  H  N N 169 
LEU N    N  N N 170 
LEU CA   C  N S 171 
LEU C    C  N N 172 
LEU O    O  N N 173 
LEU CB   C  N N 174 
LEU CG   C  N N 175 
LEU CD1  C  N N 176 
LEU CD2  C  N N 177 
LEU OXT  O  N N 178 
LEU H    H  N N 179 
LEU H2   H  N N 180 
LEU HA   H  N N 181 
LEU HB2  H  N N 182 
LEU HB3  H  N N 183 
LEU HG   H  N N 184 
LEU HD11 H  N N 185 
LEU HD12 H  N N 186 
LEU HD13 H  N N 187 
LEU HD21 H  N N 188 
LEU HD22 H  N N 189 
LEU HD23 H  N N 190 
LEU HXT  H  N N 191 
LYS N    N  N N 192 
LYS CA   C  N S 193 
LYS C    C  N N 194 
LYS O    O  N N 195 
LYS CB   C  N N 196 
LYS CG   C  N N 197 
LYS CD   C  N N 198 
LYS CE   C  N N 199 
LYS NZ   N  N N 200 
LYS OXT  O  N N 201 
LYS H    H  N N 202 
LYS H2   H  N N 203 
LYS HA   H  N N 204 
LYS HB2  H  N N 205 
LYS HB3  H  N N 206 
LYS HG2  H  N N 207 
LYS HG3  H  N N 208 
LYS HD2  H  N N 209 
LYS HD3  H  N N 210 
LYS HE2  H  N N 211 
LYS HE3  H  N N 212 
LYS HZ1  H  N N 213 
LYS HZ2  H  N N 214 
LYS HZ3  H  N N 215 
LYS HXT  H  N N 216 
MET N    N  N N 217 
MET CA   C  N S 218 
MET C    C  N N 219 
MET O    O  N N 220 
MET CB   C  N N 221 
MET CG   C  N N 222 
MET SD   S  N N 223 
MET CE   C  N N 224 
MET OXT  O  N N 225 
MET H    H  N N 226 
MET H2   H  N N 227 
MET HA   H  N N 228 
MET HB2  H  N N 229 
MET HB3  H  N N 230 
MET HG2  H  N N 231 
MET HG3  H  N N 232 
MET HE1  H  N N 233 
MET HE2  H  N N 234 
MET HE3  H  N N 235 
MET HXT  H  N N 236 
NO3 N    N  N N 237 
NO3 O1   O  N N 238 
NO3 O2   O  N N 239 
NO3 O3   O  N N 240 
PHE N    N  N N 241 
PHE CA   C  N S 242 
PHE C    C  N N 243 
PHE O    O  N N 244 
PHE CB   C  N N 245 
PHE CG   C  Y N 246 
PHE CD1  C  Y N 247 
PHE CD2  C  Y N 248 
PHE CE1  C  Y N 249 
PHE CE2  C  Y N 250 
PHE CZ   C  Y N 251 
PHE OXT  O  N N 252 
PHE H    H  N N 253 
PHE H2   H  N N 254 
PHE HA   H  N N 255 
PHE HB2  H  N N 256 
PHE HB3  H  N N 257 
PHE HD1  H  N N 258 
PHE HD2  H  N N 259 
PHE HE1  H  N N 260 
PHE HE2  H  N N 261 
PHE HZ   H  N N 262 
PHE HXT  H  N N 263 
PRO N    N  N N 264 
PRO CA   C  N S 265 
PRO C    C  N N 266 
PRO O    O  N N 267 
PRO CB   C  N N 268 
PRO CG   C  N N 269 
PRO CD   C  N N 270 
PRO OXT  O  N N 271 
PRO H    H  N N 272 
PRO HA   H  N N 273 
PRO HB2  H  N N 274 
PRO HB3  H  N N 275 
PRO HG2  H  N N 276 
PRO HG3  H  N N 277 
PRO HD2  H  N N 278 
PRO HD3  H  N N 279 
PRO HXT  H  N N 280 
SER N    N  N N 281 
SER CA   C  N S 282 
SER C    C  N N 283 
SER O    O  N N 284 
SER CB   C  N N 285 
SER OG   O  N N 286 
SER OXT  O  N N 287 
SER H    H  N N 288 
SER H2   H  N N 289 
SER HA   H  N N 290 
SER HB2  H  N N 291 
SER HB3  H  N N 292 
SER HG   H  N N 293 
SER HXT  H  N N 294 
THR N    N  N N 295 
THR CA   C  N S 296 
THR C    C  N N 297 
THR O    O  N N 298 
THR CB   C  N R 299 
THR OG1  O  N N 300 
THR CG2  C  N N 301 
THR OXT  O  N N 302 
THR H    H  N N 303 
THR H2   H  N N 304 
THR HA   H  N N 305 
THR HB   H  N N 306 
THR HG1  H  N N 307 
THR HG21 H  N N 308 
THR HG22 H  N N 309 
THR HG23 H  N N 310 
THR HXT  H  N N 311 
TRP N    N  N N 312 
TRP CA   C  N S 313 
TRP C    C  N N 314 
TRP O    O  N N 315 
TRP CB   C  N N 316 
TRP CG   C  Y N 317 
TRP CD1  C  Y N 318 
TRP CD2  C  Y N 319 
TRP NE1  N  Y N 320 
TRP CE2  C  Y N 321 
TRP CE3  C  Y N 322 
TRP CZ2  C  Y N 323 
TRP CZ3  C  Y N 324 
TRP CH2  C  Y N 325 
TRP OXT  O  N N 326 
TRP H    H  N N 327 
TRP H2   H  N N 328 
TRP HA   H  N N 329 
TRP HB2  H  N N 330 
TRP HB3  H  N N 331 
TRP HD1  H  N N 332 
TRP HE1  H  N N 333 
TRP HE3  H  N N 334 
TRP HZ2  H  N N 335 
TRP HZ3  H  N N 336 
TRP HH2  H  N N 337 
TRP HXT  H  N N 338 
TYR N    N  N N 339 
TYR CA   C  N S 340 
TYR C    C  N N 341 
TYR O    O  N N 342 
TYR CB   C  N N 343 
TYR CG   C  Y N 344 
TYR CD1  C  Y N 345 
TYR CD2  C  Y N 346 
TYR CE1  C  Y N 347 
TYR CE2  C  Y N 348 
TYR CZ   C  Y N 349 
TYR OH   O  N N 350 
TYR OXT  O  N N 351 
TYR H    H  N N 352 
TYR H2   H  N N 353 
TYR HA   H  N N 354 
TYR HB2  H  N N 355 
TYR HB3  H  N N 356 
TYR HD1  H  N N 357 
TYR HD2  H  N N 358 
TYR HE1  H  N N 359 
TYR HE2  H  N N 360 
TYR HH   H  N N 361 
TYR HXT  H  N N 362 
VAL N    N  N N 363 
VAL CA   C  N S 364 
VAL C    C  N N 365 
VAL O    O  N N 366 
VAL CB   C  N N 367 
VAL CG1  C  N N 368 
VAL CG2  C  N N 369 
VAL OXT  O  N N 370 
VAL H    H  N N 371 
VAL H2   H  N N 372 
VAL HA   H  N N 373 
VAL HB   H  N N 374 
VAL HG11 H  N N 375 
VAL HG12 H  N N 376 
VAL HG13 H  N N 377 
VAL HG21 H  N N 378 
VAL HG22 H  N N 379 
VAL HG23 H  N N 380 
VAL HXT  H  N N 381 
# 
loop_
_chem_comp_bond.comp_id 
_chem_comp_bond.atom_id_1 
_chem_comp_bond.atom_id_2 
_chem_comp_bond.value_order 
_chem_comp_bond.pdbx_aromatic_flag 
_chem_comp_bond.pdbx_stereo_config 
_chem_comp_bond.pdbx_ordinal 
ALA N   CA   sing N N 1   
ALA N   H    sing N N 2   
ALA N   H2   sing N N 3   
ALA CA  C    sing N N 4   
ALA CA  CB   sing N N 5   
ALA CA  HA   sing N N 6   
ALA C   O    doub N N 7   
ALA C   OXT  sing N N 8   
ALA CB  HB1  sing N N 9   
ALA CB  HB2  sing N N 10  
ALA CB  HB3  sing N N 11  
ALA OXT HXT  sing N N 12  
ARG N   CA   sing N N 13  
ARG N   H    sing N N 14  
ARG N   H2   sing N N 15  
ARG CA  C    sing N N 16  
ARG CA  CB   sing N N 17  
ARG CA  HA   sing N N 18  
ARG C   O    doub N N 19  
ARG C   OXT  sing N N 20  
ARG CB  CG   sing N N 21  
ARG CB  HB2  sing N N 22  
ARG CB  HB3  sing N N 23  
ARG CG  CD   sing N N 24  
ARG CG  HG2  sing N N 25  
ARG CG  HG3  sing N N 26  
ARG CD  NE   sing N N 27  
ARG CD  HD2  sing N N 28  
ARG CD  HD3  sing N N 29  
ARG NE  CZ   sing N N 30  
ARG NE  HE   sing N N 31  
ARG CZ  NH1  sing N N 32  
ARG CZ  NH2  doub N N 33  
ARG NH1 HH11 sing N N 34  
ARG NH1 HH12 sing N N 35  
ARG NH2 HH21 sing N N 36  
ARG NH2 HH22 sing N N 37  
ARG OXT HXT  sing N N 38  
ASN N   CA   sing N N 39  
ASN N   H    sing N N 40  
ASN N   H2   sing N N 41  
ASN CA  C    sing N N 42  
ASN CA  CB   sing N N 43  
ASN CA  HA   sing N N 44  
ASN C   O    doub N N 45  
ASN C   OXT  sing N N 46  
ASN CB  CG   sing N N 47  
ASN CB  HB2  sing N N 48  
ASN CB  HB3  sing N N 49  
ASN CG  OD1  doub N N 50  
ASN CG  ND2  sing N N 51  
ASN ND2 HD21 sing N N 52  
ASN ND2 HD22 sing N N 53  
ASN OXT HXT  sing N N 54  
ASP N   CA   sing N N 55  
ASP N   H    sing N N 56  
ASP N   H2   sing N N 57  
ASP CA  C    sing N N 58  
ASP CA  CB   sing N N 59  
ASP CA  HA   sing N N 60  
ASP C   O    doub N N 61  
ASP C   OXT  sing N N 62  
ASP CB  CG   sing N N 63  
ASP CB  HB2  sing N N 64  
ASP CB  HB3  sing N N 65  
ASP CG  OD1  doub N N 66  
ASP CG  OD2  sing N N 67  
ASP OD2 HD2  sing N N 68  
ASP OXT HXT  sing N N 69  
GLN N   CA   sing N N 70  
GLN N   H    sing N N 71  
GLN N   H2   sing N N 72  
GLN CA  C    sing N N 73  
GLN CA  CB   sing N N 74  
GLN CA  HA   sing N N 75  
GLN C   O    doub N N 76  
GLN C   OXT  sing N N 77  
GLN CB  CG   sing N N 78  
GLN CB  HB2  sing N N 79  
GLN CB  HB3  sing N N 80  
GLN CG  CD   sing N N 81  
GLN CG  HG2  sing N N 82  
GLN CG  HG3  sing N N 83  
GLN CD  OE1  doub N N 84  
GLN CD  NE2  sing N N 85  
GLN NE2 HE21 sing N N 86  
GLN NE2 HE22 sing N N 87  
GLN OXT HXT  sing N N 88  
GLU N   CA   sing N N 89  
GLU N   H    sing N N 90  
GLU N   H2   sing N N 91  
GLU CA  C    sing N N 92  
GLU CA  CB   sing N N 93  
GLU CA  HA   sing N N 94  
GLU C   O    doub N N 95  
GLU C   OXT  sing N N 96  
GLU CB  CG   sing N N 97  
GLU CB  HB2  sing N N 98  
GLU CB  HB3  sing N N 99  
GLU CG  CD   sing N N 100 
GLU CG  HG2  sing N N 101 
GLU CG  HG3  sing N N 102 
GLU CD  OE1  doub N N 103 
GLU CD  OE2  sing N N 104 
GLU OE2 HE2  sing N N 105 
GLU OXT HXT  sing N N 106 
GLY N   CA   sing N N 107 
GLY N   H    sing N N 108 
GLY N   H2   sing N N 109 
GLY CA  C    sing N N 110 
GLY CA  HA2  sing N N 111 
GLY CA  HA3  sing N N 112 
GLY C   O    doub N N 113 
GLY C   OXT  sing N N 114 
GLY OXT HXT  sing N N 115 
HIS N   CA   sing N N 116 
HIS N   H    sing N N 117 
HIS N   H2   sing N N 118 
HIS CA  C    sing N N 119 
HIS CA  CB   sing N N 120 
HIS CA  HA   sing N N 121 
HIS C   O    doub N N 122 
HIS C   OXT  sing N N 123 
HIS CB  CG   sing N N 124 
HIS CB  HB2  sing N N 125 
HIS CB  HB3  sing N N 126 
HIS CG  ND1  sing Y N 127 
HIS CG  CD2  doub Y N 128 
HIS ND1 CE1  doub Y N 129 
HIS ND1 HD1  sing N N 130 
HIS CD2 NE2  sing Y N 131 
HIS CD2 HD2  sing N N 132 
HIS CE1 NE2  sing Y N 133 
HIS CE1 HE1  sing N N 134 
HIS NE2 HE2  sing N N 135 
HIS OXT HXT  sing N N 136 
HOH O   H1   sing N N 137 
HOH O   H2   sing N N 138 
ILE N   CA   sing N N 139 
ILE N   H    sing N N 140 
ILE N   H2   sing N N 141 
ILE CA  C    sing N N 142 
ILE CA  CB   sing N N 143 
ILE CA  HA   sing N N 144 
ILE C   O    doub N N 145 
ILE C   OXT  sing N N 146 
ILE CB  CG1  sing N N 147 
ILE CB  CG2  sing N N 148 
ILE CB  HB   sing N N 149 
ILE CG1 CD1  sing N N 150 
ILE CG1 HG12 sing N N 151 
ILE CG1 HG13 sing N N 152 
ILE CG2 HG21 sing N N 153 
ILE CG2 HG22 sing N N 154 
ILE CG2 HG23 sing N N 155 
ILE CD1 HD11 sing N N 156 
ILE CD1 HD12 sing N N 157 
ILE CD1 HD13 sing N N 158 
ILE OXT HXT  sing N N 159 
LEU N   CA   sing N N 160 
LEU N   H    sing N N 161 
LEU N   H2   sing N N 162 
LEU CA  C    sing N N 163 
LEU CA  CB   sing N N 164 
LEU CA  HA   sing N N 165 
LEU C   O    doub N N 166 
LEU C   OXT  sing N N 167 
LEU CB  CG   sing N N 168 
LEU CB  HB2  sing N N 169 
LEU CB  HB3  sing N N 170 
LEU CG  CD1  sing N N 171 
LEU CG  CD2  sing N N 172 
LEU CG  HG   sing N N 173 
LEU CD1 HD11 sing N N 174 
LEU CD1 HD12 sing N N 175 
LEU CD1 HD13 sing N N 176 
LEU CD2 HD21 sing N N 177 
LEU CD2 HD22 sing N N 178 
LEU CD2 HD23 sing N N 179 
LEU OXT HXT  sing N N 180 
LYS N   CA   sing N N 181 
LYS N   H    sing N N 182 
LYS N   H2   sing N N 183 
LYS CA  C    sing N N 184 
LYS CA  CB   sing N N 185 
LYS CA  HA   sing N N 186 
LYS C   O    doub N N 187 
LYS C   OXT  sing N N 188 
LYS CB  CG   sing N N 189 
LYS CB  HB2  sing N N 190 
LYS CB  HB3  sing N N 191 
LYS CG  CD   sing N N 192 
LYS CG  HG2  sing N N 193 
LYS CG  HG3  sing N N 194 
LYS CD  CE   sing N N 195 
LYS CD  HD2  sing N N 196 
LYS CD  HD3  sing N N 197 
LYS CE  NZ   sing N N 198 
LYS CE  HE2  sing N N 199 
LYS CE  HE3  sing N N 200 
LYS NZ  HZ1  sing N N 201 
LYS NZ  HZ2  sing N N 202 
LYS NZ  HZ3  sing N N 203 
LYS OXT HXT  sing N N 204 
MET N   CA   sing N N 205 
MET N   H    sing N N 206 
MET N   H2   sing N N 207 
MET CA  C    sing N N 208 
MET CA  CB   sing N N 209 
MET CA  HA   sing N N 210 
MET C   O    doub N N 211 
MET C   OXT  sing N N 212 
MET CB  CG   sing N N 213 
MET CB  HB2  sing N N 214 
MET CB  HB3  sing N N 215 
MET CG  SD   sing N N 216 
MET CG  HG2  sing N N 217 
MET CG  HG3  sing N N 218 
MET SD  CE   sing N N 219 
MET CE  HE1  sing N N 220 
MET CE  HE2  sing N N 221 
MET CE  HE3  sing N N 222 
MET OXT HXT  sing N N 223 
NO3 N   O1   doub N N 224 
NO3 N   O2   sing N N 225 
NO3 N   O3   sing N N 226 
PHE N   CA   sing N N 227 
PHE N   H    sing N N 228 
PHE N   H2   sing N N 229 
PHE CA  C    sing N N 230 
PHE CA  CB   sing N N 231 
PHE CA  HA   sing N N 232 
PHE C   O    doub N N 233 
PHE C   OXT  sing N N 234 
PHE CB  CG   sing N N 235 
PHE CB  HB2  sing N N 236 
PHE CB  HB3  sing N N 237 
PHE CG  CD1  doub Y N 238 
PHE CG  CD2  sing Y N 239 
PHE CD1 CE1  sing Y N 240 
PHE CD1 HD1  sing N N 241 
PHE CD2 CE2  doub Y N 242 
PHE CD2 HD2  sing N N 243 
PHE CE1 CZ   doub Y N 244 
PHE CE1 HE1  sing N N 245 
PHE CE2 CZ   sing Y N 246 
PHE CE2 HE2  sing N N 247 
PHE CZ  HZ   sing N N 248 
PHE OXT HXT  sing N N 249 
PRO N   CA   sing N N 250 
PRO N   CD   sing N N 251 
PRO N   H    sing N N 252 
PRO CA  C    sing N N 253 
PRO CA  CB   sing N N 254 
PRO CA  HA   sing N N 255 
PRO C   O    doub N N 256 
PRO C   OXT  sing N N 257 
PRO CB  CG   sing N N 258 
PRO CB  HB2  sing N N 259 
PRO CB  HB3  sing N N 260 
PRO CG  CD   sing N N 261 
PRO CG  HG2  sing N N 262 
PRO CG  HG3  sing N N 263 
PRO CD  HD2  sing N N 264 
PRO CD  HD3  sing N N 265 
PRO OXT HXT  sing N N 266 
SER N   CA   sing N N 267 
SER N   H    sing N N 268 
SER N   H2   sing N N 269 
SER CA  C    sing N N 270 
SER CA  CB   sing N N 271 
SER CA  HA   sing N N 272 
SER C   O    doub N N 273 
SER C   OXT  sing N N 274 
SER CB  OG   sing N N 275 
SER CB  HB2  sing N N 276 
SER CB  HB3  sing N N 277 
SER OG  HG   sing N N 278 
SER OXT HXT  sing N N 279 
THR N   CA   sing N N 280 
THR N   H    sing N N 281 
THR N   H2   sing N N 282 
THR CA  C    sing N N 283 
THR CA  CB   sing N N 284 
THR CA  HA   sing N N 285 
THR C   O    doub N N 286 
THR C   OXT  sing N N 287 
THR CB  OG1  sing N N 288 
THR CB  CG2  sing N N 289 
THR CB  HB   sing N N 290 
THR OG1 HG1  sing N N 291 
THR CG2 HG21 sing N N 292 
THR CG2 HG22 sing N N 293 
THR CG2 HG23 sing N N 294 
THR OXT HXT  sing N N 295 
TRP N   CA   sing N N 296 
TRP N   H    sing N N 297 
TRP N   H2   sing N N 298 
TRP CA  C    sing N N 299 
TRP CA  CB   sing N N 300 
TRP CA  HA   sing N N 301 
TRP C   O    doub N N 302 
TRP C   OXT  sing N N 303 
TRP CB  CG   sing N N 304 
TRP CB  HB2  sing N N 305 
TRP CB  HB3  sing N N 306 
TRP CG  CD1  doub Y N 307 
TRP CG  CD2  sing Y N 308 
TRP CD1 NE1  sing Y N 309 
TRP CD1 HD1  sing N N 310 
TRP CD2 CE2  doub Y N 311 
TRP CD2 CE3  sing Y N 312 
TRP NE1 CE2  sing Y N 313 
TRP NE1 HE1  sing N N 314 
TRP CE2 CZ2  sing Y N 315 
TRP CE3 CZ3  doub Y N 316 
TRP CE3 HE3  sing N N 317 
TRP CZ2 CH2  doub Y N 318 
TRP CZ2 HZ2  sing N N 319 
TRP CZ3 CH2  sing Y N 320 
TRP CZ3 HZ3  sing N N 321 
TRP CH2 HH2  sing N N 322 
TRP OXT HXT  sing N N 323 
TYR N   CA   sing N N 324 
TYR N   H    sing N N 325 
TYR N   H2   sing N N 326 
TYR CA  C    sing N N 327 
TYR CA  CB   sing N N 328 
TYR CA  HA   sing N N 329 
TYR C   O    doub N N 330 
TYR C   OXT  sing N N 331 
TYR CB  CG   sing N N 332 
TYR CB  HB2  sing N N 333 
TYR CB  HB3  sing N N 334 
TYR CG  CD1  doub Y N 335 
TYR CG  CD2  sing Y N 336 
TYR CD1 CE1  sing Y N 337 
TYR CD1 HD1  sing N N 338 
TYR CD2 CE2  doub Y N 339 
TYR CD2 HD2  sing N N 340 
TYR CE1 CZ   doub Y N 341 
TYR CE1 HE1  sing N N 342 
TYR CE2 CZ   sing Y N 343 
TYR CE2 HE2  sing N N 344 
TYR CZ  OH   sing N N 345 
TYR OH  HH   sing N N 346 
TYR OXT HXT  sing N N 347 
VAL N   CA   sing N N 348 
VAL N   H    sing N N 349 
VAL N   H2   sing N N 350 
VAL CA  C    sing N N 351 
VAL CA  CB   sing N N 352 
VAL CA  HA   sing N N 353 
VAL C   O    doub N N 354 
VAL C   OXT  sing N N 355 
VAL CB  CG1  sing N N 356 
VAL CB  CG2  sing N N 357 
VAL CB  HB   sing N N 358 
VAL CG1 HG11 sing N N 359 
VAL CG1 HG12 sing N N 360 
VAL CG1 HG13 sing N N 361 
VAL CG2 HG21 sing N N 362 
VAL CG2 HG22 sing N N 363 
VAL CG2 HG23 sing N N 364 
VAL OXT HXT  sing N N 365 
# 
_atom_sites.entry_id                    4FZ4 
_atom_sites.fract_transf_matrix[1][1]   -0.01289687 
_atom_sites.fract_transf_matrix[1][2]   -0.00780698 
_atom_sites.fract_transf_matrix[1][3]   0.01361097 
_atom_sites.fract_transf_matrix[2][1]   -0.00199321 
_atom_sites.fract_transf_matrix[2][2]   0.01046068 
_atom_sites.fract_transf_matrix[2][3]   0.00411140 
_atom_sites.fract_transf_matrix[3][1]   -0.01952628 
_atom_sites.fract_transf_matrix[3][2]   0.00289794 
_atom_sites.fract_transf_matrix[3][3]   -0.01683963 
_atom_sites.fract_transf_vector[1]      -0.386680 
_atom_sites.fract_transf_vector[2]      0.183270 
_atom_sites.fract_transf_vector[3]      -0.312724 
# 
loop_
_atom_type.symbol 
C  
CL 
N  
O  
S  
# 
loop_
_atom_site.group_PDB 
_atom_site.id 
_atom_site.type_symbol 
_atom_site.label_atom_id 
_atom_site.label_alt_id 
_atom_site.label_comp_id 
_atom_site.label_asym_id 
_atom_site.label_entity_id 
_atom_site.label_seq_id 
_atom_site.pdbx_PDB_ins_code 
_atom_site.Cartn_x 
_atom_site.Cartn_y 
_atom_site.Cartn_z 
_atom_site.occupancy 
_atom_site.B_iso_or_equiv 
_atom_site.pdbx_formal_charge 
_atom_site.auth_seq_id 
_atom_site.auth_comp_id 
_atom_site.auth_asym_id 
_atom_site.auth_atom_id 
_atom_site.pdbx_PDB_model_num 
ATOM   1    N  N   . GLU A 1 1   ? -21.125 -23.338 -8.059  1.00 82.21  ? 51  GLU A N   1 
ATOM   2    C  CA  . GLU A 1 1   ? -19.845 -24.032 -8.379  1.00 91.62  ? 51  GLU A CA  1 
ATOM   3    C  C   . GLU A 1 1   ? -18.914 -23.083 -9.125  1.00 95.25  ? 51  GLU A C   1 
ATOM   4    O  O   . GLU A 1 1   ? -17.711 -23.036 -8.860  1.00 90.93  ? 51  GLU A O   1 
ATOM   5    C  CB  . GLU A 1 1   ? -20.109 -25.277 -9.238  1.00 103.21 ? 51  GLU A CB  1 
ATOM   6    C  CG  . GLU A 1 1   ? -20.440 -25.008 -10.712 1.00 106.15 ? 51  GLU A CG  1 
ATOM   7    C  CD  . GLU A 1 1   ? -21.809 -24.381 -10.927 1.00 103.68 ? 51  GLU A CD  1 
ATOM   8    O  OE1 . GLU A 1 1   ? -22.073 -23.299 -10.361 1.00 90.67  ? 51  GLU A OE1 1 
ATOM   9    O  OE2 . GLU A 1 1   ? -22.619 -24.973 -11.671 1.00 107.40 ? 51  GLU A OE2 1 
ATOM   10   N  N   . ALA A 1 2   ? -19.484 -22.331 -10.061 1.00 95.68  ? 52  ALA A N   1 
ATOM   11   C  CA  . ALA A 1 2   ? -18.737 -21.369 -10.864 1.00 84.51  ? 52  ALA A CA  1 
ATOM   12   C  C   . ALA A 1 2   ? -19.216 -19.971 -10.515 1.00 83.70  ? 52  ALA A C   1 
ATOM   13   O  O   . ALA A 1 2   ? -18.539 -18.981 -10.792 1.00 86.49  ? 52  ALA A O   1 
ATOM   14   C  CB  . ALA A 1 2   ? -18.961 -21.636 -12.341 1.00 85.40  ? 52  ALA A CB  1 
ATOM   15   N  N   . MET A 1 3   ? -20.398 -19.899 -9.916  1.00 76.47  ? 53  MET A N   1 
ATOM   16   C  CA  . MET A 1 3   ? -20.974 -18.627 -9.517  1.00 75.62  ? 53  MET A CA  1 
ATOM   17   C  C   . MET A 1 3   ? -20.235 -18.203 -8.254  1.00 80.19  ? 53  MET A C   1 
ATOM   18   O  O   . MET A 1 3   ? -20.020 -17.017 -8.007  1.00 84.03  ? 53  MET A O   1 
ATOM   19   C  CB  . MET A 1 3   ? -22.464 -18.793 -9.219  1.00 81.12  ? 53  MET A CB  1 
ATOM   20   C  CG  . MET A 1 3   ? -23.147 -19.884 -10.041 1.00 87.83  ? 53  MET A CG  1 
ATOM   21   S  SD  . MET A 1 3   ? -22.769 -19.807 -11.805 1.00 147.01 ? 53  MET A SD  1 
ATOM   22   C  CE  . MET A 1 3   ? -23.111 -21.500 -12.303 1.00 74.97  ? 53  MET A CE  1 
ATOM   23   N  N   . ALA A 1 4   ? -19.841 -19.195 -7.462  1.00 81.56  ? 54  ALA A N   1 
ATOM   24   C  CA  . ALA A 1 4   ? -19.115 -18.951 -6.224  1.00 84.72  ? 54  ALA A CA  1 
ATOM   25   C  C   . ALA A 1 4   ? -17.748 -18.374 -6.570  1.00 84.12  ? 54  ALA A C   1 
ATOM   26   O  O   . ALA A 1 4   ? -17.094 -17.739 -5.740  1.00 82.57  ? 54  ALA A O   1 
ATOM   27   C  CB  . ALA A 1 4   ? -18.957 -20.254 -5.450  1.00 86.20  ? 54  ALA A CB  1 
ATOM   28   N  N   . LYS A 1 5   ? -17.338 -18.601 -7.813  1.00 85.30  ? 55  LYS A N   1 
ATOM   29   C  CA  . LYS A 1 5   ? -16.059 -18.130 -8.332  1.00 84.79  ? 55  LYS A CA  1 
ATOM   30   C  C   . LYS A 1 5   ? -16.074 -16.633 -8.645  1.00 77.88  ? 55  LYS A C   1 
ATOM   31   O  O   . LYS A 1 5   ? -15.176 -15.900 -8.231  1.00 82.40  ? 55  LYS A O   1 
ATOM   32   C  CB  . LYS A 1 5   ? -15.699 -18.922 -9.596  1.00 94.37  ? 55  LYS A CB  1 
ATOM   33   C  CG  . LYS A 1 5   ? -14.487 -18.410 -10.366 1.00 100.00 ? 55  LYS A CG  1 
ATOM   34   C  CD  . LYS A 1 5   ? -14.352 -19.139 -11.702 1.00 102.57 ? 55  LYS A CD  1 
ATOM   35   C  CE  . LYS A 1 5   ? -13.221 -18.575 -12.551 1.00 98.64  ? 55  LYS A CE  1 
ATOM   36   N  NZ  . LYS A 1 5   ? -13.119 -19.256 -13.875 1.00 96.12  ? 55  LYS A NZ  1 
ATOM   37   N  N   . VAL A 1 6   ? -17.093 -16.185 -9.377  1.00 64.36  ? 56  VAL A N   1 
ATOM   38   C  CA  . VAL A 1 6   ? -17.204 -14.777 -9.756  1.00 50.27  ? 56  VAL A CA  1 
ATOM   39   C  C   . VAL A 1 6   ? -17.512 -13.850 -8.581  1.00 63.23  ? 56  VAL A C   1 
ATOM   40   O  O   . VAL A 1 6   ? -17.017 -12.723 -8.526  1.00 65.57  ? 56  VAL A O   1 
ATOM   41   C  CB  . VAL A 1 6   ? -18.291 -14.563 -10.835 1.00 59.29  ? 56  VAL A CB  1 
ATOM   42   C  CG1 . VAL A 1 6   ? -17.921 -15.311 -12.113 1.00 53.86  ? 56  VAL A CG1 1 
ATOM   43   C  CG2 . VAL A 1 6   ? -19.643 -15.021 -10.311 1.00 61.51  ? 56  VAL A CG2 1 
ATOM   44   N  N   . GLU A 1 7   ? -18.338 -14.314 -7.650  1.00 66.68  ? 57  GLU A N   1 
ATOM   45   C  CA  . GLU A 1 7   ? -18.677 -13.501 -6.492  1.00 69.02  ? 57  GLU A CA  1 
ATOM   46   C  C   . GLU A 1 7   ? -17.442 -13.357 -5.627  1.00 71.60  ? 57  GLU A C   1 
ATOM   47   O  O   . GLU A 1 7   ? -17.236 -12.329 -4.978  1.00 73.51  ? 57  GLU A O   1 
ATOM   48   C  CB  . GLU A 1 7   ? -19.810 -14.141 -5.699  1.00 73.79  ? 57  GLU A CB  1 
ATOM   49   C  CG  . GLU A 1 7   ? -21.181 -13.718 -6.187  1.00 88.67  ? 57  GLU A CG  1 
ATOM   50   C  CD  . GLU A 1 7   ? -21.358 -12.208 -6.166  1.00 100.84 ? 57  GLU A CD  1 
ATOM   51   O  OE1 . GLU A 1 7   ? -21.152 -11.602 -5.093  1.00 109.03 ? 57  GLU A OE1 1 
ATOM   52   O  OE2 . GLU A 1 7   ? -21.700 -11.626 -7.221  1.00 100.95 ? 57  GLU A OE2 1 
ATOM   53   N  N   . GLU A 1 8   ? -16.624 -14.401 -5.634  1.00 70.69  ? 58  GLU A N   1 
ATOM   54   C  CA  . GLU A 1 8   ? -15.382 -14.409 -4.882  1.00 68.01  ? 58  GLU A CA  1 
ATOM   55   C  C   . GLU A 1 8   ? -14.621 -13.154 -5.310  1.00 63.48  ? 58  GLU A C   1 
ATOM   56   O  O   . GLU A 1 8   ? -13.928 -12.519 -4.515  1.00 61.72  ? 58  GLU A O   1 
ATOM   57   C  CB  . GLU A 1 8   ? -14.585 -15.659 -5.248  1.00 72.70  ? 58  GLU A CB  1 
ATOM   58   C  CG  . GLU A 1 8   ? -13.397 -15.947 -4.359  1.00 81.64  ? 58  GLU A CG  1 
ATOM   59   C  CD  . GLU A 1 8   ? -12.558 -17.100 -4.885  1.00 85.04  ? 58  GLU A CD  1 
ATOM   60   O  OE1 . GLU A 1 8   ? -11.755 -17.660 -4.104  1.00 81.34  ? 58  GLU A OE1 1 
ATOM   61   O  OE2 . GLU A 1 8   ? -12.699 -17.439 -6.084  1.00 85.55  ? 58  GLU A OE2 1 
ATOM   62   N  N   . VAL A 1 9   ? -14.782 -12.801 -6.581  1.00 64.05  ? 59  VAL A N   1 
ATOM   63   C  CA  . VAL A 1 9   ? -14.136 -11.633 -7.163  1.00 72.12  ? 59  VAL A CA  1 
ATOM   64   C  C   . VAL A 1 9   ? -14.825 -10.322 -6.788  1.00 71.84  ? 59  VAL A C   1 
ATOM   65   O  O   . VAL A 1 9   ? -14.178 -9.402  -6.283  1.00 77.93  ? 59  VAL A O   1 
ATOM   66   C  CB  . VAL A 1 9   ? -14.094 -11.746 -8.698  1.00 75.03  ? 59  VAL A CB  1 
ATOM   67   C  CG1 . VAL A 1 9   ? -13.445 -10.514 -9.302  1.00 77.27  ? 59  VAL A CG1 1 
ATOM   68   C  CG2 . VAL A 1 9   ? -13.330 -12.990 -9.092  1.00 75.71  ? 59  VAL A CG2 1 
ATOM   69   N  N   . GLN A 1 10  ? -16.130 -10.235 -7.047  1.00 63.32  ? 60  GLN A N   1 
ATOM   70   C  CA  . GLN A 1 10  ? -16.891 -9.032  -6.727  1.00 59.71  ? 60  GLN A CA  1 
ATOM   71   C  C   . GLN A 1 10  ? -16.579 -8.591  -5.298  1.00 51.74  ? 60  GLN A C   1 
ATOM   72   O  O   . GLN A 1 10  ? -16.515 -7.400  -5.005  1.00 56.36  ? 60  GLN A O   1 
ATOM   73   C  CB  . GLN A 1 10  ? -18.400 -9.285  -6.870  1.00 67.66  ? 60  GLN A CB  1 
ATOM   74   C  CG  . GLN A 1 10  ? -18.921 -9.454  -8.305  1.00 64.94  ? 60  GLN A CG  1 
ATOM   75   C  CD  . GLN A 1 10  ? -18.778 -8.196  -9.152  1.00 69.47  ? 60  GLN A CD  1 
ATOM   76   O  OE1 . GLN A 1 10  ? -18.965 -7.078  -8.661  1.00 75.30  ? 60  GLN A OE1 1 
ATOM   77   N  NE2 . GLN A 1 10  ? -18.464 -8.374  -10.439 1.00 52.39  ? 60  GLN A NE2 1 
ATOM   78   N  N   . LYS A 1 11  ? -16.377 -9.562  -4.416  1.00 43.26  ? 61  LYS A N   1 
ATOM   79   C  CA  . LYS A 1 11  ? -16.066 -9.273  -3.027  1.00 44.90  ? 61  LYS A CA  1 
ATOM   80   C  C   . LYS A 1 11  ? -14.676 -8.640  -2.918  1.00 42.36  ? 61  LYS A C   1 
ATOM   81   O  O   . LYS A 1 11  ? -14.518 -7.585  -2.304  1.00 41.52  ? 61  LYS A O   1 
ATOM   82   C  CB  . LYS A 1 11  ? -16.128 -10.561 -2.208  1.00 58.44  ? 61  LYS A CB  1 
ATOM   83   C  CG  . LYS A 1 11  ? -16.104 -10.347 -0.704  1.00 68.33  ? 61  LYS A CG  1 
ATOM   84   C  CD  . LYS A 1 11  ? -15.972 -11.666 0.042   1.00 77.84  ? 61  LYS A CD  1 
ATOM   85   C  CE  . LYS A 1 11  ? -14.578 -12.256 -0.108  1.00 84.22  ? 61  LYS A CE  1 
ATOM   86   N  NZ  . LYS A 1 11  ? -14.201 -12.514 -1.528  1.00 86.88  ? 61  LYS A NZ  1 
ATOM   87   N  N   . VAL A 1 12  ? -13.670 -9.282  -3.514  1.00 49.16  ? 62  VAL A N   1 
ATOM   88   C  CA  . VAL A 1 12  ? -12.306 -8.755  -3.487  1.00 43.29  ? 62  VAL A CA  1 
ATOM   89   C  C   . VAL A 1 12  ? -12.337 -7.314  -3.977  1.00 41.63  ? 62  VAL A C   1 
ATOM   90   O  O   . VAL A 1 12  ? -11.645 -6.450  -3.434  1.00 36.37  ? 62  VAL A O   1 
ATOM   91   C  CB  . VAL A 1 12  ? -11.365 -9.574  -4.387  1.00 50.13  ? 62  VAL A CB  1 
ATOM   92   C  CG1 . VAL A 1 12  ? -9.948  -9.040  -4.286  1.00 59.54  ? 62  VAL A CG1 1 
ATOM   93   C  CG2 . VAL A 1 12  ? -11.404 -11.031 -3.970  1.00 55.77  ? 62  VAL A CG2 1 
ATOM   94   N  N   . VAL A 1 13  ? -13.155 -7.055  -4.998  1.00 42.32  ? 63  VAL A N   1 
ATOM   95   C  CA  . VAL A 1 13  ? -13.306 -5.701  -5.536  1.00 31.94  ? 63  VAL A CA  1 
ATOM   96   C  C   . VAL A 1 13  ? -13.835 -4.796  -4.422  1.00 37.09  ? 63  VAL A C   1 
ATOM   97   O  O   . VAL A 1 13  ? -13.259 -3.748  -4.122  1.00 38.67  ? 63  VAL A O   1 
ATOM   98   C  CB  . VAL A 1 13  ? -14.300 -5.667  -6.718  1.00 25.24  ? 63  VAL A CB  1 
ATOM   99   C  CG1 . VAL A 1 13  ? -14.807 -4.235  -6.950  1.00 26.94  ? 63  VAL A CG1 1 
ATOM   100  C  CG2 . VAL A 1 13  ? -13.622 -6.157  -7.976  1.00 28.82  ? 63  VAL A CG2 1 
ATOM   101  N  N   . LYS A 1 14  ? -14.930 -5.229  -3.810  1.00 34.54  ? 64  LYS A N   1 
ATOM   102  C  CA  . LYS A 1 14  ? -15.566 -4.494  -2.729  1.00 36.40  ? 64  LYS A CA  1 
ATOM   103  C  C   . LYS A 1 14  ? -14.621 -4.333  -1.545  1.00 32.70  ? 64  LYS A C   1 
ATOM   104  O  O   . LYS A 1 14  ? -14.669 -3.327  -0.839  1.00 42.81  ? 64  LYS A O   1 
ATOM   105  C  CB  . LYS A 1 14  ? -16.854 -5.204  -2.289  1.00 49.53  ? 64  LYS A CB  1 
ATOM   106  C  CG  . LYS A 1 14  ? -17.941 -5.223  -3.367  1.00 64.28  ? 64  LYS A CG  1 
ATOM   107  C  CD  . LYS A 1 14  ? -19.235 -5.860  -2.862  1.00 75.37  ? 64  LYS A CD  1 
ATOM   108  C  CE  . LYS A 1 14  ? -20.358 -5.775  -3.897  1.00 81.19  ? 64  LYS A CE  1 
ATOM   109  N  NZ  . LYS A 1 14  ? -20.083 -6.571  -5.130  1.00 87.94  ? 64  LYS A NZ  1 
ATOM   110  N  N   . GLU A 1 15  ? -13.761 -5.316  -1.318  1.00 36.11  ? 65  GLU A N   1 
ATOM   111  C  CA  . GLU A 1 15  ? -12.817 -5.193  -0.219  1.00 42.57  ? 65  GLU A CA  1 
ATOM   112  C  C   . GLU A 1 15  ? -11.847 -4.075  -0.606  1.00 37.19  ? 65  GLU A C   1 
ATOM   113  O  O   . GLU A 1 15  ? -11.448 -3.259  0.228   1.00 42.27  ? 65  GLU A O   1 
ATOM   114  C  CB  . GLU A 1 15  ? -12.045 -6.491  -0.008  1.00 50.83  ? 65  GLU A CB  1 
ATOM   115  C  CG  . GLU A 1 15  ? -11.402 -6.590  1.370   1.00 65.82  ? 65  GLU A CG  1 
ATOM   116  C  CD  . GLU A 1 15  ? -10.329 -7.671  1.456   1.00 75.01  ? 65  GLU A CD  1 
ATOM   117  O  OE1 . GLU A 1 15  ? -10.553 -8.786  0.930   1.00 74.63  ? 65  GLU A OE1 1 
ATOM   118  O  OE2 . GLU A 1 15  ? -9.266  -7.402  2.061   1.00 72.25  ? 65  GLU A OE2 1 
ATOM   119  N  N   . LEU A 1 16  ? -11.482 -4.031  -1.882  1.00 29.08  ? 66  LEU A N   1 
ATOM   120  C  CA  . LEU A 1 16  ? -10.566 -2.997  -2.364  1.00 29.57  ? 66  LEU A CA  1 
ATOM   121  C  C   . LEU A 1 16  ? -11.216 -1.628  -2.309  1.00 31.90  ? 66  LEU A C   1 
ATOM   122  O  O   . LEU A 1 16  ? -10.532 -0.614  -2.131  1.00 33.90  ? 66  LEU A O   1 
ATOM   123  C  CB  . LEU A 1 16  ? -10.135 -3.287  -3.793  1.00 31.77  ? 66  LEU A CB  1 
ATOM   124  C  CG  . LEU A 1 16  ? -9.246  -4.513  -3.949  1.00 31.99  ? 66  LEU A CG  1 
ATOM   125  C  CD1 . LEU A 1 16  ? -9.234  -4.920  -5.411  1.00 34.38  ? 66  LEU A CD1 1 
ATOM   126  C  CD2 . LEU A 1 16  ? -7.831  -4.202  -3.450  1.00 39.60  ? 66  LEU A CD2 1 
ATOM   127  N  N   . GLU A 1 17  ? -12.536 -1.601  -2.478  1.00 37.27  ? 67  GLU A N   1 
ATOM   128  C  CA  . GLU A 1 17  ? -13.287 -0.348  -2.429  1.00 34.69  ? 67  GLU A CA  1 
ATOM   129  C  C   . GLU A 1 17  ? -13.240 0.194   -1.009  1.00 40.36  ? 67  GLU A C   1 
ATOM   130  O  O   . GLU A 1 17  ? -13.103 1.398   -0.793  1.00 48.19  ? 67  GLU A O   1 
ATOM   131  C  CB  . GLU A 1 17  ? -14.749 -0.572  -2.832  1.00 47.38  ? 67  GLU A CB  1 
ATOM   132  C  CG  . GLU A 1 17  ? -14.947 -1.016  -4.272  1.00 55.64  ? 67  GLU A CG  1 
ATOM   133  C  CD  . GLU A 1 17  ? -16.414 -1.159  -4.640  1.00 68.78  ? 67  GLU A CD  1 
ATOM   134  O  OE1 . GLU A 1 17  ? -17.157 -1.833  -3.895  1.00 74.03  ? 67  GLU A OE1 1 
ATOM   135  O  OE2 . GLU A 1 17  ? -16.821 -0.603  -5.680  1.00 76.53  ? 67  GLU A OE2 1 
ATOM   136  N  N   . LYS A 1 18  ? -13.358 -0.710  -0.043  1.00 42.11  ? 68  LYS A N   1 
ATOM   137  C  CA  . LYS A 1 18  ? -13.327 -0.340  1.363   1.00 41.45  ? 68  LYS A CA  1 
ATOM   138  C  C   . LYS A 1 18  ? -11.925 0.145   1.710   1.00 38.65  ? 68  LYS A C   1 
ATOM   139  O  O   . LYS A 1 18  ? -11.760 1.153   2.396   1.00 43.93  ? 68  LYS A O   1 
ATOM   140  C  CB  . LYS A 1 18  ? -13.707 -1.544  2.227   1.00 48.15  ? 68  LYS A CB  1 
ATOM   141  C  CG  . LYS A 1 18  ? -13.642 -1.284  3.722   1.00 55.95  ? 68  LYS A CG  1 
ATOM   142  C  CD  . LYS A 1 18  ? -14.444 -2.313  4.506   1.00 69.19  ? 68  LYS A CD  1 
ATOM   143  C  CE  . LYS A 1 18  ? -15.935 -2.210  4.173   1.00 76.93  ? 68  LYS A CE  1 
ATOM   144  N  NZ  . LYS A 1 18  ? -16.799 -3.146  4.957   1.00 72.34  ? 68  LYS A NZ  1 
ATOM   145  N  N   . GLU A 1 19  ? -10.920 -0.569  1.212   1.00 39.03  ? 69  GLU A N   1 
ATOM   146  C  CA  . GLU A 1 19  ? -9.526  -0.222  1.451   1.00 39.49  ? 69  GLU A CA  1 
ATOM   147  C  C   . GLU A 1 19  ? -9.193  1.161   0.915   1.00 32.79  ? 69  GLU A C   1 
ATOM   148  O  O   . GLU A 1 19  ? -8.549  1.965   1.595   1.00 36.04  ? 69  GLU A O   1 
ATOM   149  C  CB  . GLU A 1 19  ? -8.606  -1.250  0.796   1.00 50.38  ? 69  GLU A CB  1 
ATOM   150  C  CG  . GLU A 1 19  ? -8.667  -2.634  1.411   1.00 59.94  ? 69  GLU A CG  1 
ATOM   151  C  CD  . GLU A 1 19  ? -8.156  -2.659  2.839   1.00 66.84  ? 69  GLU A CD  1 
ATOM   152  O  OE1 . GLU A 1 19  ? -8.020  -3.766  3.404   1.00 67.43  ? 69  GLU A OE1 1 
ATOM   153  O  OE2 . GLU A 1 19  ? -7.893  -1.576  3.398   1.00 73.28  ? 69  GLU A OE2 1 
ATOM   154  N  N   . LEU A 1 20  ? -9.614  1.434   -0.315  1.00 34.47  ? 70  LEU A N   1 
ATOM   155  C  CA  . LEU A 1 20  ? -9.353  2.737   -0.911  1.00 34.93  ? 70  LEU A CA  1 
ATOM   156  C  C   . LEU A 1 20  ? -10.105 3.803   -0.137  1.00 40.33  ? 70  LEU A C   1 
ATOM   157  O  O   . LEU A 1 20  ? -9.656  4.949   -0.056  1.00 34.24  ? 70  LEU A O   1 
ATOM   158  C  CB  . LEU A 1 20  ? -9.776  2.763   -2.381  1.00 22.33  ? 70  LEU A CB  1 
ATOM   159  C  CG  . LEU A 1 20  ? -8.877  1.885   -3.261  1.00 28.09  ? 70  LEU A CG  1 
ATOM   160  C  CD1 . LEU A 1 20  ? -9.448  1.757   -4.673  1.00 30.42  ? 70  LEU A CD1 1 
ATOM   161  C  CD2 . LEU A 1 20  ? -7.475  2.466   -3.260  1.00 22.49  ? 70  LEU A CD2 1 
ATOM   162  N  N   . GLY A 1 21  ? -11.243 3.412   0.438   1.00 42.29  ? 71  GLY A N   1 
ATOM   163  C  CA  . GLY A 1 21  ? -12.041 4.344   1.214   1.00 35.91  ? 71  GLY A CA  1 
ATOM   164  C  C   . GLY A 1 21  ? -11.278 4.815   2.438   1.00 38.85  ? 71  GLY A C   1 
ATOM   165  O  O   . GLY A 1 21  ? -11.267 6.002   2.766   1.00 49.73  ? 71  GLY A O   1 
ATOM   166  N  N   . GLU A 1 22  ? -10.628 3.875   3.112   1.00 41.93  ? 72  GLU A N   1 
ATOM   167  C  CA  . GLU A 1 22  ? -9.851  4.190   4.301   1.00 42.64  ? 72  GLU A CA  1 
ATOM   168  C  C   . GLU A 1 22  ? -8.551  4.917   3.959   1.00 38.79  ? 72  GLU A C   1 
ATOM   169  O  O   . GLU A 1 22  ? -8.079  5.758   4.726   1.00 40.35  ? 72  GLU A O   1 
ATOM   170  C  CB  . GLU A 1 22  ? -9.576  2.905   5.066   1.00 43.87  ? 72  GLU A CB  1 
ATOM   171  C  CG  . GLU A 1 22  ? -10.870 2.188   5.403   1.00 53.75  ? 72  GLU A CG  1 
ATOM   172  C  CD  . GLU A 1 22  ? -10.668 0.963   6.265   1.00 73.03  ? 72  GLU A CD  1 
ATOM   173  O  OE1 . GLU A 1 22  ? -10.114 -0.042  5.769   1.00 72.19  ? 72  GLU A OE1 1 
ATOM   174  O  OE2 . GLU A 1 22  ? -11.067 1.013   7.447   1.00 85.56  ? 72  GLU A OE2 1 
ATOM   175  N  N   . LEU A 1 23  ? -7.979  4.599   2.804   1.00 38.52  ? 73  LEU A N   1 
ATOM   176  C  CA  . LEU A 1 23  ? -6.746  5.249   2.368   1.00 36.45  ? 73  LEU A CA  1 
ATOM   177  C  C   . LEU A 1 23  ? -7.080  6.729   2.243   1.00 36.87  ? 73  LEU A C   1 
ATOM   178  O  O   . LEU A 1 23  ? -6.271  7.602   2.573   1.00 45.09  ? 73  LEU A O   1 
ATOM   179  C  CB  . LEU A 1 23  ? -6.314  4.707   1.004   1.00 32.43  ? 73  LEU A CB  1 
ATOM   180  C  CG  . LEU A 1 23  ? -4.866  4.795   0.485   1.00 31.27  ? 73  LEU A CG  1 
ATOM   181  C  CD1 . LEU A 1 23  ? -4.882  5.498   -0.849  1.00 27.79  ? 73  LEU A CD1 1 
ATOM   182  C  CD2 . LEU A 1 23  ? -3.937  5.491   1.472   1.00 28.96  ? 73  LEU A CD2 1 
ATOM   183  N  N   . ASP A 1 24  ? -8.292  6.999   1.770   1.00 31.73  ? 74  ASP A N   1 
ATOM   184  C  CA  . ASP A 1 24  ? -8.754  8.370   1.583   1.00 48.90  ? 74  ASP A CA  1 
ATOM   185  C  C   . ASP A 1 24  ? -8.787  9.200   2.861   1.00 49.17  ? 74  ASP A C   1 
ATOM   186  O  O   . ASP A 1 24  ? -8.776  10.425  2.797   1.00 50.17  ? 74  ASP A O   1 
ATOM   187  C  CB  . ASP A 1 24  ? -10.138 8.382   0.942   1.00 59.98  ? 74  ASP A CB  1 
ATOM   188  C  CG  . ASP A 1 24  ? -10.132 9.023   -0.422  1.00 71.16  ? 74  ASP A CG  1 
ATOM   189  O  OD1 . ASP A 1 24  ? -9.534  8.438   -1.350  1.00 76.63  ? 74  ASP A OD1 1 
ATOM   190  O  OD2 . ASP A 1 24  ? -10.714 10.120  -0.561  1.00 71.89  ? 74  ASP A OD2 1 
ATOM   191  N  N   . LYS A 1 25  ? -8.837  8.542   4.015   1.00 48.35  ? 75  LYS A N   1 
ATOM   192  C  CA  . LYS A 1 25  ? -8.850  9.260   5.283   1.00 50.63  ? 75  LYS A CA  1 
ATOM   193  C  C   . LYS A 1 25  ? -7.428  9.619   5.701   1.00 47.22  ? 75  LYS A C   1 
ATOM   194  O  O   . LYS A 1 25  ? -7.208  10.552  6.475   1.00 48.31  ? 75  LYS A O   1 
ATOM   195  C  CB  . LYS A 1 25  ? -9.500  8.411   6.378   1.00 55.75  ? 75  LYS A CB  1 
ATOM   196  C  CG  . LYS A 1 25  ? -11.020 8.443   6.385   1.00 64.07  ? 75  LYS A CG  1 
ATOM   197  C  CD  . LYS A 1 25  ? -11.605 7.960   5.073   1.00 68.10  ? 75  LYS A CD  1 
ATOM   198  C  CE  . LYS A 1 25  ? -13.110 7.804   5.185   1.00 70.90  ? 75  LYS A CE  1 
ATOM   199  N  NZ  . LYS A 1 25  ? -13.462 6.884   6.307   1.00 69.69  ? 75  LYS A NZ  1 
ATOM   200  N  N   . VAL A 1 26  ? -6.464  8.872   5.185   1.00 44.60  ? 76  VAL A N   1 
ATOM   201  C  CA  . VAL A 1 26  ? -5.068  9.109   5.508   1.00 42.32  ? 76  VAL A CA  1 
ATOM   202  C  C   . VAL A 1 26  ? -4.516  10.219  4.608   1.00 50.73  ? 76  VAL A C   1 
ATOM   203  O  O   . VAL A 1 26  ? -4.571  10.126  3.380   1.00 60.18  ? 76  VAL A O   1 
ATOM   204  C  CB  . VAL A 1 26  ? -4.249  7.803   5.344   1.00 38.16  ? 76  VAL A CB  1 
ATOM   205  C  CG1 . VAL A 1 26  ? -2.833  8.007   5.835   1.00 28.37  ? 76  VAL A CG1 1 
ATOM   206  C  CG2 . VAL A 1 26  ? -4.928  6.670   6.125   1.00 33.38  ? 76  VAL A CG2 1 
ATOM   207  N  N   . PRO A 1 27  ? -3.995  11.296  5.217   1.00 55.21  ? 77  PRO A N   1 
ATOM   208  C  CA  . PRO A 1 27  ? -3.427  12.448  4.501   1.00 50.74  ? 77  PRO A CA  1 
ATOM   209  C  C   . PRO A 1 27  ? -2.362  12.049  3.476   1.00 53.49  ? 77  PRO A C   1 
ATOM   210  O  O   . PRO A 1 27  ? -1.607  11.102  3.705   1.00 56.01  ? 77  PRO A O   1 
ATOM   211  C  CB  . PRO A 1 27  ? -2.831  13.296  5.627   1.00 46.50  ? 77  PRO A CB  1 
ATOM   212  C  CG  . PRO A 1 27  ? -3.702  12.964  6.814   1.00 51.17  ? 77  PRO A CG  1 
ATOM   213  C  CD  . PRO A 1 27  ? -3.869  11.469  6.677   1.00 51.73  ? 77  PRO A CD  1 
ATOM   214  N  N   . SER A 1 28  ? -2.301  12.763  2.351   1.00 45.15  ? 78  SER A N   1 
ATOM   215  C  CA  . SER A 1 28  ? -1.297  12.466  1.334   1.00 52.04  ? 78  SER A CA  1 
ATOM   216  C  C   . SER A 1 28  ? -0.016  13.206  1.708   1.00 45.06  ? 78  SER A C   1 
ATOM   217  O  O   . SER A 1 28  ? -0.072  14.293  2.279   1.00 45.14  ? 78  SER A O   1 
ATOM   218  C  CB  . SER A 1 28  ? -1.768  12.912  -0.052  1.00 66.59  ? 78  SER A CB  1 
ATOM   219  O  OG  . SER A 1 28  ? -0.848  12.501  -1.054  1.00 73.75  ? 78  SER A OG  1 
ATOM   220  N  N   . TYR A 1 29  ? 1.131   12.617  1.392   1.00 38.31  ? 79  TYR A N   1 
ATOM   221  C  CA  . TYR A 1 29  ? 2.426   13.215  1.719   1.00 43.00  ? 79  TYR A CA  1 
ATOM   222  C  C   . TYR A 1 29  ? 2.748   14.477  0.925   1.00 50.76  ? 79  TYR A C   1 
ATOM   223  O  O   . TYR A 1 29  ? 3.648   15.233  1.295   1.00 61.04  ? 79  TYR A O   1 
ATOM   224  C  CB  . TYR A 1 29  ? 3.535   12.180  1.525   1.00 47.90  ? 79  TYR A CB  1 
ATOM   225  C  CG  . TYR A 1 29  ? 3.284   11.264  0.353   1.00 43.87  ? 79  TYR A CG  1 
ATOM   226  C  CD1 . TYR A 1 29  ? 3.392   11.730  -0.957  1.00 39.66  ? 79  TYR A CD1 1 
ATOM   227  C  CD2 . TYR A 1 29  ? 2.865   9.943   0.556   1.00 30.87  ? 79  TYR A CD2 1 
ATOM   228  C  CE1 . TYR A 1 29  ? 3.082   10.905  -2.042  1.00 37.36  ? 79  TYR A CE1 1 
ATOM   229  C  CE2 . TYR A 1 29  ? 2.550   9.113   -0.517  1.00 29.71  ? 79  TYR A CE2 1 
ATOM   230  C  CZ  . TYR A 1 29  ? 2.658   9.600   -1.816  1.00 33.66  ? 79  TYR A CZ  1 
ATOM   231  O  OH  . TYR A 1 29  ? 2.316   8.794   -2.885  1.00 33.14  ? 79  TYR A OH  1 
ATOM   232  N  N   . GLY A 1 30  ? 2.020   14.706  -0.164  1.00 53.24  ? 80  GLY A N   1 
ATOM   233  C  CA  . GLY A 1 30  ? 2.263   15.898  -0.958  1.00 46.21  ? 80  GLY A CA  1 
ATOM   234  C  C   . GLY A 1 30  ? 3.260   15.777  -2.099  1.00 50.41  ? 80  GLY A C   1 
ATOM   235  O  O   . GLY A 1 30  ? 3.520   14.688  -2.609  1.00 50.24  ? 80  GLY A O   1 
ATOM   236  N  N   . ASP A 1 31  ? 3.826   16.917  -2.494  1.00 56.35  ? 81  ASP A N   1 
ATOM   237  C  CA  . ASP A 1 31  ? 4.782   16.979  -3.597  1.00 62.60  ? 81  ASP A CA  1 
ATOM   238  C  C   . ASP A 1 31  ? 6.252   17.032  -3.184  1.00 60.62  ? 81  ASP A C   1 
ATOM   239  O  O   . ASP A 1 31  ? 7.116   17.301  -4.022  1.00 59.07  ? 81  ASP A O   1 
ATOM   240  C  CB  . ASP A 1 31  ? 4.480   18.190  -4.492  1.00 71.44  ? 81  ASP A CB  1 
ATOM   241  C  CG  . ASP A 1 31  ? 3.132   18.089  -5.188  1.00 76.31  ? 81  ASP A CG  1 
ATOM   242  O  OD1 . ASP A 1 31  ? 2.885   17.069  -5.866  1.00 75.20  ? 81  ASP A OD1 1 
ATOM   243  O  OD2 . ASP A 1 31  ? 2.324   19.039  -5.066  1.00 80.71  ? 81  ASP A OD2 1 
ATOM   244  N  N   . ALA A 1 32  ? 6.550   16.795  -1.909  1.00 52.29  ? 82  ALA A N   1 
ATOM   245  C  CA  . ALA A 1 32  ? 7.944   16.816  -1.474  1.00 41.45  ? 82  ALA A CA  1 
ATOM   246  C  C   . ALA A 1 32  ? 8.738   15.854  -2.356  1.00 48.39  ? 82  ALA A C   1 
ATOM   247  O  O   . ALA A 1 32  ? 8.217   14.823  -2.799  1.00 48.27  ? 82  ALA A O   1 
ATOM   248  C  CB  . ALA A 1 32  ? 8.050   16.406  -0.023  1.00 48.00  ? 82  ALA A CB  1 
ATOM   249  N  N   . GLN A 1 33  ? 9.996   16.198  -2.616  1.00 55.15  ? 83  GLN A N   1 
ATOM   250  C  CA  . GLN A 1 33  ? 10.857  15.375  -3.459  1.00 50.43  ? 83  GLN A CA  1 
ATOM   251  C  C   . GLN A 1 33  ? 11.089  13.992  -2.859  1.00 53.13  ? 83  GLN A C   1 
ATOM   252  O  O   . GLN A 1 33  ? 11.327  13.026  -3.587  1.00 56.49  ? 83  GLN A O   1 
ATOM   253  C  CB  . GLN A 1 33  ? 12.196  16.089  -3.693  1.00 52.24  ? 83  GLN A CB  1 
ATOM   254  C  CG  . GLN A 1 33  ? 13.171  15.348  -4.607  1.00 51.54  ? 83  GLN A CG  1 
ATOM   255  C  CD  . GLN A 1 33  ? 14.144  14.465  -3.849  1.00 50.03  ? 83  GLN A CD  1 
ATOM   256  O  OE1 . GLN A 1 33  ? 14.787  13.585  -4.431  1.00 42.15  ? 83  GLN A OE1 1 
ATOM   257  N  NE2 . GLN A 1 33  ? 14.271  14.701  -2.547  1.00 49.19  ? 83  GLN A NE2 1 
ATOM   258  N  N   . ASP A 1 34  ? 11.001  13.892  -1.535  1.00 50.19  ? 84  ASP A N   1 
ATOM   259  C  CA  . ASP A 1 34  ? 11.217  12.617  -0.853  1.00 46.43  ? 84  ASP A CA  1 
ATOM   260  C  C   . ASP A 1 34  ? 10.211  11.532  -1.256  1.00 52.38  ? 84  ASP A C   1 
ATOM   261  O  O   . ASP A 1 34  ? 10.518  10.339  -1.200  1.00 57.07  ? 84  ASP A O   1 
ATOM   262  C  CB  . ASP A 1 34  ? 11.148  12.810  0.664   1.00 56.43  ? 84  ASP A CB  1 
ATOM   263  C  CG  . ASP A 1 34  ? 12.106  13.869  1.162   1.00 74.06  ? 84  ASP A CG  1 
ATOM   264  O  OD1 . ASP A 1 34  ? 12.268  13.986  2.394   1.00 75.91  ? 84  ASP A OD1 1 
ATOM   265  O  OD2 . ASP A 1 34  ? 12.694  14.589  0.326   1.00 84.96  ? 84  ASP A OD2 1 
ATOM   266  N  N   . TYR A 1 35  ? 9.024   11.955  -1.679  1.00 44.70  ? 85  TYR A N   1 
ATOM   267  C  CA  . TYR A 1 35  ? 7.955   11.029  -2.043  1.00 30.57  ? 85  TYR A CA  1 
ATOM   268  C  C   . TYR A 1 35  ? 7.546   11.093  -3.508  1.00 44.91  ? 85  TYR A C   1 
ATOM   269  O  O   . TYR A 1 35  ? 6.578   10.447  -3.921  1.00 38.52  ? 85  TYR A O   1 
ATOM   270  C  CB  . TYR A 1 35  ? 6.745   11.328  -1.168  1.00 31.53  ? 85  TYR A CB  1 
ATOM   271  C  CG  . TYR A 1 35  ? 7.119   11.575  0.271   1.00 38.10  ? 85  TYR A CG  1 
ATOM   272  C  CD1 . TYR A 1 35  ? 7.704   10.569  1.034   1.00 32.66  ? 85  TYR A CD1 1 
ATOM   273  C  CD2 . TYR A 1 35  ? 6.908   12.818  0.867   1.00 45.81  ? 85  TYR A CD2 1 
ATOM   274  C  CE1 . TYR A 1 35  ? 8.070   10.785  2.357   1.00 33.37  ? 85  TYR A CE1 1 
ATOM   275  C  CE2 . TYR A 1 35  ? 7.274   13.049  2.200   1.00 48.66  ? 85  TYR A CE2 1 
ATOM   276  C  CZ  . TYR A 1 35  ? 7.854   12.021  2.935   1.00 42.42  ? 85  TYR A CZ  1 
ATOM   277  O  OH  . TYR A 1 35  ? 8.225   12.216  4.244   1.00 42.56  ? 85  TYR A OH  1 
ATOM   278  N  N   . SER A 1 36  ? 8.285   11.875  -4.288  1.00 39.98  ? 86  SER A N   1 
ATOM   279  C  CA  . SER A 1 36  ? 8.005   12.048  -5.705  1.00 37.28  ? 86  SER A CA  1 
ATOM   280  C  C   . SER A 1 36  ? 7.922   10.721  -6.442  1.00 38.45  ? 86  SER A C   1 
ATOM   281  O  O   . SER A 1 36  ? 7.090   10.553  -7.338  1.00 39.58  ? 86  SER A O   1 
ATOM   282  C  CB  . SER A 1 36  ? 9.084   12.930  -6.338  1.00 49.69  ? 86  SER A CB  1 
ATOM   283  O  OG  . SER A 1 36  ? 10.381  12.452  -6.011  1.00 62.35  ? 86  SER A OG  1 
ATOM   284  N  N   . TYR A 1 37  ? 8.783   9.778   -6.068  1.00 30.62  ? 87  TYR A N   1 
ATOM   285  C  CA  . TYR A 1 37  ? 8.775   8.474   -6.712  1.00 37.58  ? 87  TYR A CA  1 
ATOM   286  C  C   . TYR A 1 37  ? 7.545   7.639   -6.307  1.00 33.42  ? 87  TYR A C   1 
ATOM   287  O  O   . TYR A 1 37  ? 6.861   7.080   -7.163  1.00 32.92  ? 87  TYR A O   1 
ATOM   288  C  CB  . TYR A 1 37  ? 10.068  7.722   -6.390  1.00 39.55  ? 87  TYR A CB  1 
ATOM   289  C  CG  . TYR A 1 37  ? 10.160  6.382   -7.087  1.00 37.82  ? 87  TYR A CG  1 
ATOM   290  C  CD1 . TYR A 1 37  ? 9.579   5.248   -6.530  1.00 40.23  ? 87  TYR A CD1 1 
ATOM   291  C  CD2 . TYR A 1 37  ? 10.798  6.257   -8.312  1.00 43.03  ? 87  TYR A CD2 1 
ATOM   292  C  CE1 . TYR A 1 37  ? 9.635   4.018   -7.173  1.00 43.88  ? 87  TYR A CE1 1 
ATOM   293  C  CE2 . TYR A 1 37  ? 10.858  5.032   -8.969  1.00 39.76  ? 87  TYR A CE2 1 
ATOM   294  C  CZ  . TYR A 1 37  ? 10.276  3.916   -8.389  1.00 42.01  ? 87  TYR A CZ  1 
ATOM   295  O  OH  . TYR A 1 37  ? 10.369  2.695   -9.005  1.00 52.17  ? 87  TYR A OH  1 
ATOM   296  N  N   . GLN A 1 38  ? 7.270   7.551   -5.008  1.00 28.18  ? 88  GLN A N   1 
ATOM   297  C  CA  . GLN A 1 38  ? 6.106   6.800   -4.529  1.00 36.72  ? 88  GLN A CA  1 
ATOM   298  C  C   . GLN A 1 38  ? 4.820   7.424   -5.069  1.00 40.79  ? 88  GLN A C   1 
ATOM   299  O  O   . GLN A 1 38  ? 3.879   6.719   -5.426  1.00 44.26  ? 88  GLN A O   1 
ATOM   300  C  CB  . GLN A 1 38  ? 6.065   6.795   -2.993  1.00 34.80  ? 88  GLN A CB  1 
ATOM   301  C  CG  . GLN A 1 38  ? 4.727   6.327   -2.398  1.00 35.88  ? 88  GLN A CG  1 
ATOM   302  C  CD  . GLN A 1 38  ? 4.406   4.868   -2.692  1.00 29.61  ? 88  GLN A CD  1 
ATOM   303  O  OE1 . GLN A 1 38  ? 3.298   4.392   -2.417  1.00 36.82  ? 88  GLN A OE1 1 
ATOM   304  N  NE2 . GLN A 1 38  ? 5.371   4.153   -3.251  1.00 28.43  ? 88  GLN A NE2 1 
ATOM   305  N  N   . LYS A 1 39  ? 4.792   8.754   -5.131  1.00 41.75  ? 89  LYS A N   1 
ATOM   306  C  CA  . LYS A 1 39  ? 3.630   9.482   -5.628  1.00 41.08  ? 89  LYS A CA  1 
ATOM   307  C  C   . LYS A 1 39  ? 3.252   9.026   -7.038  1.00 45.76  ? 89  LYS A C   1 
ATOM   308  O  O   . LYS A 1 39  ? 2.115   8.624   -7.286  1.00 43.32  ? 89  LYS A O   1 
ATOM   309  C  CB  . LYS A 1 39  ? 3.924   10.986  -5.629  1.00 40.73  ? 89  LYS A CB  1 
ATOM   310  C  CG  . LYS A 1 39  ? 2.767   11.848  -6.092  1.00 44.48  ? 89  LYS A CG  1 
ATOM   311  C  CD  . LYS A 1 39  ? 3.175   13.305  -6.200  1.00 64.28  ? 89  LYS A CD  1 
ATOM   312  C  CE  . LYS A 1 39  ? 2.054   14.135  -6.800  1.00 79.13  ? 89  LYS A CE  1 
ATOM   313  N  NZ  . LYS A 1 39  ? 1.637   13.624  -8.141  1.00 85.97  ? 89  LYS A NZ  1 
ATOM   314  N  N   . ALA A 1 40  ? 4.213   9.081   -7.958  1.00 35.87  ? 90  ALA A N   1 
ATOM   315  C  CA  . ALA A 1 40  ? 3.967   8.673   -9.338  1.00 39.14  ? 90  ALA A CA  1 
ATOM   316  C  C   . ALA A 1 40  ? 3.757   7.173   -9.426  1.00 43.02  ? 90  ALA A C   1 
ATOM   317  O  O   . ALA A 1 40  ? 3.030   6.687   -10.296 1.00 51.42  ? 90  ALA A O   1 
ATOM   318  C  CB  . ALA A 1 40  ? 5.133   9.087   -10.229 1.00 51.40  ? 90  ALA A CB  1 
ATOM   319  N  N   . LEU A 1 41  ? 4.397   6.431   -8.529  1.00 35.38  ? 91  LEU A N   1 
ATOM   320  C  CA  . LEU A 1 41  ? 4.249   4.978   -8.528  1.00 34.60  ? 91  LEU A CA  1 
ATOM   321  C  C   . LEU A 1 41  ? 2.819   4.637   -8.103  1.00 33.47  ? 91  LEU A C   1 
ATOM   322  O  O   . LEU A 1 41  ? 2.118   3.881   -8.775  1.00 38.14  ? 91  LEU A O   1 
ATOM   323  C  CB  . LEU A 1 41  ? 5.257   4.345   -7.567  1.00 34.31  ? 91  LEU A CB  1 
ATOM   324  C  CG  . LEU A 1 41  ? 5.450   2.842   -7.733  1.00 33.94  ? 91  LEU A CG  1 
ATOM   325  C  CD1 . LEU A 1 41  ? 5.859   2.554   -9.173  1.00 32.43  ? 91  LEU A CD1 1 
ATOM   326  C  CD2 . LEU A 1 41  ? 6.508   2.344   -6.749  1.00 29.25  ? 91  LEU A CD2 1 
ATOM   327  N  N   . TRP A 1 42  ? 2.386   5.218   -6.991  1.00 30.06  ? 92  TRP A N   1 
ATOM   328  C  CA  . TRP A 1 42  ? 1.034   4.985   -6.505  1.00 39.39  ? 92  TRP A CA  1 
ATOM   329  C  C   . TRP A 1 42  ? 0.006   5.399   -7.565  1.00 36.08  ? 92  TRP A C   1 
ATOM   330  O  O   . TRP A 1 42  ? -0.994  4.712   -7.782  1.00 40.33  ? 92  TRP A O   1 
ATOM   331  C  CB  . TRP A 1 42  ? 0.790   5.776   -5.214  1.00 44.91  ? 92  TRP A CB  1 
ATOM   332  C  CG  . TRP A 1 42  ? -0.650  5.770   -4.813  1.00 38.59  ? 92  TRP A CG  1 
ATOM   333  C  CD1 . TRP A 1 42  ? -1.448  6.860   -4.611  1.00 27.33  ? 92  TRP A CD1 1 
ATOM   334  C  CD2 . TRP A 1 42  ? -1.482  4.619   -4.626  1.00 30.96  ? 92  TRP A CD2 1 
ATOM   335  N  NE1 . TRP A 1 42  ? -2.727  6.457   -4.314  1.00 30.72  ? 92  TRP A NE1 1 
ATOM   336  C  CE2 . TRP A 1 42  ? -2.777  5.087   -4.317  1.00 24.14  ? 92  TRP A CE2 1 
ATOM   337  C  CE3 . TRP A 1 42  ? -1.258  3.238   -4.690  1.00 27.98  ? 92  TRP A CE3 1 
ATOM   338  C  CZ2 . TRP A 1 42  ? -3.852  4.224   -4.073  1.00 21.47  ? 92  TRP A CZ2 1 
ATOM   339  C  CZ3 . TRP A 1 42  ? -2.326  2.374   -4.445  1.00 17.66  ? 92  TRP A CZ3 1 
ATOM   340  C  CH2 . TRP A 1 42  ? -3.611  2.875   -4.142  1.00 22.97  ? 92  TRP A CH2 1 
ATOM   341  N  N   . GLU A 1 43  ? 0.263   6.529   -8.219  1.00 36.70  ? 93  GLU A N   1 
ATOM   342  C  CA  . GLU A 1 43  ? -0.622  7.054   -9.260  1.00 38.34  ? 93  GLU A CA  1 
ATOM   343  C  C   . GLU A 1 43  ? -0.885  5.989   -10.312 1.00 43.43  ? 93  GLU A C   1 
ATOM   344  O  O   . GLU A 1 43  ? -2.004  5.844   -10.800 1.00 58.49  ? 93  GLU A O   1 
ATOM   345  C  CB  . GLU A 1 43  ? 0.024   8.266   -9.936  1.00 35.89  ? 93  GLU A CB  1 
ATOM   346  C  CG  . GLU A 1 43  ? -0.859  9.478   -10.051 1.00 44.01  ? 93  GLU A CG  1 
ATOM   347  C  CD  . GLU A 1 43  ? -0.486  10.557  -9.058  1.00 55.58  ? 93  GLU A CD  1 
ATOM   348  O  OE1 . GLU A 1 43  ? -0.640  10.320  -7.841  1.00 65.66  ? 93  GLU A OE1 1 
ATOM   349  O  OE2 . GLU A 1 43  ? -0.027  11.638  -9.495  1.00 55.88  ? 93  GLU A OE2 1 
ATOM   350  N  N   . GLU A 1 44  ? 0.168   5.253   -10.657 1.00 35.41  ? 94  GLU A N   1 
ATOM   351  C  CA  . GLU A 1 44  ? 0.090   4.198   -11.658 1.00 40.63  ? 94  GLU A CA  1 
ATOM   352  C  C   . GLU A 1 44  ? -0.662  2.987   -11.149 1.00 32.08  ? 94  GLU A C   1 
ATOM   353  O  O   . GLU A 1 44  ? -1.508  2.432   -11.857 1.00 39.58  ? 94  GLU A O   1 
ATOM   354  C  CB  . GLU A 1 44  ? 1.495   3.781   -12.095 1.00 48.63  ? 94  GLU A CB  1 
ATOM   355  C  CG  . GLU A 1 44  ? 2.285   4.914   -12.704 1.00 58.23  ? 94  GLU A CG  1 
ATOM   356  C  CD  . GLU A 1 44  ? 1.591   5.514   -13.913 1.00 63.90  ? 94  GLU A CD  1 
ATOM   357  O  OE1 . GLU A 1 44  ? 1.548   4.842   -14.966 1.00 62.73  ? 94  GLU A OE1 1 
ATOM   358  O  OE2 . GLU A 1 44  ? 1.081   6.651   -13.806 1.00 68.51  ? 94  GLU A OE2 1 
ATOM   359  N  N   . PHE A 1 45  ? -0.341  2.556   -9.932  1.00 23.57  ? 95  PHE A N   1 
ATOM   360  C  CA  . PHE A 1 45  ? -1.025  1.402   -9.360  1.00 27.55  ? 95  PHE A CA  1 
ATOM   361  C  C   . PHE A 1 45  ? -2.517  1.744   -9.228  1.00 31.25  ? 95  PHE A C   1 
ATOM   362  O  O   . PHE A 1 45  ? -3.382  0.880   -9.418  1.00 33.73  ? 95  PHE A O   1 
ATOM   363  C  CB  . PHE A 1 45  ? -0.449  1.043   -7.977  1.00 29.41  ? 95  PHE A CB  1 
ATOM   364  C  CG  . PHE A 1 45  ? 0.990   0.554   -8.005  1.00 22.43  ? 95  PHE A CG  1 
ATOM   365  C  CD1 . PHE A 1 45  ? 1.430   -0.333  -8.981  1.00 20.71  ? 95  PHE A CD1 1 
ATOM   366  C  CD2 . PHE A 1 45  ? 1.888   0.950   -7.024  1.00 22.15  ? 95  PHE A CD2 1 
ATOM   367  C  CE1 . PHE A 1 45  ? 2.751   -0.819  -8.977  1.00 22.83  ? 95  PHE A CE1 1 
ATOM   368  C  CE2 . PHE A 1 45  ? 3.209   0.466   -7.013  1.00 20.76  ? 95  PHE A CE2 1 
ATOM   369  C  CZ  . PHE A 1 45  ? 3.632   -0.415  -7.991  1.00 20.53  ? 95  PHE A CZ  1 
ATOM   370  N  N   . LEU A 1 46  ? -2.813  3.007   -8.916  1.00 29.12  ? 96  LEU A N   1 
ATOM   371  C  CA  . LEU A 1 46  ? -4.210  3.447   -8.766  1.00 35.98  ? 96  LEU A CA  1 
ATOM   372  C  C   . LEU A 1 46  ? -4.938  3.333   -10.094 1.00 44.10  ? 96  LEU A C   1 
ATOM   373  O  O   . LEU A 1 46  ? -5.994  2.696   -10.195 1.00 45.27  ? 96  LEU A O   1 
ATOM   374  C  CB  . LEU A 1 46  ? -4.272  4.891   -8.279  1.00 31.85  ? 96  LEU A CB  1 
ATOM   375  C  CG  . LEU A 1 46  ? -5.655  5.536   -8.138  1.00 38.84  ? 96  LEU A CG  1 
ATOM   376  C  CD1 . LEU A 1 46  ? -6.615  4.638   -7.384  1.00 20.18  ? 96  LEU A CD1 1 
ATOM   377  C  CD2 . LEU A 1 46  ? -5.491  6.842   -7.405  1.00 20.99  ? 96  LEU A CD2 1 
ATOM   378  N  N   . ARG A 1 47  ? -4.356  3.952   -11.114 1.00 37.43  ? 97  ARG A N   1 
ATOM   379  C  CA  . ARG A 1 47  ? -4.918  3.920   -12.451 1.00 39.15  ? 97  ARG A CA  1 
ATOM   380  C  C   . ARG A 1 47  ? -5.062  2.467   -12.907 1.00 36.15  ? 97  ARG A C   1 
ATOM   381  O  O   . ARG A 1 47  ? -6.097  2.075   -13.423 1.00 39.15  ? 97  ARG A O   1 
ATOM   382  C  CB  . ARG A 1 47  ? -4.007  4.700   -13.408 1.00 44.45  ? 97  ARG A CB  1 
ATOM   383  C  CG  . ARG A 1 47  ? -4.396  4.614   -14.880 1.00 49.37  ? 97  ARG A CG  1 
ATOM   384  C  CD  . ARG A 1 47  ? -3.452  5.451   -15.742 1.00 46.13  ? 97  ARG A CD  1 
ATOM   385  N  NE  . ARG A 1 47  ? -2.055  5.021   -15.638 1.00 41.59  ? 97  ARG A NE  1 
ATOM   386  C  CZ  . ARG A 1 47  ? -1.583  3.872   -16.121 1.00 47.04  ? 97  ARG A CZ  1 
ATOM   387  N  NH1 . ARG A 1 47  ? -2.401  3.030   -16.749 1.00 56.12  ? 97  ARG A NH1 1 
ATOM   388  N  NH2 . ARG A 1 47  ? -0.294  3.567   -15.984 1.00 33.30  ? 97  ARG A NH2 1 
ATOM   389  N  N   . ILE A 1 48  ? -4.027  1.663   -12.692 1.00 39.35  ? 98  ILE A N   1 
ATOM   390  C  CA  . ILE A 1 48  ? -4.056  0.258   -13.094 1.00 39.28  ? 98  ILE A CA  1 
ATOM   391  C  C   . ILE A 1 48  ? -5.035  -0.579  -12.271 1.00 41.89  ? 98  ILE A C   1 
ATOM   392  O  O   . ILE A 1 48  ? -5.746  -1.432  -12.812 1.00 41.40  ? 98  ILE A O   1 
ATOM   393  C  CB  . ILE A 1 48  ? -2.652  -0.358  -12.981 1.00 40.38  ? 98  ILE A CB  1 
ATOM   394  C  CG1 . ILE A 1 48  ? -1.693  0.398   -13.911 1.00 44.17  ? 98  ILE A CG1 1 
ATOM   395  C  CG2 . ILE A 1 48  ? -2.703  -1.844  -13.316 1.00 32.18  ? 98  ILE A CG2 1 
ATOM   396  C  CD1 . ILE A 1 48  ? -0.264  -0.099  -13.884 1.00 44.74  ? 98  ILE A CD1 1 
ATOM   397  N  N   . GLY A 1 49  ? -5.062  -0.334  -10.964 1.00 39.28  ? 99  GLY A N   1 
ATOM   398  C  CA  . GLY A 1 49  ? -5.953  -1.074  -10.087 1.00 40.59  ? 99  GLY A CA  1 
ATOM   399  C  C   . GLY A 1 49  ? -7.425  -0.780  -10.327 1.00 42.59  ? 99  GLY A C   1 
ATOM   400  O  O   . GLY A 1 49  ? -8.245  -1.696  -10.334 1.00 49.73  ? 99  GLY A O   1 
ATOM   401  N  N   . LYS A 1 50  ? -7.767  0.495   -10.505 1.00 37.05  ? 100 LYS A N   1 
ATOM   402  C  CA  . LYS A 1 50  ? -9.152  0.884   -10.766 1.00 37.01  ? 100 LYS A CA  1 
ATOM   403  C  C   . LYS A 1 50  ? -9.625  0.174   -12.041 1.00 39.20  ? 100 LYS A C   1 
ATOM   404  O  O   . LYS A 1 50  ? -10.692 -0.442  -12.063 1.00 38.86  ? 100 LYS A O   1 
ATOM   405  C  CB  . LYS A 1 50  ? -9.250  2.412   -10.921 1.00 40.70  ? 100 LYS A CB  1 
ATOM   406  C  CG  . LYS A 1 50  ? -10.630 2.959   -11.322 1.00 48.37  ? 100 LYS A CG  1 
ATOM   407  C  CD  . LYS A 1 50  ? -11.693 2.714   -10.253 1.00 48.60  ? 100 LYS A CD  1 
ATOM   408  C  CE  . LYS A 1 50  ? -12.989 3.478   -10.549 1.00 49.23  ? 100 LYS A CE  1 
ATOM   409  N  NZ  . LYS A 1 50  ? -13.625 3.120   -11.856 1.00 48.28  ? 100 LYS A NZ  1 
ATOM   410  N  N   . ASP A 1 51  ? -8.818  0.238   -13.097 1.00 39.31  ? 101 ASP A N   1 
ATOM   411  C  CA  . ASP A 1 51  ? -9.177  -0.422  -14.350 1.00 41.37  ? 101 ASP A CA  1 
ATOM   412  C  C   . ASP A 1 51  ? -9.454  -1.902  -14.119 1.00 40.57  ? 101 ASP A C   1 
ATOM   413  O  O   . ASP A 1 51  ? -10.491 -2.416  -14.537 1.00 47.21  ? 101 ASP A O   1 
ATOM   414  C  CB  . ASP A 1 51  ? -8.056  -0.259  -15.374 1.00 48.59  ? 101 ASP A CB  1 
ATOM   415  C  CG  . ASP A 1 51  ? -7.772  1.196   -15.695 1.00 65.66  ? 101 ASP A CG  1 
ATOM   416  O  OD1 . ASP A 1 51  ? -6.877  1.462   -16.521 1.00 75.11  ? 101 ASP A OD1 1 
ATOM   417  O  OD2 . ASP A 1 51  ? -8.445  2.079   -15.118 1.00 70.61  ? 101 ASP A OD2 1 
ATOM   418  N  N   . ASN A 1 52  ? -8.531  -2.581  -13.439 1.00 39.47  ? 102 ASN A N   1 
ATOM   419  C  CA  . ASN A 1 52  ? -8.690  -4.007  -13.156 1.00 35.02  ? 102 ASN A CA  1 
ATOM   420  C  C   . ASN A 1 52  ? -9.953  -4.350  -12.397 1.00 30.21  ? 102 ASN A C   1 
ATOM   421  O  O   . ASN A 1 52  ? -10.553 -5.402  -12.641 1.00 38.18  ? 102 ASN A O   1 
ATOM   422  C  CB  . ASN A 1 52  ? -7.496  -4.554  -12.372 1.00 42.31  ? 102 ASN A CB  1 
ATOM   423  C  CG  . ASN A 1 52  ? -6.423  -5.100  -13.272 1.00 47.49  ? 102 ASN A CG  1 
ATOM   424  O  OD1 . ASN A 1 52  ? -6.641  -6.073  -13.989 1.00 59.20  ? 102 ASN A OD1 1 
ATOM   425  N  ND2 . ASN A 1 52  ? -5.253  -4.475  -13.248 1.00 44.70  ? 102 ASN A ND2 1 
ATOM   426  N  N   . MET A 1 53  ? -10.367 -3.495  -11.465 1.00 29.37  ? 103 MET A N   1 
ATOM   427  C  CA  . MET A 1 53  ? -11.585 -3.813  -10.729 1.00 39.25  ? 103 MET A CA  1 
ATOM   428  C  C   . MET A 1 53  ? -12.848 -3.451  -11.498 1.00 40.93  ? 103 MET A C   1 
ATOM   429  O  O   . MET A 1 53  ? -13.897 -4.042  -11.271 1.00 58.46  ? 103 MET A O   1 
ATOM   430  C  CB  . MET A 1 53  ? -11.576 -3.202  -9.313  1.00 36.95  ? 103 MET A CB  1 
ATOM   431  C  CG  . MET A 1 53  ? -11.150 -1.754  -9.181  1.00 49.85  ? 103 MET A CG  1 
ATOM   432  S  SD  . MET A 1 53  ? -10.440 -1.444  -7.515  1.00 45.75  ? 103 MET A SD  1 
ATOM   433  C  CE  . MET A 1 53  ? -11.874 -1.517  -6.496  1.00 21.07  ? 103 MET A CE  1 
ATOM   434  N  N   . ASP A 1 54  ? -12.751 -2.503  -12.425 1.00 40.14  ? 104 ASP A N   1 
ATOM   435  C  CA  . ASP A 1 54  ? -13.914 -2.151  -13.232 1.00 47.60  ? 104 ASP A CA  1 
ATOM   436  C  C   . ASP A 1 54  ? -14.172 -3.368  -14.107 1.00 54.87  ? 104 ASP A C   1 
ATOM   437  O  O   . ASP A 1 54  ? -15.316 -3.795  -14.294 1.00 59.46  ? 104 ASP A O   1 
ATOM   438  C  CB  . ASP A 1 54  ? -13.635 -0.938  -14.125 1.00 44.75  ? 104 ASP A CB  1 
ATOM   439  C  CG  . ASP A 1 54  ? -13.556 0.368   -13.344 1.00 47.20  ? 104 ASP A CG  1 
ATOM   440  O  OD1 . ASP A 1 54  ? -13.985 0.400   -12.164 1.00 41.71  ? 104 ASP A OD1 1 
ATOM   441  O  OD2 . ASP A 1 54  ? -13.078 1.368   -13.923 1.00 42.18  ? 104 ASP A OD2 1 
ATOM   442  N  N   . TYR A 1 55  ? -13.079 -3.925  -14.628 1.00 55.20  ? 105 TYR A N   1 
ATOM   443  C  CA  . TYR A 1 55  ? -13.108 -5.104  -15.487 1.00 47.54  ? 105 TYR A CA  1 
ATOM   444  C  C   . TYR A 1 55  ? -13.614 -6.320  -14.727 1.00 57.10  ? 105 TYR A C   1 
ATOM   445  O  O   . TYR A 1 55  ? -14.396 -7.106  -15.259 1.00 61.19  ? 105 TYR A O   1 
ATOM   446  C  CB  . TYR A 1 55  ? -11.705 -5.408  -16.015 1.00 44.33  ? 105 TYR A CB  1 
ATOM   447  C  CG  . TYR A 1 55  ? -11.665 -6.497  -17.076 1.00 53.41  ? 105 TYR A CG  1 
ATOM   448  C  CD1 . TYR A 1 55  ? -11.589 -6.173  -18.431 1.00 57.39  ? 105 TYR A CD1 1 
ATOM   449  C  CD2 . TYR A 1 55  ? -11.727 -7.845  -16.726 1.00 47.92  ? 105 TYR A CD2 1 
ATOM   450  C  CE1 . TYR A 1 55  ? -11.573 -7.163  -19.410 1.00 57.06  ? 105 TYR A CE1 1 
ATOM   451  C  CE2 . TYR A 1 55  ? -11.717 -8.841  -17.695 1.00 53.37  ? 105 TYR A CE2 1 
ATOM   452  C  CZ  . TYR A 1 55  ? -11.638 -8.495  -19.035 1.00 57.95  ? 105 TYR A CZ  1 
ATOM   453  O  OH  . TYR A 1 55  ? -11.624 -9.476  -20.004 1.00 58.46  ? 105 TYR A OH  1 
ATOM   454  N  N   . ALA A 1 56  ? -13.163 -6.478  -13.484 1.00 58.75  ? 106 ALA A N   1 
ATOM   455  C  CA  . ALA A 1 56  ? -13.576 -7.619  -12.670 1.00 52.19  ? 106 ALA A CA  1 
ATOM   456  C  C   . ALA A 1 56  ? -15.079 -7.591  -12.408 1.00 52.30  ? 106 ALA A C   1 
ATOM   457  O  O   . ALA A 1 56  ? -15.650 -8.553  -11.890 1.00 50.52  ? 106 ALA A O   1 
ATOM   458  C  CB  . ALA A 1 56  ? -12.806 -7.630  -11.349 1.00 40.98  ? 106 ALA A CB  1 
ATOM   459  N  N   . SER A 1 57  ? -15.709 -6.476  -12.760 1.00 57.90  ? 107 SER A N   1 
ATOM   460  C  CA  . SER A 1 57  ? -17.149 -6.311  -12.590 1.00 65.34  ? 107 SER A CA  1 
ATOM   461  C  C   . SER A 1 57  ? -17.840 -6.774  -13.873 1.00 79.25  ? 107 SER A C   1 
ATOM   462  O  O   . SER A 1 57  ? -18.783 -7.568  -13.830 1.00 86.40  ? 107 SER A O   1 
ATOM   463  C  CB  . SER A 1 57  ? -17.479 -4.842  -12.306 1.00 55.42  ? 107 SER A CB  1 
ATOM   464  O  OG  . SER A 1 57  ? -16.871 -4.414  -11.098 1.00 49.85  ? 107 SER A OG  1 
ATOM   465  N  N   . LYS A 1 58  ? -17.357 -6.278  -15.011 1.00 76.34  ? 108 LYS A N   1 
ATOM   466  C  CA  . LYS A 1 58  ? -17.905 -6.652  -16.311 1.00 72.08  ? 108 LYS A CA  1 
ATOM   467  C  C   . LYS A 1 58  ? -17.187 -7.904  -16.812 1.00 77.34  ? 108 LYS A C   1 
ATOM   468  O  O   . LYS A 1 58  ? -17.227 -8.222  -18.001 1.00 77.56  ? 108 LYS A O   1 
ATOM   469  C  CB  . LYS A 1 58  ? -17.711 -5.524  -17.334 1.00 61.40  ? 108 LYS A CB  1 
ATOM   470  C  CG  . LYS A 1 58  ? -16.270 -5.331  -17.775 1.00 53.21  ? 108 LYS A CG  1 
ATOM   471  C  CD  . LYS A 1 58  ? -16.170 -4.727  -19.173 1.00 58.07  ? 108 LYS A CD  1 
ATOM   472  C  CE  . LYS A 1 58  ? -14.712 -4.597  -19.594 1.00 60.68  ? 108 LYS A CE  1 
ATOM   473  N  NZ  . LYS A 1 58  ? -14.516 -4.139  -20.993 1.00 58.67  ? 108 LYS A NZ  1 
ATOM   474  N  N   . MET A 1 59  ? -16.521 -8.602  -15.897 1.00 81.68  ? 109 MET A N   1 
ATOM   475  C  CA  . MET A 1 59  ? -15.787 -9.818  -16.231 1.00 84.94  ? 109 MET A CA  1 
ATOM   476  C  C   . MET A 1 59  ? -16.628 -11.032 -15.862 1.00 78.48  ? 109 MET A C   1 
ATOM   477  O  O   . MET A 1 59  ? -17.243 -11.066 -14.794 1.00 79.69  ? 109 MET A O   1 
ATOM   478  C  CB  . MET A 1 59  ? -14.454 -9.855  -15.467 1.00 87.20  ? 109 MET A CB  1 
ATOM   479  C  CG  . MET A 1 59  ? -13.614 -11.106 -15.684 1.00 87.03  ? 109 MET A CG  1 
ATOM   480  S  SD  . MET A 1 59  ? -12.041 -11.088 -14.765 1.00 53.59  ? 109 MET A SD  1 
ATOM   481  C  CE  . MET A 1 59  ? -12.590 -11.725 -13.176 1.00 54.82  ? 109 MET A CE  1 
ATOM   482  N  N   . LYS A 1 60  ? -16.653 -12.022 -16.750 1.00 71.38  ? 110 LYS A N   1 
ATOM   483  C  CA  . LYS A 1 60  ? -17.413 -13.247 -16.521 1.00 74.27  ? 110 LYS A CA  1 
ATOM   484  C  C   . LYS A 1 60  ? -16.531 -14.460 -16.230 1.00 77.30  ? 110 LYS A C   1 
ATOM   485  O  O   . LYS A 1 60  ? -15.397 -14.555 -16.704 1.00 76.96  ? 110 LYS A O   1 
ATOM   486  C  CB  . LYS A 1 60  ? -18.316 -13.526 -17.722 1.00 76.96  ? 110 LYS A CB  1 
ATOM   487  C  CG  . LYS A 1 60  ? -17.655 -13.258 -19.061 1.00 78.76  ? 110 LYS A CG  1 
ATOM   488  C  CD  . LYS A 1 60  ? -18.692 -13.171 -20.170 1.00 77.32  ? 110 LYS A CD  1 
ATOM   489  C  CE  . LYS A 1 60  ? -19.689 -12.052 -19.901 1.00 74.35  ? 110 LYS A CE  1 
ATOM   490  N  NZ  . LYS A 1 60  ? -19.019 -10.723 -19.767 1.00 66.04  ? 110 LYS A NZ  1 
ATOM   491  N  N   . ALA A 1 61  ? -17.080 -15.382 -15.445 1.00 70.29  ? 111 ALA A N   1 
ATOM   492  C  CA  . ALA A 1 61  ? -16.407 -16.610 -15.023 1.00 59.39  ? 111 ALA A CA  1 
ATOM   493  C  C   . ALA A 1 61  ? -15.487 -17.305 -16.027 1.00 69.30  ? 111 ALA A C   1 
ATOM   494  O  O   . ALA A 1 61  ? -14.482 -17.900 -15.635 1.00 78.27  ? 111 ALA A O   1 
ATOM   495  C  CB  . ALA A 1 61  ? -17.447 -17.606 -14.528 1.00 57.70  ? 111 ALA A CB  1 
ATOM   496  N  N   . ASP A 1 62  ? -15.819 -17.238 -17.311 1.00 73.25  ? 112 ASP A N   1 
ATOM   497  C  CA  . ASP A 1 62  ? -15.018 -17.910 -18.327 1.00 76.20  ? 112 ASP A CA  1 
ATOM   498  C  C   . ASP A 1 62  ? -13.985 -17.034 -19.016 1.00 77.90  ? 112 ASP A C   1 
ATOM   499  O  O   . ASP A 1 62  ? -13.550 -17.347 -20.124 1.00 85.89  ? 112 ASP A O   1 
ATOM   500  C  CB  . ASP A 1 62  ? -15.936 -18.519 -19.387 1.00 72.08  ? 112 ASP A CB  1 
ATOM   501  C  CG  . ASP A 1 62  ? -16.765 -17.474 -20.109 1.00 77.98  ? 112 ASP A CG  1 
ATOM   502  O  OD1 . ASP A 1 62  ? -16.177 -16.586 -20.768 1.00 71.87  ? 112 ASP A OD1 1 
ATOM   503  O  OD2 . ASP A 1 62  ? -18.009 -17.537 -20.016 1.00 88.40  ? 112 ASP A OD2 1 
ATOM   504  N  N   . ASP A 1 63  ? -13.579 -15.946 -18.376 1.00 68.46  ? 113 ASP A N   1 
ATOM   505  C  CA  . ASP A 1 63  ? -12.601 -15.062 -19.003 1.00 68.00  ? 113 ASP A CA  1 
ATOM   506  C  C   . ASP A 1 63  ? -11.227 -15.723 -19.087 1.00 62.45  ? 113 ASP A C   1 
ATOM   507  O  O   . ASP A 1 63  ? -10.791 -16.394 -18.149 1.00 67.78  ? 113 ASP A O   1 
ATOM   508  C  CB  . ASP A 1 63  ? -12.492 -13.742 -18.235 1.00 61.30  ? 113 ASP A CB  1 
ATOM   509  C  CG  . ASP A 1 63  ? -12.081 -12.590 -19.128 1.00 56.53  ? 113 ASP A CG  1 
ATOM   510  O  OD1 . ASP A 1 63  ? -12.920 -11.695 -19.364 1.00 55.45  ? 113 ASP A OD1 1 
ATOM   511  O  OD2 . ASP A 1 63  ? -10.927 -12.583 -19.605 1.00 62.82  ? 113 ASP A OD2 1 
ATOM   512  N  N   . LYS A 1 64  ? -10.551 -15.536 -20.215 1.00 61.61  ? 114 LYS A N   1 
ATOM   513  C  CA  . LYS A 1 64  ? -9.231  -16.125 -20.403 1.00 64.40  ? 114 LYS A CA  1 
ATOM   514  C  C   . LYS A 1 64  ? -8.264  -15.519 -19.411 1.00 64.96  ? 114 LYS A C   1 
ATOM   515  O  O   . LYS A 1 64  ? -7.406  -16.201 -18.853 1.00 67.59  ? 114 LYS A O   1 
ATOM   516  C  CB  . LYS A 1 64  ? -8.715  -15.867 -21.817 1.00 74.22  ? 114 LYS A CB  1 
ATOM   517  C  CG  . LYS A 1 64  ? -7.324  -16.438 -22.058 1.00 78.18  ? 114 LYS A CG  1 
ATOM   518  C  CD  . LYS A 1 64  ? -6.869  -16.239 -23.494 1.00 78.04  ? 114 LYS A CD  1 
ATOM   519  C  CE  . LYS A 1 64  ? -5.567  -16.984 -23.766 1.00 72.56  ? 114 LYS A CE  1 
ATOM   520  N  NZ  . LYS A 1 64  ? -4.440  -16.483 -22.932 1.00 53.27  ? 114 LYS A NZ  1 
ATOM   521  N  N   . PHE A 1 65  ? -8.427  -14.223 -19.190 1.00 64.61  ? 115 PHE A N   1 
ATOM   522  C  CA  . PHE A 1 65  ? -7.574  -13.487 -18.283 1.00 46.49  ? 115 PHE A CA  1 
ATOM   523  C  C   . PHE A 1 65  ? -8.180  -13.319 -16.897 1.00 38.09  ? 115 PHE A C   1 
ATOM   524  O  O   . PHE A 1 65  ? -7.785  -12.436 -16.140 1.00 50.52  ? 115 PHE A O   1 
ATOM   525  C  CB  . PHE A 1 65  ? -7.278  -12.145 -18.908 1.00 42.84  ? 115 PHE A CB  1 
ATOM   526  C  CG  . PHE A 1 65  ? -6.635  -12.251 -20.254 1.00 46.86  ? 115 PHE A CG  1 
ATOM   527  C  CD1 . PHE A 1 65  ? -5.283  -12.575 -20.371 1.00 40.66  ? 115 PHE A CD1 1 
ATOM   528  C  CD2 . PHE A 1 65  ? -7.374  -12.031 -21.411 1.00 55.77  ? 115 PHE A CD2 1 
ATOM   529  C  CE1 . PHE A 1 65  ? -4.680  -12.677 -21.615 1.00 46.15  ? 115 PHE A CE1 1 
ATOM   530  C  CE2 . PHE A 1 65  ? -6.778  -12.132 -22.670 1.00 61.15  ? 115 PHE A CE2 1 
ATOM   531  C  CZ  . PHE A 1 65  ? -5.428  -12.454 -22.771 1.00 59.54  ? 115 PHE A CZ  1 
ATOM   532  N  N   . PHE A 1 66  ? -9.126  -14.188 -16.561 1.00 42.80  ? 116 PHE A N   1 
ATOM   533  C  CA  . PHE A 1 66  ? -9.793  -14.143 -15.265 1.00 49.65  ? 116 PHE A CA  1 
ATOM   534  C  C   . PHE A 1 66  ? -8.768  -14.220 -14.129 1.00 49.14  ? 116 PHE A C   1 
ATOM   535  O  O   . PHE A 1 66  ? -8.830  -13.453 -13.170 1.00 55.52  ? 116 PHE A O   1 
ATOM   536  C  CB  . PHE A 1 66  ? -10.787 -15.309 -15.159 1.00 54.91  ? 116 PHE A CB  1 
ATOM   537  C  CG  . PHE A 1 66  ? -11.660 -15.267 -13.929 1.00 58.98  ? 116 PHE A CG  1 
ATOM   538  C  CD1 . PHE A 1 66  ? -13.033 -15.074 -14.043 1.00 68.84  ? 116 PHE A CD1 1 
ATOM   539  C  CD2 . PHE A 1 66  ? -11.114 -15.441 -12.661 1.00 52.24  ? 116 PHE A CD2 1 
ATOM   540  C  CE1 . PHE A 1 66  ? -13.851 -15.056 -12.913 1.00 71.10  ? 116 PHE A CE1 1 
ATOM   541  C  CE2 . PHE A 1 66  ? -11.920 -15.424 -11.520 1.00 58.78  ? 116 PHE A CE2 1 
ATOM   542  C  CZ  . PHE A 1 66  ? -13.291 -15.232 -11.647 1.00 69.60  ? 116 PHE A CZ  1 
ATOM   543  N  N   . HIS A 1 67  ? -7.833  -15.155 -14.246 1.00 46.38  ? 117 HIS A N   1 
ATOM   544  C  CA  . HIS A 1 67  ? -6.798  -15.349 -13.242 1.00 52.96  ? 117 HIS A CA  1 
ATOM   545  C  C   . HIS A 1 67  ? -5.835  -14.159 -13.210 1.00 51.56  ? 117 HIS A C   1 
ATOM   546  O  O   . HIS A 1 67  ? -5.437  -13.698 -12.141 1.00 49.10  ? 117 HIS A O   1 
ATOM   547  C  CB  . HIS A 1 67  ? -6.025  -16.641 -13.538 1.00 62.61  ? 117 HIS A CB  1 
ATOM   548  C  CG  . HIS A 1 67  ? -5.350  -16.648 -14.876 1.00 70.76  ? 117 HIS A CG  1 
ATOM   549  N  ND1 . HIS A 1 67  ? -6.042  -16.782 -16.061 1.00 75.48  ? 117 HIS A ND1 1 
ATOM   550  C  CD2 . HIS A 1 67  ? -4.047  -16.492 -15.218 1.00 71.51  ? 117 HIS A CD2 1 
ATOM   551  C  CE1 . HIS A 1 67  ? -5.196  -16.706 -17.074 1.00 76.84  ? 117 HIS A CE1 1 
ATOM   552  N  NE2 . HIS A 1 67  ? -3.980  -16.529 -16.590 1.00 72.96  ? 117 HIS A NE2 1 
ATOM   553  N  N   . LYS A 1 68  ? -5.457  -13.672 -14.386 1.00 43.42  ? 118 LYS A N   1 
ATOM   554  C  CA  . LYS A 1 68  ? -4.551  -12.533 -14.477 1.00 43.47  ? 118 LYS A CA  1 
ATOM   555  C  C   . LYS A 1 68  ? -5.147  -11.316 -13.778 1.00 45.27  ? 118 LYS A C   1 
ATOM   556  O  O   . LYS A 1 68  ? -4.481  -10.659 -12.974 1.00 48.73  ? 118 LYS A O   1 
ATOM   557  C  CB  . LYS A 1 68  ? -4.272  -12.196 -15.941 1.00 43.00  ? 118 LYS A CB  1 
ATOM   558  C  CG  . LYS A 1 68  ? -3.332  -13.177 -16.629 1.00 50.00  ? 118 LYS A CG  1 
ATOM   559  C  CD  . LYS A 1 68  ? -1.952  -13.133 -15.986 1.00 50.90  ? 118 LYS A CD  1 
ATOM   560  C  CE  . LYS A 1 68  ? -1.051  -14.221 -16.528 1.00 54.94  ? 118 LYS A CE  1 
ATOM   561  N  NZ  . LYS A 1 68  ? 0.266   -14.227 -15.832 1.00 50.20  ? 118 LYS A NZ  1 
ATOM   562  N  N   . VAL A 1 69  ? -6.404  -11.015 -14.090 1.00 45.27  ? 119 VAL A N   1 
ATOM   563  C  CA  . VAL A 1 69  ? -7.082  -9.880  -13.483 1.00 51.01  ? 119 VAL A CA  1 
ATOM   564  C  C   . VAL A 1 69  ? -7.184  -10.066 -11.973 1.00 46.94  ? 119 VAL A C   1 
ATOM   565  O  O   . VAL A 1 69  ? -7.060  -9.102  -11.214 1.00 50.53  ? 119 VAL A O   1 
ATOM   566  C  CB  . VAL A 1 69  ? -8.502  -9.678  -14.091 1.00 45.66  ? 119 VAL A CB  1 
ATOM   567  C  CG1 . VAL A 1 69  ? -9.296  -8.676  -13.259 1.00 24.03  ? 119 VAL A CG1 1 
ATOM   568  C  CG2 . VAL A 1 69  ? -8.380  -9.164  -15.526 1.00 36.84  ? 119 VAL A CG2 1 
ATOM   569  N  N   . LYS A 1 70  ? -7.396  -11.305 -11.536 1.00 40.84  ? 120 LYS A N   1 
ATOM   570  C  CA  . LYS A 1 70  ? -7.508  -11.579 -10.110 1.00 38.22  ? 120 LYS A CA  1 
ATOM   571  C  C   . LYS A 1 70  ? -6.194  -11.310 -9.378  1.00 29.69  ? 120 LYS A C   1 
ATOM   572  O  O   . LYS A 1 70  ? -6.156  -10.543 -8.418  1.00 36.21  ? 120 LYS A O   1 
ATOM   573  C  CB  . LYS A 1 70  ? -7.942  -13.025 -9.866  1.00 50.22  ? 120 LYS A CB  1 
ATOM   574  C  CG  . LYS A 1 70  ? -8.220  -13.309 -8.396  1.00 52.35  ? 120 LYS A CG  1 
ATOM   575  C  CD  . LYS A 1 70  ? -8.745  -14.715 -8.154  1.00 56.26  ? 120 LYS A CD  1 
ATOM   576  C  CE  . LYS A 1 70  ? -9.052  -14.923 -6.671  1.00 58.98  ? 120 LYS A CE  1 
ATOM   577  N  NZ  . LYS A 1 70  ? -9.541  -16.299 -6.369  1.00 66.72  ? 120 LYS A NZ  1 
ATOM   578  N  N   . GLY A 1 71  ? -5.118  -11.943 -9.835  1.00 31.63  ? 121 GLY A N   1 
ATOM   579  C  CA  . GLY A 1 71  ? -3.829  -11.738 -9.204  1.00 26.66  ? 121 GLY A CA  1 
ATOM   580  C  C   . GLY A 1 71  ? -3.514  -10.261 -9.069  1.00 31.12  ? 121 GLY A C   1 
ATOM   581  O  O   . GLY A 1 71  ? -2.950  -9.833  -8.061  1.00 37.49  ? 121 GLY A O   1 
ATOM   582  N  N   . ASP A 1 72  ? -3.878  -9.484  -10.088 1.00 34.10  ? 122 ASP A N   1 
ATOM   583  C  CA  . ASP A 1 72  ? -3.638  -8.039  -10.096 1.00 31.60  ? 122 ASP A CA  1 
ATOM   584  C  C   . ASP A 1 72  ? -4.397  -7.357  -8.963  1.00 31.95  ? 122 ASP A C   1 
ATOM   585  O  O   . ASP A 1 72  ? -3.911  -6.397  -8.349  1.00 33.60  ? 122 ASP A O   1 
ATOM   586  C  CB  . ASP A 1 72  ? -4.071  -7.434  -11.440 1.00 32.67  ? 122 ASP A CB  1 
ATOM   587  C  CG  . ASP A 1 72  ? -3.005  -7.576  -12.516 1.00 38.35  ? 122 ASP A CG  1 
ATOM   588  O  OD1 . ASP A 1 72  ? -2.358  -8.645  -12.577 1.00 41.85  ? 122 ASP A OD1 1 
ATOM   589  O  OD2 . ASP A 1 72  ? -2.820  -6.625  -13.310 1.00 42.95  ? 122 ASP A OD2 1 
ATOM   590  N  N   . LEU A 1 73  ? -5.601  -7.847  -8.696  1.00 29.91  ? 123 LEU A N   1 
ATOM   591  C  CA  . LEU A 1 73  ? -6.398  -7.284  -7.620  1.00 31.03  ? 123 LEU A CA  1 
ATOM   592  C  C   . LEU A 1 73  ? -5.671  -7.529  -6.308  1.00 33.51  ? 123 LEU A C   1 
ATOM   593  O  O   . LEU A 1 73  ? -5.569  -6.630  -5.467  1.00 39.76  ? 123 LEU A O   1 
ATOM   594  C  CB  . LEU A 1 73  ? -7.791  -7.914  -7.592  1.00 30.11  ? 123 LEU A CB  1 
ATOM   595  C  CG  . LEU A 1 73  ? -8.665  -7.611  -8.817  1.00 30.96  ? 123 LEU A CG  1 
ATOM   596  C  CD1 . LEU A 1 73  ? -10.122 -7.950  -8.488  1.00 28.23  ? 123 LEU A CD1 1 
ATOM   597  C  CD2 . LEU A 1 73  ? -8.555  -6.146  -9.203  1.00 27.76  ? 123 LEU A CD2 1 
ATOM   598  N  N   . ASN A 1 74  ? -5.151  -8.742  -6.139  1.00 33.24  ? 124 ASN A N   1 
ATOM   599  C  CA  . ASN A 1 74  ? -4.402  -9.088  -4.935  1.00 30.74  ? 124 ASN A CA  1 
ATOM   600  C  C   . ASN A 1 74  ? -3.177  -8.196  -4.748  1.00 24.77  ? 124 ASN A C   1 
ATOM   601  O  O   . ASN A 1 74  ? -2.912  -7.727  -3.646  1.00 30.64  ? 124 ASN A O   1 
ATOM   602  C  CB  . ASN A 1 74  ? -3.953  -10.544 -4.978  1.00 32.69  ? 124 ASN A CB  1 
ATOM   603  C  CG  . ASN A 1 74  ? -5.108  -11.509 -4.879  1.00 46.56  ? 124 ASN A CG  1 
ATOM   604  O  OD1 . ASN A 1 74  ? -5.986  -11.364 -4.023  1.00 42.49  ? 124 ASN A OD1 1 
ATOM   605  N  ND2 . ASN A 1 74  ? -5.112  -12.512 -5.747  1.00 59.72  ? 124 ASN A ND2 1 
ATOM   606  N  N   . ASP A 1 75  ? -2.429  -7.952  -5.818  1.00 25.94  ? 125 ASP A N   1 
ATOM   607  C  CA  . ASP A 1 75  ? -1.242  -7.107  -5.693  1.00 23.87  ? 125 ASP A CA  1 
ATOM   608  C  C   . ASP A 1 75  ? -1.662  -5.687  -5.323  1.00 29.02  ? 125 ASP A C   1 
ATOM   609  O  O   . ASP A 1 75  ? -1.005  -5.028  -4.521  1.00 33.31  ? 125 ASP A O   1 
ATOM   610  C  CB  . ASP A 1 75  ? -0.427  -7.094  -6.996  1.00 23.82  ? 125 ASP A CB  1 
ATOM   611  C  CG  . ASP A 1 75  ? 0.105   -8.481  -7.384  1.00 29.56  ? 125 ASP A CG  1 
ATOM   612  O  OD1 . ASP A 1 75  ? 0.136   -9.395  -6.524  1.00 31.91  ? 125 ASP A OD1 1 
ATOM   613  O  OD2 . ASP A 1 75  ? 0.509   -8.654  -8.557  1.00 34.89  ? 125 ASP A OD2 1 
ATOM   614  N  N   . PHE A 1 76  ? -2.776  -5.230  -5.890  1.00 33.88  ? 126 PHE A N   1 
ATOM   615  C  CA  . PHE A 1 76  ? -3.271  -3.884  -5.623  1.00 28.13  ? 126 PHE A CA  1 
ATOM   616  C  C   . PHE A 1 76  ? -3.447  -3.651  -4.125  1.00 28.11  ? 126 PHE A C   1 
ATOM   617  O  O   . PHE A 1 76  ? -3.055  -2.608  -3.585  1.00 31.85  ? 126 PHE A O   1 
ATOM   618  C  CB  . PHE A 1 76  ? -4.597  -3.667  -6.359  1.00 31.04  ? 126 PHE A CB  1 
ATOM   619  C  CG  . PHE A 1 76  ? -5.068  -2.242  -6.352  1.00 28.50  ? 126 PHE A CG  1 
ATOM   620  C  CD1 . PHE A 1 76  ? -4.153  -1.192  -6.364  1.00 25.27  ? 126 PHE A CD1 1 
ATOM   621  C  CD2 . PHE A 1 76  ? -6.428  -1.943  -6.324  1.00 23.83  ? 126 PHE A CD2 1 
ATOM   622  C  CE1 . PHE A 1 76  ? -4.583  0.133   -6.336  1.00 24.27  ? 126 PHE A CE1 1 
ATOM   623  C  CE2 . PHE A 1 76  ? -6.873  -0.626  -6.296  1.00 31.34  ? 126 PHE A CE2 1 
ATOM   624  C  CZ  . PHE A 1 76  ? -5.949  0.414   -6.301  1.00 22.24  ? 126 PHE A CZ  1 
ATOM   625  N  N   . LYS A 1 77  ? -4.032  -4.634  -3.457  1.00 32.82  ? 127 LYS A N   1 
ATOM   626  C  CA  . LYS A 1 77  ? -4.258  -4.553  -2.027  1.00 22.85  ? 127 LYS A CA  1 
ATOM   627  C  C   . LYS A 1 77  ? -2.945  -4.232  -1.297  1.00 22.37  ? 127 LYS A C   1 
ATOM   628  O  O   . LYS A 1 77  ? -2.901  -3.356  -0.433  1.00 29.41  ? 127 LYS A O   1 
ATOM   629  C  CB  . LYS A 1 77  ? -4.843  -5.877  -1.549  1.00 29.53  ? 127 LYS A CB  1 
ATOM   630  C  CG  . LYS A 1 77  ? -4.841  -6.078  -0.054  1.00 46.36  ? 127 LYS A CG  1 
ATOM   631  C  CD  . LYS A 1 77  ? -5.269  -7.495  0.290   1.00 57.60  ? 127 LYS A CD  1 
ATOM   632  C  CE  . LYS A 1 77  ? -5.105  -7.753  1.775   1.00 69.26  ? 127 LYS A CE  1 
ATOM   633  N  NZ  . LYS A 1 77  ? -5.401  -9.164  2.134   1.00 73.56  ? 127 LYS A NZ  1 
ATOM   634  N  N   . TYR A 1 78  ? -1.873  -4.929  -1.661  1.00 29.02  ? 128 TYR A N   1 
ATOM   635  C  CA  . TYR A 1 78  ? -0.575  -4.692  -1.041  1.00 26.55  ? 128 TYR A CA  1 
ATOM   636  C  C   . TYR A 1 78  ? 0.019   -3.349  -1.449  1.00 29.83  ? 128 TYR A C   1 
ATOM   637  O  O   . TYR A 1 78  ? 0.772   -2.742  -0.685  1.00 27.50  ? 128 TYR A O   1 
ATOM   638  C  CB  . TYR A 1 78  ? 0.374   -5.849  -1.367  1.00 27.44  ? 128 TYR A CB  1 
ATOM   639  C  CG  . TYR A 1 78  ? -0.068  -7.121  -0.678  1.00 27.51  ? 128 TYR A CG  1 
ATOM   640  C  CD1 . TYR A 1 78  ? 0.070   -7.268  0.698   1.00 31.39  ? 128 TYR A CD1 1 
ATOM   641  C  CD2 . TYR A 1 78  ? -0.732  -8.131  -1.384  1.00 32.01  ? 128 TYR A CD2 1 
ATOM   642  C  CE1 . TYR A 1 78  ? -0.446  -8.382  1.364   1.00 27.07  ? 128 TYR A CE1 1 
ATOM   643  C  CE2 . TYR A 1 78  ? -1.258  -9.254  -0.729  1.00 31.59  ? 128 TYR A CE2 1 
ATOM   644  C  CZ  . TYR A 1 78  ? -1.108  -9.369  0.648   1.00 35.91  ? 128 TYR A CZ  1 
ATOM   645  O  OH  . TYR A 1 78  ? -1.605  -10.471 1.309   1.00 47.03  ? 128 TYR A OH  1 
ATOM   646  N  N   . GLN A 1 79  ? -0.335  -2.876  -2.642  1.00 23.53  ? 129 GLN A N   1 
ATOM   647  C  CA  . GLN A 1 79  ? 0.151   -1.581  -3.112  1.00 22.45  ? 129 GLN A CA  1 
ATOM   648  C  C   . GLN A 1 79  ? -0.572  -0.503  -2.322  1.00 23.36  ? 129 GLN A C   1 
ATOM   649  O  O   . GLN A 1 79  ? -0.014  0.560   -2.033  1.00 34.45  ? 129 GLN A O   1 
ATOM   650  C  CB  . GLN A 1 79  ? -0.121  -1.415  -4.609  1.00 20.15  ? 129 GLN A CB  1 
ATOM   651  C  CG  . GLN A 1 79  ? 0.631   -2.421  -5.449  1.00 24.66  ? 129 GLN A CG  1 
ATOM   652  C  CD  . GLN A 1 79  ? 0.082   -2.578  -6.848  1.00 27.48  ? 129 GLN A CD  1 
ATOM   653  O  OE1 . GLN A 1 79  ? 0.620   -3.356  -7.641  1.00 27.83  ? 129 GLN A OE1 1 
ATOM   654  N  NE2 . GLN A 1 79  ? -0.993  -1.854  -7.165  1.00 22.99  ? 129 GLN A NE2 1 
ATOM   655  N  N   . ILE A 1 80  ? -1.823  -0.778  -1.970  1.00 28.25  ? 130 ILE A N   1 
ATOM   656  C  CA  . ILE A 1 80  ? -2.604  0.171   -1.178  1.00 23.85  ? 130 ILE A CA  1 
ATOM   657  C  C   . ILE A 1 80  ? -1.972  0.306   0.208   1.00 26.86  ? 130 ILE A C   1 
ATOM   658  O  O   . ILE A 1 80  ? -1.850  1.412   0.745   1.00 34.70  ? 130 ILE A O   1 
ATOM   659  C  CB  . ILE A 1 80  ? -4.058  -0.305  -1.007  1.00 29.26  ? 130 ILE A CB  1 
ATOM   660  C  CG1 . ILE A 1 80  ? -4.800  -0.166  -2.344  1.00 26.58  ? 130 ILE A CG1 1 
ATOM   661  C  CG2 . ILE A 1 80  ? -4.748  0.504   0.104   1.00 14.97  ? 130 ILE A CG2 1 
ATOM   662  C  CD1 . ILE A 1 80  ? -6.159  -0.847  -2.363  1.00 21.95  ? 130 ILE A CD1 1 
ATOM   663  N  N   . LYS A 1 81  ? -1.565  -0.824  0.785   1.00 32.59  ? 131 LYS A N   1 
ATOM   664  C  CA  . LYS A 1 81  ? -0.936  -0.806  2.101   1.00 30.07  ? 131 LYS A CA  1 
ATOM   665  C  C   . LYS A 1 81  ? 0.319   0.062   2.101   1.00 29.81  ? 131 LYS A C   1 
ATOM   666  O  O   . LYS A 1 81  ? 0.519   0.893   2.995   1.00 30.47  ? 131 LYS A O   1 
ATOM   667  C  CB  . LYS A 1 81  ? -0.579  -2.226  2.547   1.00 33.26  ? 131 LYS A CB  1 
ATOM   668  C  CG  . LYS A 1 81  ? -1.530  -2.788  3.587   1.00 47.15  ? 131 LYS A CG  1 
ATOM   669  C  CD  . LYS A 1 81  ? -1.600  -1.850  4.792   1.00 56.15  ? 131 LYS A CD  1 
ATOM   670  C  CE  . LYS A 1 81  ? -2.649  -2.284  5.801   1.00 59.25  ? 131 LYS A CE  1 
ATOM   671  N  NZ  . LYS A 1 81  ? -2.795  -1.269  6.891   1.00 61.36  ? 131 LYS A NZ  1 
ATOM   672  N  N   . VAL A 1 82  ? 1.163   -0.124  1.089   1.00 26.78  ? 132 VAL A N   1 
ATOM   673  C  CA  . VAL A 1 82  ? 2.392   0.652   0.990   1.00 19.35  ? 132 VAL A CA  1 
ATOM   674  C  C   . VAL A 1 82  ? 2.101   2.152   0.941   1.00 23.33  ? 132 VAL A C   1 
ATOM   675  O  O   . VAL A 1 82  ? 2.689   2.926   1.696   1.00 34.38  ? 132 VAL A O   1 
ATOM   676  C  CB  . VAL A 1 82  ? 3.229   0.204   -0.245  1.00 29.24  ? 132 VAL A CB  1 
ATOM   677  C  CG1 . VAL A 1 82  ? 4.434   1.121   -0.442  1.00 28.52  ? 132 VAL A CG1 1 
ATOM   678  C  CG2 . VAL A 1 82  ? 3.716   -1.224  -0.030  1.00 15.66  ? 132 VAL A CG2 1 
ATOM   679  N  N   . GLU A 1 83  ? 1.198   2.559   0.057   1.00 30.17  ? 133 GLU A N   1 
ATOM   680  C  CA  . GLU A 1 83  ? 0.828   3.967   -0.058  1.00 22.13  ? 133 GLU A CA  1 
ATOM   681  C  C   . GLU A 1 83  ? 0.343   4.439   1.308   1.00 26.96  ? 133 GLU A C   1 
ATOM   682  O  O   . GLU A 1 83  ? 0.591   5.570   1.723   1.00 33.83  ? 133 GLU A O   1 
ATOM   683  C  CB  . GLU A 1 83  ? -0.291  4.114   -1.093  1.00 22.16  ? 133 GLU A CB  1 
ATOM   684  C  CG  . GLU A 1 83  ? -1.020  5.436   -1.054  1.00 27.90  ? 133 GLU A CG  1 
ATOM   685  C  CD  . GLU A 1 83  ? -0.154  6.624   -1.453  1.00 34.27  ? 133 GLU A CD  1 
ATOM   686  O  OE1 . GLU A 1 83  ? 1.069   6.443   -1.662  1.00 36.90  ? 133 GLU A OE1 1 
ATOM   687  O  OE2 . GLU A 1 83  ? -0.701  7.745   -1.553  1.00 43.06  ? 133 GLU A OE2 1 
ATOM   688  N  N   . ASN A 1 84  ? -0.348  3.552   2.015   1.00 24.72  ? 134 ASN A N   1 
ATOM   689  C  CA  . ASN A 1 84  ? -0.888  3.868   3.332   1.00 16.41  ? 134 ASN A CA  1 
ATOM   690  C  C   . ASN A 1 84  ? 0.250   4.049   4.347   1.00 27.06  ? 134 ASN A C   1 
ATOM   691  O  O   . ASN A 1 84  ? 0.317   5.060   5.042   1.00 25.36  ? 134 ASN A O   1 
ATOM   692  C  CB  . ASN A 1 84  ? -1.825  2.734   3.774   1.00 20.18  ? 134 ASN A CB  1 
ATOM   693  C  CG  . ASN A 1 84  ? -2.676  3.112   4.963   1.00 27.66  ? 134 ASN A CG  1 
ATOM   694  O  OD1 . ASN A 1 84  ? -2.194  3.722   5.913   1.00 32.46  ? 134 ASN A OD1 1 
ATOM   695  N  ND2 . ASN A 1 84  ? -3.954  2.746   4.920   1.00 27.21  ? 134 ASN A ND2 1 
ATOM   696  N  N   . TYR A 1 85  ? 1.123   3.047   4.451   1.00 18.59  ? 135 TYR A N   1 
ATOM   697  C  CA  . TYR A 1 85  ? 2.269   3.131   5.347   1.00 24.76  ? 135 TYR A CA  1 
ATOM   698  C  C   . TYR A 1 85  ? 3.062   4.405   5.097   1.00 26.68  ? 135 TYR A C   1 
ATOM   699  O  O   . TYR A 1 85  ? 3.411   5.123   6.033   1.00 32.67  ? 135 TYR A O   1 
ATOM   700  C  CB  . TYR A 1 85  ? 3.205   1.939   5.140   1.00 28.81  ? 135 TYR A CB  1 
ATOM   701  C  CG  . TYR A 1 85  ? 2.651   0.621   5.620   1.00 30.67  ? 135 TYR A CG  1 
ATOM   702  C  CD1 . TYR A 1 85  ? 1.529   0.580   6.456   1.00 29.52  ? 135 TYR A CD1 1 
ATOM   703  C  CD2 . TYR A 1 85  ? 3.285   -0.585  5.298   1.00 20.67  ? 135 TYR A CD2 1 
ATOM   704  C  CE1 . TYR A 1 85  ? 1.056   -0.612  6.963   1.00 23.90  ? 135 TYR A CE1 1 
ATOM   705  C  CE2 . TYR A 1 85  ? 2.816   -1.794  5.810   1.00 30.37  ? 135 TYR A CE2 1 
ATOM   706  C  CZ  . TYR A 1 85  ? 1.700   -1.794  6.646   1.00 32.31  ? 135 TYR A CZ  1 
ATOM   707  O  OH  . TYR A 1 85  ? 1.252   -2.969  7.212   1.00 37.43  ? 135 TYR A OH  1 
ATOM   708  N  N   . ILE A 1 86  ? 3.347   4.691   3.832   1.00 25.99  ? 136 ILE A N   1 
ATOM   709  C  CA  . ILE A 1 86  ? 4.124   5.877   3.521   1.00 23.95  ? 136 ILE A CA  1 
ATOM   710  C  C   . ILE A 1 86  ? 3.399   7.179   3.879   1.00 33.27  ? 136 ILE A C   1 
ATOM   711  O  O   . ILE A 1 86  ? 4.029   8.122   4.373   1.00 34.57  ? 136 ILE A O   1 
ATOM   712  C  CB  . ILE A 1 86  ? 4.580   5.870   2.044   1.00 24.88  ? 136 ILE A CB  1 
ATOM   713  C  CG1 . ILE A 1 86  ? 5.529   4.684   1.826   1.00 19.25  ? 136 ILE A CG1 1 
ATOM   714  C  CG2 . ILE A 1 86  ? 5.350   7.159   1.714   1.00 22.08  ? 136 ILE A CG2 1 
ATOM   715  C  CD1 . ILE A 1 86  ? 6.034   4.552   0.402   1.00 27.95  ? 136 ILE A CD1 1 
ATOM   716  N  N   . ARG A 1 87  ? 2.087   7.237   3.651   1.00 28.35  ? 137 ARG A N   1 
ATOM   717  C  CA  . ARG A 1 87  ? 1.344   8.432   4.019   1.00 23.01  ? 137 ARG A CA  1 
ATOM   718  C  C   . ARG A 1 87  ? 1.456   8.642   5.518   1.00 27.01  ? 137 ARG A C   1 
ATOM   719  O  O   . ARG A 1 87  ? 1.551   9.777   5.975   1.00 37.39  ? 137 ARG A O   1 
ATOM   720  C  CB  . ARG A 1 87  ? -0.138  8.322   3.640   1.00 27.68  ? 137 ARG A CB  1 
ATOM   721  C  CG  . ARG A 1 87  ? -0.425  8.692   2.189   1.00 32.48  ? 137 ARG A CG  1 
ATOM   722  C  CD  . ARG A 1 87  ? -1.916  8.781   1.906   1.00 29.58  ? 137 ARG A CD  1 
ATOM   723  N  NE  . ARG A 1 87  ? -2.187  8.540   0.494   1.00 35.65  ? 137 ARG A NE  1 
ATOM   724  C  CZ  . ARG A 1 87  ? -3.386  8.628   -0.072  1.00 38.01  ? 137 ARG A CZ  1 
ATOM   725  N  NH1 . ARG A 1 87  ? -4.445  8.961   0.655   1.00 34.96  ? 137 ARG A NH1 1 
ATOM   726  N  NH2 . ARG A 1 87  ? -3.527  8.360   -1.364  1.00 37.74  ? 137 ARG A NH2 1 
ATOM   727  N  N   . GLN A 1 88  ? 1.455   7.550   6.283   1.00 26.06  ? 138 GLN A N   1 
ATOM   728  C  CA  . GLN A 1 88  ? 1.554   7.646   7.744   1.00 27.87  ? 138 GLN A CA  1 
ATOM   729  C  C   . GLN A 1 88  ? 2.919   8.147   8.210   1.00 26.47  ? 138 GLN A C   1 
ATOM   730  O  O   . GLN A 1 88  ? 3.002   9.035   9.047   1.00 36.91  ? 138 GLN A O   1 
ATOM   731  C  CB  . GLN A 1 88  ? 1.252   6.291   8.397   1.00 25.53  ? 138 GLN A CB  1 
ATOM   732  C  CG  . GLN A 1 88  ? -0.229  5.861   8.317   1.00 15.58  ? 138 GLN A CG  1 
ATOM   733  C  CD  . GLN A 1 88  ? -0.445  4.457   8.883   1.00 20.78  ? 138 GLN A CD  1 
ATOM   734  O  OE1 . GLN A 1 88  ? -0.198  4.206   10.062  1.00 33.55  ? 138 GLN A OE1 1 
ATOM   735  N  NE2 . GLN A 1 88  ? -0.892  3.537   8.038   1.00 23.87  ? 138 GLN A NE2 1 
ATOM   736  N  N   . VAL A 1 89  ? 3.989   7.582   7.662   1.00 32.19  ? 139 VAL A N   1 
ATOM   737  C  CA  . VAL A 1 89  ? 5.336   8.000   8.036   1.00 27.57  ? 139 VAL A CA  1 
ATOM   738  C  C   . VAL A 1 89  ? 5.560   9.462   7.651   1.00 28.57  ? 139 VAL A C   1 
ATOM   739  O  O   . VAL A 1 89  ? 6.144   10.228  8.413   1.00 35.29  ? 139 VAL A O   1 
ATOM   740  C  CB  . VAL A 1 89  ? 6.392   7.141   7.343   1.00 34.98  ? 139 VAL A CB  1 
ATOM   741  C  CG1 . VAL A 1 89  ? 7.781   7.594   7.758   1.00 39.71  ? 139 VAL A CG1 1 
ATOM   742  C  CG2 . VAL A 1 89  ? 6.170   5.684   7.692   1.00 23.49  ? 139 VAL A CG2 1 
ATOM   743  N  N   . ALA A 1 90  ? 5.095   9.853   6.470   1.00 28.84  ? 140 ALA A N   1 
ATOM   744  C  CA  . ALA A 1 90  ? 5.250   11.237  6.032   1.00 28.67  ? 140 ALA A CA  1 
ATOM   745  C  C   . ALA A 1 90  ? 4.693   12.132  7.127   1.00 35.85  ? 140 ALA A C   1 
ATOM   746  O  O   . ALA A 1 90  ? 5.334   13.093  7.547   1.00 42.75  ? 140 ALA A O   1 
ATOM   747  C  CB  . ALA A 1 90  ? 4.488   11.475  4.746   1.00 30.37  ? 140 ALA A CB  1 
ATOM   748  N  N   . GLU A 1 91  ? 3.494   11.793  7.596   1.00 36.93  ? 141 GLU A N   1 
ATOM   749  C  CA  . GLU A 1 91  ? 2.830   12.563  8.640   1.00 41.09  ? 141 GLU A CA  1 
ATOM   750  C  C   . GLU A 1 91  ? 3.629   12.524  9.933   1.00 38.49  ? 141 GLU A C   1 
ATOM   751  O  O   . GLU A 1 91  ? 3.832   13.556  10.581  1.00 47.15  ? 141 GLU A O   1 
ATOM   752  C  CB  . GLU A 1 91  ? 1.418   12.021  8.889   1.00 50.84  ? 141 GLU A CB  1 
ATOM   753  C  CG  . GLU A 1 91  ? 0.472   13.060  9.463   1.00 59.11  ? 141 GLU A CG  1 
ATOM   754  C  CD  . GLU A 1 91  ? 0.078   14.120  8.442   1.00 67.09  ? 141 GLU A CD  1 
ATOM   755  O  OE1 . GLU A 1 91  ? 0.910   14.468  7.576   1.00 69.99  ? 141 GLU A OE1 1 
ATOM   756  O  OE2 . GLU A 1 91  ? -1.062  14.620  8.512   1.00 71.15  ? 141 GLU A OE2 1 
ATOM   757  N  N   . LEU A 1 92  ? 4.094   11.335  10.306  1.00 37.94  ? 142 LEU A N   1 
ATOM   758  C  CA  . LEU A 1 92  ? 4.883   11.183  11.529  1.00 34.74  ? 142 LEU A CA  1 
ATOM   759  C  C   . LEU A 1 92  ? 6.196   11.955  11.453  1.00 40.73  ? 142 LEU A C   1 
ATOM   760  O  O   . LEU A 1 92  ? 6.592   12.612  12.416  1.00 41.74  ? 142 LEU A O   1 
ATOM   761  C  CB  . LEU A 1 92  ? 5.165   9.705   11.790  1.00 29.21  ? 142 LEU A CB  1 
ATOM   762  C  CG  . LEU A 1 92  ? 3.913   8.924   12.206  1.00 38.61  ? 142 LEU A CG  1 
ATOM   763  C  CD1 . LEU A 1 92  ? 4.242   7.450   12.296  1.00 38.88  ? 142 LEU A CD1 1 
ATOM   764  C  CD2 . LEU A 1 92  ? 3.392   9.443   13.551  1.00 37.15  ? 142 LEU A CD2 1 
ATOM   765  N  N   . ARG A 1 93  ? 6.868   11.885  10.306  1.00 40.09  ? 143 ARG A N   1 
ATOM   766  C  CA  . ARG A 1 93  ? 8.136   12.589  10.158  1.00 40.41  ? 143 ARG A CA  1 
ATOM   767  C  C   . ARG A 1 93  ? 7.978   14.093  10.341  1.00 38.11  ? 143 ARG A C   1 
ATOM   768  O  O   . ARG A 1 93  ? 8.888   14.752  10.841  1.00 47.40  ? 143 ARG A O   1 
ATOM   769  C  CB  . ARG A 1 93  ? 8.763   12.291  8.796   1.00 31.76  ? 143 ARG A CB  1 
ATOM   770  C  CG  . ARG A 1 93  ? 9.201   10.852  8.647   1.00 34.10  ? 143 ARG A CG  1 
ATOM   771  C  CD  . ARG A 1 93  ? 9.796   10.617  7.269   1.00 46.92  ? 143 ARG A CD  1 
ATOM   772  N  NE  . ARG A 1 93  ? 11.115  11.231  7.118   1.00 57.45  ? 143 ARG A NE  1 
ATOM   773  C  CZ  . ARG A 1 93  ? 11.673  11.519  5.947   1.00 52.96  ? 143 ARG A CZ  1 
ATOM   774  N  NH1 . ARG A 1 93  ? 11.025  11.257  4.819   1.00 49.09  ? 143 ARG A NH1 1 
ATOM   775  N  NH2 . ARG A 1 93  ? 12.884  12.058  5.899   1.00 47.84  ? 143 ARG A NH2 1 
ATOM   776  N  N   . LYS A 1 94  ? 6.832   14.638  9.942   1.00 35.31  ? 144 LYS A N   1 
ATOM   777  C  CA  . LYS A 1 94  ? 6.584   16.070  10.095  1.00 39.29  ? 144 LYS A CA  1 
ATOM   778  C  C   . LYS A 1 94  ? 6.281   16.429  11.548  1.00 48.17  ? 144 LYS A C   1 
ATOM   779  O  O   . LYS A 1 94  ? 6.588   17.522  12.000  1.00 41.73  ? 144 LYS A O   1 
ATOM   780  C  CB  . LYS A 1 94  ? 5.412   16.513  9.223   1.00 37.48  ? 144 LYS A CB  1 
ATOM   781  C  CG  . LYS A 1 94  ? 5.656   16.347  7.738   1.00 49.60  ? 144 LYS A CG  1 
ATOM   782  C  CD  . LYS A 1 94  ? 4.386   16.587  6.931   1.00 57.27  ? 144 LYS A CD  1 
ATOM   783  C  CE  . LYS A 1 94  ? 4.564   16.103  5.494   1.00 62.83  ? 144 LYS A CE  1 
ATOM   784  N  NZ  . LYS A 1 94  ? 3.263   15.769  4.841   1.00 63.13  ? 144 LYS A NZ  1 
ATOM   785  N  N   . LYS A 1 95  ? 5.676   15.497  12.275  1.00 59.79  ? 145 LYS A N   1 
ATOM   786  C  CA  . LYS A 1 95  ? 5.312   15.719  13.672  1.00 56.02  ? 145 LYS A CA  1 
ATOM   787  C  C   . LYS A 1 95  ? 6.506   15.472  14.591  1.00 58.75  ? 145 LYS A C   1 
ATOM   788  O  O   . LYS A 1 95  ? 6.590   16.030  15.685  1.00 60.32  ? 145 LYS A O   1 
ATOM   789  C  CB  . LYS A 1 95  ? 4.153   14.790  14.037  1.00 53.30  ? 145 LYS A CB  1 
ATOM   790  C  CG  . LYS A 1 95  ? 3.327   15.208  15.233  1.00 57.79  ? 145 LYS A CG  1 
ATOM   791  C  CD  . LYS A 1 95  ? 2.008   14.436  15.263  1.00 62.52  ? 145 LYS A CD  1 
ATOM   792  C  CE  . LYS A 1 95  ? 1.184   14.704  14.000  1.00 63.14  ? 145 LYS A CE  1 
ATOM   793  N  NZ  . LYS A 1 95  ? -0.099  13.951  13.971  1.00 64.28  ? 145 LYS A NZ  1 
ATOM   794  N  N   . TYR A 1 96  ? 7.432   14.635  14.136  1.00 52.54  ? 146 TYR A N   1 
ATOM   795  C  CA  . TYR A 1 96  ? 8.633   14.321  14.906  1.00 41.88  ? 146 TYR A CA  1 
ATOM   796  C  C   . TYR A 1 96  ? 9.853   14.393  13.988  1.00 46.53  ? 146 TYR A C   1 
ATOM   797  O  O   . TYR A 1 96  ? 10.566  13.407  13.795  1.00 54.45  ? 146 TYR A O   1 
ATOM   798  C  CB  . TYR A 1 96  ? 8.503   12.927  15.525  1.00 39.72  ? 146 TYR A CB  1 
ATOM   799  C  CG  . TYR A 1 96  ? 7.255   12.775  16.374  1.00 45.18  ? 146 TYR A CG  1 
ATOM   800  C  CD1 . TYR A 1 96  ? 7.012   13.635  17.448  1.00 53.74  ? 146 TYR A CD1 1 
ATOM   801  C  CD2 . TYR A 1 96  ? 6.303   11.796  16.086  1.00 39.20  ? 146 TYR A CD2 1 
ATOM   802  C  CE1 . TYR A 1 96  ? 5.851   13.527  18.213  1.00 57.71  ? 146 TYR A CE1 1 
ATOM   803  C  CE2 . TYR A 1 96  ? 5.137   11.678  16.848  1.00 50.45  ? 146 TYR A CE2 1 
ATOM   804  C  CZ  . TYR A 1 96  ? 4.918   12.548  17.908  1.00 52.59  ? 146 TYR A CZ  1 
ATOM   805  O  OH  . TYR A 1 96  ? 3.770   12.443  18.661  1.00 48.76  ? 146 TYR A OH  1 
ATOM   806  N  N   . PRO A 1 97  ? 10.107  15.580  13.411  1.00 51.75  ? 147 PRO A N   1 
ATOM   807  C  CA  . PRO A 1 97  ? 11.227  15.828  12.498  1.00 52.70  ? 147 PRO A CA  1 
ATOM   808  C  C   . PRO A 1 97  ? 12.595  15.546  13.109  1.00 57.53  ? 147 PRO A C   1 
ATOM   809  O  O   . PRO A 1 97  ? 12.852  15.867  14.273  1.00 63.10  ? 147 PRO A O   1 
ATOM   810  C  CB  . PRO A 1 97  ? 11.054  17.299  12.142  1.00 58.41  ? 147 PRO A CB  1 
ATOM   811  C  CG  . PRO A 1 97  ? 10.493  17.871  13.410  1.00 53.72  ? 147 PRO A CG  1 
ATOM   812  C  CD  . PRO A 1 97  ? 9.436   16.846  13.761  1.00 52.13  ? 147 PRO A CD  1 
ATOM   813  N  N   . GLY A 1 98  ? 13.472  14.947  12.313  1.00 49.57  ? 148 GLY A N   1 
ATOM   814  C  CA  . GLY A 1 98  ? 14.803  14.649  12.798  1.00 59.05  ? 148 GLY A CA  1 
ATOM   815  C  C   . GLY A 1 98  ? 14.947  13.299  13.465  1.00 66.06  ? 148 GLY A C   1 
ATOM   816  O  O   . GLY A 1 98  ? 15.871  12.558  13.134  1.00 74.02  ? 148 GLY A O   1 
ATOM   817  N  N   . ASP A 1 99  ? 14.047  12.977  14.395  1.00 66.56  ? 149 ASP A N   1 
ATOM   818  C  CA  . ASP A 1 99  ? 14.108  11.698  15.104  1.00 58.68  ? 149 ASP A CA  1 
ATOM   819  C  C   . ASP A 1 99  ? 14.726  10.649  14.201  1.00 47.90  ? 149 ASP A C   1 
ATOM   820  O  O   . ASP A 1 99  ? 14.162  10.300  13.168  1.00 53.10  ? 149 ASP A O   1 
ATOM   821  C  CB  . ASP A 1 99  ? 12.719  11.227  15.528  1.00 49.81  ? 149 ASP A CB  1 
ATOM   822  C  CG  . ASP A 1 99  ? 12.766  9.893   16.258  1.00 38.57  ? 149 ASP A CG  1 
ATOM   823  O  OD1 . ASP A 1 99  ? 13.126  9.862   17.453  1.00 44.86  ? 149 ASP A OD1 1 
ATOM   824  O  OD2 . ASP A 1 99  ? 12.462  8.866   15.625  1.00 37.47  ? 149 ASP A OD2 1 
ATOM   825  N  N   . ASN A 1 100 ? 15.889  10.149  14.600  1.00 50.80  ? 150 ASN A N   1 
ATOM   826  C  CA  . ASN A 1 100 ? 16.611  9.164   13.818  1.00 53.29  ? 150 ASN A CA  1 
ATOM   827  C  C   . ASN A 1 100 ? 15.849  7.884   13.521  1.00 45.14  ? 150 ASN A C   1 
ATOM   828  O  O   . ASN A 1 100 ? 15.669  7.526   12.358  1.00 55.11  ? 150 ASN A O   1 
ATOM   829  C  CB  . ASN A 1 100 ? 17.939  8.837   14.499  1.00 60.78  ? 150 ASN A CB  1 
ATOM   830  C  CG  . ASN A 1 100 ? 18.975  9.935   14.304  1.00 71.42  ? 150 ASN A CG  1 
ATOM   831  O  OD1 . ASN A 1 100 ? 20.067  9.883   14.870  1.00 77.82  ? 150 ASN A OD1 1 
ATOM   832  N  ND2 . ASN A 1 100 ? 18.636  10.931  13.493  1.00 73.73  ? 150 ASN A ND2 1 
ATOM   833  N  N   . THR A 1 101 ? 15.399  7.197   14.565  1.00 36.45  ? 151 THR A N   1 
ATOM   834  C  CA  . THR A 1 101 ? 14.673  5.947   14.397  1.00 38.30  ? 151 THR A CA  1 
ATOM   835  C  C   . THR A 1 101 ? 13.656  5.972   13.242  1.00 36.29  ? 151 THR A C   1 
ATOM   836  O  O   . THR A 1 101 ? 13.680  5.102   12.370  1.00 36.81  ? 151 THR A O   1 
ATOM   837  C  CB  . THR A 1 101 ? 13.969  5.571   15.697  1.00 42.38  ? 151 THR A CB  1 
ATOM   838  O  OG1 . THR A 1 101 ? 14.902  5.695   16.781  1.00 43.13  ? 151 THR A OG1 1 
ATOM   839  C  CG2 . THR A 1 101 ? 13.453  4.131   15.633  1.00 47.39  ? 151 THR A CG2 1 
ATOM   840  N  N   . ILE A 1 102 ? 12.789  6.981   13.217  1.00 35.66  ? 152 ILE A N   1 
ATOM   841  C  CA  . ILE A 1 102 ? 11.786  7.088   12.158  1.00 37.24  ? 152 ILE A CA  1 
ATOM   842  C  C   . ILE A 1 102 ? 12.432  7.220   10.779  1.00 45.05  ? 152 ILE A C   1 
ATOM   843  O  O   . ILE A 1 102 ? 12.045  6.530   9.825   1.00 40.51  ? 152 ILE A O   1 
ATOM   844  C  CB  . ILE A 1 102 ? 10.852  8.302   12.375  1.00 35.21  ? 152 ILE A CB  1 
ATOM   845  C  CG1 . ILE A 1 102 ? 10.169  8.209   13.744  1.00 36.97  ? 152 ILE A CG1 1 
ATOM   846  C  CG2 . ILE A 1 102 ? 9.803   8.344   11.266  1.00 30.68  ? 152 ILE A CG2 1 
ATOM   847  C  CD1 . ILE A 1 102 ? 9.244   9.382   14.057  1.00 33.58  ? 152 ILE A CD1 1 
ATOM   848  N  N   . GLU A 1 103 ? 13.417  8.109   10.679  1.00 47.81  ? 153 GLU A N   1 
ATOM   849  C  CA  . GLU A 1 103 ? 14.111  8.339   9.419   1.00 43.85  ? 153 GLU A CA  1 
ATOM   850  C  C   . GLU A 1 103 ? 14.834  7.076   8.962   1.00 40.67  ? 153 GLU A C   1 
ATOM   851  O  O   . GLU A 1 103 ? 14.829  6.741   7.781   1.00 45.85  ? 153 GLU A O   1 
ATOM   852  C  CB  . GLU A 1 103 ? 15.129  9.470   9.575   1.00 44.92  ? 153 GLU A CB  1 
ATOM   853  C  CG  . GLU A 1 103 ? 14.649  10.674  10.384  1.00 63.05  ? 153 GLU A CG  1 
ATOM   854  C  CD  . GLU A 1 103 ? 13.359  11.286  9.859   1.00 77.57  ? 153 GLU A CD  1 
ATOM   855  O  OE1 . GLU A 1 103 ? 13.265  11.506  8.632   1.00 82.71  ? 153 GLU A OE1 1 
ATOM   856  O  OE2 . GLU A 1 103 ? 12.448  11.559  10.678  1.00 75.37  ? 153 GLU A OE2 1 
ATOM   857  N  N   . GLU A 1 104 ? 15.440  6.371   9.912   1.00 34.58  ? 154 GLU A N   1 
ATOM   858  C  CA  . GLU A 1 104 ? 16.190  5.152   9.626   1.00 41.67  ? 154 GLU A CA  1 
ATOM   859  C  C   . GLU A 1 104 ? 15.323  3.971   9.194   1.00 47.03  ? 154 GLU A C   1 
ATOM   860  O  O   . GLU A 1 104 ? 15.653  3.283   8.221   1.00 50.31  ? 154 GLU A O   1 
ATOM   861  C  CB  . GLU A 1 104 ? 17.013  4.750   10.852  1.00 43.17  ? 154 GLU A CB  1 
ATOM   862  C  CG  . GLU A 1 104 ? 18.015  5.802   11.295  1.00 55.37  ? 154 GLU A CG  1 
ATOM   863  C  CD  . GLU A 1 104 ? 18.503  5.584   12.715  1.00 72.16  ? 154 GLU A CD  1 
ATOM   864  O  OE1 . GLU A 1 104 ? 19.388  6.345   13.161  1.00 76.05  ? 154 GLU A OE1 1 
ATOM   865  O  OE2 . GLU A 1 104 ? 17.996  4.657   13.385  1.00 75.64  ? 154 GLU A OE2 1 
ATOM   866  N  N   . GLU A 1 105 ? 14.232  3.720   9.922   1.00 33.86  ? 155 GLU A N   1 
ATOM   867  C  CA  . GLU A 1 105 ? 13.344  2.612   9.582   1.00 26.06  ? 155 GLU A CA  1 
ATOM   868  C  C   . GLU A 1 105 ? 12.767  2.897   8.197   1.00 30.09  ? 155 GLU A C   1 
ATOM   869  O  O   . GLU A 1 105 ? 12.777  2.044   7.313   1.00 36.41  ? 155 GLU A O   1 
ATOM   870  C  CB  . GLU A 1 105 ? 12.215  2.488   10.614  1.00 29.90  ? 155 GLU A CB  1 
ATOM   871  C  CG  . GLU A 1 105 ? 12.673  2.108   12.023  1.00 35.26  ? 155 GLU A CG  1 
ATOM   872  C  CD  . GLU A 1 105 ? 12.923  0.623   12.202  1.00 35.53  ? 155 GLU A CD  1 
ATOM   873  O  OE1 . GLU A 1 105 ? 12.983  -0.106  11.191  1.00 35.76  ? 155 GLU A OE1 1 
ATOM   874  O  OE2 . GLU A 1 105 ? 13.068  0.183   13.363  1.00 46.65  ? 155 GLU A OE2 1 
ATOM   875  N  N   . TYR A 1 106 ? 12.291  4.118   8.014   1.00 28.17  ? 156 TYR A N   1 
ATOM   876  C  CA  . TYR A 1 106 ? 11.716  4.535   6.744   1.00 27.16  ? 156 TYR A CA  1 
ATOM   877  C  C   . TYR A 1 106 ? 12.676  4.313   5.570   1.00 32.59  ? 156 TYR A C   1 
ATOM   878  O  O   . TYR A 1 106 ? 12.341  3.627   4.606   1.00 40.05  ? 156 TYR A O   1 
ATOM   879  C  CB  . TYR A 1 106 ? 11.337  6.013   6.819   1.00 24.09  ? 156 TYR A CB  1 
ATOM   880  C  CG  . TYR A 1 106 ? 10.924  6.590   5.490   1.00 27.00  ? 156 TYR A CG  1 
ATOM   881  C  CD1 . TYR A 1 106 ? 9.802   6.106   4.820   1.00 27.31  ? 156 TYR A CD1 1 
ATOM   882  C  CD2 . TYR A 1 106 ? 11.670  7.596   4.881   1.00 36.73  ? 156 TYR A CD2 1 
ATOM   883  C  CE1 . TYR A 1 106 ? 9.438   6.603   3.581   1.00 24.55  ? 156 TYR A CE1 1 
ATOM   884  C  CE2 . TYR A 1 106 ? 11.311  8.102   3.632   1.00 36.21  ? 156 TYR A CE2 1 
ATOM   885  C  CZ  . TYR A 1 106 ? 10.198  7.600   2.991   1.00 35.18  ? 156 TYR A CZ  1 
ATOM   886  O  OH  . TYR A 1 106 ? 9.846   8.077   1.750   1.00 49.17  ? 156 TYR A OH  1 
ATOM   887  N  N   . ASN A 1 107 ? 13.868  4.894   5.662   1.00 30.80  ? 157 ASN A N   1 
ATOM   888  C  CA  . ASN A 1 107 ? 14.866  4.779   4.601   1.00 37.20  ? 157 ASN A CA  1 
ATOM   889  C  C   . ASN A 1 107 ? 15.291  3.352   4.318   1.00 38.62  ? 157 ASN A C   1 
ATOM   890  O  O   . ASN A 1 107 ? 15.460  2.961   3.168   1.00 39.77  ? 157 ASN A O   1 
ATOM   891  C  CB  . ASN A 1 107 ? 16.105  5.607   4.941   1.00 24.87  ? 157 ASN A CB  1 
ATOM   892  C  CG  . ASN A 1 107 ? 15.865  7.096   4.799   1.00 55.38  ? 157 ASN A CG  1 
ATOM   893  O  OD1 . ASN A 1 107 ? 16.698  7.907   5.196   1.00 57.57  ? 157 ASN A OD1 1 
ATOM   894  N  ND2 . ASN A 1 107 ? 14.727  7.463   4.227   1.00 54.41  ? 157 ASN A ND2 1 
ATOM   895  N  N   . ALA A 1 108 ? 15.458  2.571   5.374   1.00 30.64  ? 158 ALA A N   1 
ATOM   896  C  CA  . ALA A 1 108 ? 15.887  1.192   5.228   1.00 27.64  ? 158 ALA A CA  1 
ATOM   897  C  C   . ALA A 1 108 ? 14.810  0.212   4.763   1.00 32.66  ? 158 ALA A C   1 
ATOM   898  O  O   . ALA A 1 108 ? 15.102  -0.700  4.004   1.00 27.95  ? 158 ALA A O   1 
ATOM   899  C  CB  . ALA A 1 108 ? 16.468  0.703   6.551   1.00 33.49  ? 158 ALA A CB  1 
ATOM   900  N  N   . HIS A 1 109 ? 13.565  0.410   5.190   1.00 37.39  ? 159 HIS A N   1 
ATOM   901  C  CA  . HIS A 1 109 ? 12.523  -0.557  4.868   1.00 38.70  ? 159 HIS A CA  1 
ATOM   902  C  C   . HIS A 1 109 ? 11.273  -0.137  4.109   1.00 41.25  ? 159 HIS A C   1 
ATOM   903  O  O   . HIS A 1 109 ? 10.582  -0.997  3.569   1.00 37.56  ? 159 HIS A O   1 
ATOM   904  C  CB  . HIS A 1 109 ? 12.067  -1.232  6.162   1.00 39.48  ? 159 HIS A CB  1 
ATOM   905  C  CG  . HIS A 1 109 ? 13.181  -1.814  6.974   1.00 36.09  ? 159 HIS A CG  1 
ATOM   906  N  ND1 . HIS A 1 109 ? 13.955  -2.866  6.531   1.00 32.30  ? 159 HIS A ND1 1 
ATOM   907  C  CD2 . HIS A 1 109 ? 13.629  -1.515  8.217   1.00 34.12  ? 159 HIS A CD2 1 
ATOM   908  C  CE1 . HIS A 1 109 ? 14.830  -3.190  7.469   1.00 42.25  ? 159 HIS A CE1 1 
ATOM   909  N  NE2 . HIS A 1 109 ? 14.652  -2.385  8.502   1.00 36.96  ? 159 HIS A NE2 1 
ATOM   910  N  N   . LEU A 1 110 ? 10.963  1.153   4.058   1.00 33.16  ? 160 LEU A N   1 
ATOM   911  C  CA  . LEU A 1 110 ? 9.743   1.567   3.380   1.00 33.57  ? 160 LEU A CA  1 
ATOM   912  C  C   . LEU A 1 110 ? 9.927   2.486   2.191   1.00 35.61  ? 160 LEU A C   1 
ATOM   913  O  O   . LEU A 1 110 ? 9.221   2.350   1.193   1.00 21.20  ? 160 LEU A O   1 
ATOM   914  C  CB  . LEU A 1 110 ? 8.786   2.216   4.389   1.00 26.33  ? 160 LEU A CB  1 
ATOM   915  C  CG  . LEU A 1 110 ? 8.451   1.342   5.609   1.00 26.12  ? 160 LEU A CG  1 
ATOM   916  C  CD1 . LEU A 1 110 ? 8.068   2.209   6.797   1.00 25.30  ? 160 LEU A CD1 1 
ATOM   917  C  CD2 . LEU A 1 110 ? 7.352   0.364   5.251   1.00 34.05  ? 160 LEU A CD2 1 
ATOM   918  N  N   . LYS A 1 111 ? 10.865  3.420   2.291   1.00 36.83  ? 161 LYS A N   1 
ATOM   919  C  CA  . LYS A 1 111 ? 11.097  4.361   1.200   1.00 35.35  ? 161 LYS A CA  1 
ATOM   920  C  C   . LYS A 1 111 ? 11.213  3.645   -0.135  1.00 26.28  ? 161 LYS A C   1 
ATOM   921  O  O   . LYS A 1 111 ? 11.988  2.708   -0.273  1.00 40.27  ? 161 LYS A O   1 
ATOM   922  C  CB  . LYS A 1 111 ? 12.359  5.191   1.447   1.00 36.13  ? 161 LYS A CB  1 
ATOM   923  C  CG  . LYS A 1 111 ? 12.608  6.220   0.360   1.00 39.25  ? 161 LYS A CG  1 
ATOM   924  C  CD  . LYS A 1 111 ? 13.816  7.100   0.641   1.00 46.30  ? 161 LYS A CD  1 
ATOM   925  C  CE  . LYS A 1 111 ? 14.009  8.094   -0.501  1.00 58.34  ? 161 LYS A CE  1 
ATOM   926  N  NZ  . LYS A 1 111 ? 15.132  9.040   -0.264  1.00 63.48  ? 161 LYS A NZ  1 
ATOM   927  N  N   . GLN A 1 112 ? 10.430  4.105   -1.106  1.00 26.42  ? 162 GLN A N   1 
ATOM   928  C  CA  . GLN A 1 112 ? 10.414  3.537   -2.451  1.00 31.67  ? 162 GLN A CA  1 
ATOM   929  C  C   . GLN A 1 112 ? 11.330  4.348   -3.367  1.00 38.60  ? 162 GLN A C   1 
ATOM   930  O  O   . GLN A 1 112 ? 11.236  5.578   -3.418  1.00 42.57  ? 162 GLN A O   1 
ATOM   931  C  CB  . GLN A 1 112 ? 8.989   3.558   -3.017  1.00 37.02  ? 162 GLN A CB  1 
ATOM   932  C  CG  . GLN A 1 112 ? 7.962   2.818   -2.173  1.00 32.24  ? 162 GLN A CG  1 
ATOM   933  C  CD  . GLN A 1 112 ? 8.121   1.318   -2.244  1.00 31.35  ? 162 GLN A CD  1 
ATOM   934  O  OE1 . GLN A 1 112 ? 8.008   0.721   -3.316  1.00 44.66  ? 162 GLN A OE1 1 
ATOM   935  N  NE2 . GLN A 1 112 ? 8.384   0.694   -1.101  1.00 31.61  ? 162 GLN A NE2 1 
ATOM   936  N  N   . ASP A 1 113 ? 12.203  3.652   -4.093  1.00 38.28  ? 163 ASP A N   1 
ATOM   937  C  CA  . ASP A 1 113 ? 13.151  4.289   -5.012  1.00 49.08  ? 163 ASP A CA  1 
ATOM   938  C  C   . ASP A 1 113 ? 13.411  3.385   -6.204  1.00 47.96  ? 163 ASP A C   1 
ATOM   939  O  O   . ASP A 1 113 ? 13.225  2.168   -6.121  1.00 44.86  ? 163 ASP A O   1 
ATOM   940  C  CB  . ASP A 1 113 ? 14.481  4.570   -4.301  1.00 58.95  ? 163 ASP A CB  1 
ATOM   941  C  CG  . ASP A 1 113 ? 14.568  5.986   -3.746  1.00 77.05  ? 163 ASP A CG  1 
ATOM   942  O  OD1 . ASP A 1 113 ? 15.481  6.246   -2.932  1.00 82.53  ? 163 ASP A OD1 1 
ATOM   943  O  OD2 . ASP A 1 113 ? 13.736  6.843   -4.125  1.00 79.75  ? 163 ASP A OD2 1 
ATOM   944  N  N   . GLU A 1 114 ? 13.836  3.975   -7.316  1.00 46.83  ? 164 GLU A N   1 
ATOM   945  C  CA  . GLU A 1 114 ? 14.131  3.181   -8.500  1.00 47.82  ? 164 GLU A CA  1 
ATOM   946  C  C   . GLU A 1 114 ? 15.107  2.108   -8.036  1.00 50.14  ? 164 GLU A C   1 
ATOM   947  O  O   . GLU A 1 114 ? 16.122  2.406   -7.401  1.00 50.78  ? 164 GLU A O   1 
ATOM   948  C  CB  . GLU A 1 114 ? 14.752  4.051   -9.597  1.00 46.18  ? 164 GLU A CB  1 
ATOM   949  C  CG  . GLU A 1 114 ? 14.746  3.426   -11.009 1.00 43.08  ? 164 GLU A CG  1 
ATOM   950  C  CD  . GLU A 1 114 ? 15.809  2.370   -11.205 1.00 54.53  ? 164 GLU A CD  1 
ATOM   951  O  OE1 . GLU A 1 114 ? 16.978  2.632   -10.851 1.00 44.72  ? 164 GLU A OE1 1 
ATOM   952  O  OE2 . GLU A 1 114 ? 15.481  1.281   -11.727 1.00 67.26  ? 164 GLU A OE2 1 
ATOM   953  N  N   . GLY A 1 115 ? 14.787  0.858   -8.343  1.00 56.86  ? 165 GLY A N   1 
ATOM   954  C  CA  . GLY A 1 115 ? 15.628  -0.244  -7.913  1.00 56.42  ? 165 GLY A CA  1 
ATOM   955  C  C   . GLY A 1 115 ? 14.968  -0.909  -6.720  1.00 55.74  ? 165 GLY A C   1 
ATOM   956  O  O   . GLY A 1 115 ? 14.496  -2.040  -6.823  1.00 69.01  ? 165 GLY A O   1 
ATOM   957  N  N   . LYS A 1 116 ? 14.912  -0.196  -5.597  1.00 50.50  ? 166 LYS A N   1 
ATOM   958  C  CA  . LYS A 1 116 ? 14.303  -0.711  -4.372  1.00 60.43  ? 166 LYS A CA  1 
ATOM   959  C  C   . LYS A 1 116 ? 12.858  -0.240  -4.193  1.00 52.78  ? 166 LYS A C   1 
ATOM   960  O  O   . LYS A 1 116 ? 12.581  0.644   -3.377  1.00 50.07  ? 166 LYS A O   1 
ATOM   961  C  CB  . LYS A 1 116 ? 15.135  -0.288  -3.147  1.00 73.24  ? 166 LYS A CB  1 
ATOM   962  C  CG  . LYS A 1 116 ? 14.522  -0.647  -1.780  1.00 80.97  ? 166 LYS A CG  1 
ATOM   963  C  CD  . LYS A 1 116 ? 14.511  -2.153  -1.513  1.00 82.18  ? 166 LYS A CD  1 
ATOM   964  C  CE  . LYS A 1 116 ? 13.709  -2.515  -0.250  1.00 49.14  ? 166 LYS A CE  1 
ATOM   965  N  NZ  . LYS A 1 116 ? 14.221  -1.932  1.043   1.00 40.81  ? 166 LYS A NZ  1 
ATOM   966  N  N   . SER A 1 117 ? 11.943  -0.821  -4.966  1.00 42.66  ? 167 SER A N   1 
ATOM   967  C  CA  . SER A 1 117 ? 10.521  -0.485  -4.875  1.00 32.95  ? 167 SER A CA  1 
ATOM   968  C  C   . SER A 1 117 ? 9.708   -1.725  -5.212  1.00 34.94  ? 167 SER A C   1 
ATOM   969  O  O   . SER A 1 117 ? 10.247  -2.707  -5.714  1.00 30.46  ? 167 SER A O   1 
ATOM   970  C  CB  . SER A 1 117 ? 10.148  0.620   -5.859  1.00 27.94  ? 167 SER A CB  1 
ATOM   971  O  OG  . SER A 1 117 ? 10.077  0.107   -7.177  1.00 35.42  ? 167 SER A OG  1 
ATOM   972  N  N   . ILE A 1 118 ? 8.410   -1.690  -4.937  1.00 36.50  ? 168 ILE A N   1 
ATOM   973  C  CA  . ILE A 1 118 ? 7.567   -2.831  -5.252  1.00 35.22  ? 168 ILE A CA  1 
ATOM   974  C  C   . ILE A 1 118 ? 7.022   -2.691  -6.663  1.00 36.01  ? 168 ILE A C   1 
ATOM   975  O  O   . ILE A 1 118 ? 6.006   -3.291  -7.001  1.00 32.91  ? 168 ILE A O   1 
ATOM   976  C  CB  . ILE A 1 118 ? 6.379   -2.969  -4.275  1.00 28.25  ? 168 ILE A CB  1 
ATOM   977  C  CG1 . ILE A 1 118 ? 5.510   -1.705  -4.315  1.00 27.10  ? 168 ILE A CG1 1 
ATOM   978  C  CG2 . ILE A 1 118 ? 6.900   -3.256  -2.864  1.00 24.79  ? 168 ILE A CG2 1 
ATOM   979  C  CD1 . ILE A 1 118 ? 4.253   -1.802  -3.458  1.00 22.22  ? 168 ILE A CD1 1 
ATOM   980  N  N   . ALA A 1 119 ? 7.696   -1.891  -7.484  1.00 37.59  ? 169 ALA A N   1 
ATOM   981  C  CA  . ALA A 1 119 ? 7.261   -1.704  -8.866  1.00 39.97  ? 169 ALA A CA  1 
ATOM   982  C  C   . ALA A 1 119 ? 7.597   -2.978  -9.641  1.00 44.03  ? 169 ALA A C   1 
ATOM   983  O  O   . ALA A 1 119 ? 6.912   -3.348  -10.588 1.00 39.98  ? 169 ALA A O   1 
ATOM   984  C  CB  . ALA A 1 119 ? 7.977   -0.501  -9.490  1.00 28.88  ? 169 ALA A CB  1 
ATOM   985  N  N   . SER A 1 120 ? 8.651   -3.656  -9.210  1.00 54.32  ? 170 SER A N   1 
ATOM   986  C  CA  . SER A 1 120 ? 9.094   -4.875  -9.866  1.00 65.94  ? 170 SER A CA  1 
ATOM   987  C  C   . SER A 1 120 ? 8.587   -6.135  -9.169  1.00 63.82  ? 170 SER A C   1 
ATOM   988  O  O   . SER A 1 120 ? 8.930   -7.249  -9.568  1.00 66.39  ? 170 SER A O   1 
ATOM   989  C  CB  . SER A 1 120 ? 10.623  -4.899  -9.907  1.00 65.35  ? 170 SER A CB  1 
ATOM   990  O  OG  . SER A 1 120 ? 11.162  -4.708  -8.606  1.00 54.52  ? 170 SER A OG  1 
ATOM   991  N  N   . GLN A 1 121 ? 7.766   -5.963  -8.138  1.00 54.91  ? 171 GLN A N   1 
ATOM   992  C  CA  . GLN A 1 121 ? 7.259   -7.109  -7.397  1.00 41.27  ? 171 GLN A CA  1 
ATOM   993  C  C   . GLN A 1 121 ? 5.789   -7.448  -7.619  1.00 29.77  ? 171 GLN A C   1 
ATOM   994  O  O   . GLN A 1 121 ? 4.946   -6.577  -7.853  1.00 31.94  ? 171 GLN A O   1 
ATOM   995  C  CB  . GLN A 1 121 ? 7.545   -6.918  -5.909  1.00 40.52  ? 171 GLN A CB  1 
ATOM   996  C  CG  . GLN A 1 121 ? 9.033   -6.758  -5.616  1.00 37.18  ? 171 GLN A CG  1 
ATOM   997  C  CD  . GLN A 1 121 ? 9.320   -6.445  -4.168  1.00 42.39  ? 171 GLN A CD  1 
ATOM   998  O  OE1 . GLN A 1 121 ? 10.417  -6.009  -3.824  1.00 55.92  ? 171 GLN A OE1 1 
ATOM   999  N  NE2 . GLN A 1 121 ? 8.341   -6.674  -3.306  1.00 45.92  ? 171 GLN A NE2 1 
ATOM   1000 N  N   . GLU A 1 122 ? 5.502   -8.740  -7.532  1.00 35.34  ? 172 GLU A N   1 
ATOM   1001 C  CA  . GLU A 1 122 ? 4.167   -9.257  -7.740  1.00 37.75  ? 172 GLU A CA  1 
ATOM   1002 C  C   . GLU A 1 122 ? 3.991   -10.555 -6.949  1.00 31.84  ? 172 GLU A C   1 
ATOM   1003 O  O   . GLU A 1 122 ? 4.955   -11.102 -6.414  1.00 38.43  ? 172 GLU A O   1 
ATOM   1004 C  CB  . GLU A 1 122 ? 3.987   -9.484  -9.247  1.00 50.75  ? 172 GLU A CB  1 
ATOM   1005 C  CG  . GLU A 1 122 ? 2.731   -10.198 -9.685  1.00 63.67  ? 172 GLU A CG  1 
ATOM   1006 C  CD  . GLU A 1 122 ? 2.348   -9.848  -11.117 1.00 70.94  ? 172 GLU A CD  1 
ATOM   1007 O  OE1 . GLU A 1 122 ? 3.259   -9.608  -11.938 1.00 70.29  ? 172 GLU A OE1 1 
ATOM   1008 O  OE2 . GLU A 1 122 ? 1.134   -9.819  -11.422 1.00 77.79  ? 172 GLU A OE2 1 
ATOM   1009 N  N   . GLY A 1 123 ? 2.753   -11.026 -6.853  1.00 33.56  ? 173 GLY A N   1 
ATOM   1010 C  CA  . GLY A 1 123 ? 2.482   -12.270 -6.150  1.00 25.46  ? 173 GLY A CA  1 
ATOM   1011 C  C   . GLY A 1 123 ? 3.042   -12.438 -4.745  1.00 30.01  ? 173 GLY A C   1 
ATOM   1012 O  O   . GLY A 1 123 ? 2.954   -11.531 -3.921  1.00 26.15  ? 173 GLY A O   1 
ATOM   1013 N  N   . ALA A 1 124 ? 3.613   -13.610 -4.475  1.00 30.54  ? 174 ALA A N   1 
ATOM   1014 C  CA  . ALA A 1 124 ? 4.177   -13.921 -3.163  1.00 38.33  ? 174 ALA A CA  1 
ATOM   1015 C  C   . ALA A 1 124 ? 5.334   -13.003 -2.784  1.00 31.92  ? 174 ALA A C   1 
ATOM   1016 O  O   . ALA A 1 124 ? 5.502   -12.661 -1.618  1.00 31.44  ? 174 ALA A O   1 
ATOM   1017 C  CB  . ALA A 1 124 ? 4.634   -15.395 -3.116  1.00 28.51  ? 174 ALA A CB  1 
ATOM   1018 N  N   . THR A 1 125 ? 6.141   -12.617 -3.764  1.00 37.09  ? 175 THR A N   1 
ATOM   1019 C  CA  . THR A 1 125 ? 7.264   -11.739 -3.493  1.00 34.04  ? 175 THR A CA  1 
ATOM   1020 C  C   . THR A 1 125 ? 6.714   -10.444 -2.941  1.00 39.43  ? 175 THR A C   1 
ATOM   1021 O  O   . THR A 1 125 ? 7.222   -9.898  -1.961  1.00 43.28  ? 175 THR A O   1 
ATOM   1022 C  CB  . THR A 1 125 ? 8.035   -11.400 -4.769  1.00 44.43  ? 175 THR A CB  1 
ATOM   1023 O  OG1 . THR A 1 125 ? 8.451   -12.609 -5.416  1.00 59.53  ? 175 THR A OG1 1 
ATOM   1024 C  CG2 . THR A 1 125 ? 9.245   -10.551 -4.437  1.00 42.66  ? 175 THR A CG2 1 
ATOM   1025 N  N   . LEU A 1 126 ? 5.656   -9.954  -3.577  1.00 34.94  ? 176 LEU A N   1 
ATOM   1026 C  CA  . LEU A 1 126 ? 5.043   -8.700  -3.160  1.00 28.79  ? 176 LEU A CA  1 
ATOM   1027 C  C   . LEU A 1 126 ? 4.438   -8.774  -1.768  1.00 23.21  ? 176 LEU A C   1 
ATOM   1028 O  O   . LEU A 1 126 ? 4.733   -7.930  -0.921  1.00 33.62  ? 176 LEU A O   1 
ATOM   1029 C  CB  . LEU A 1 126 ? 3.983   -8.271  -4.181  1.00 22.34  ? 176 LEU A CB  1 
ATOM   1030 C  CG  . LEU A 1 126 ? 3.090   -7.089  -3.808  1.00 23.52  ? 176 LEU A CG  1 
ATOM   1031 C  CD1 . LEU A 1 126 ? 3.927   -5.899  -3.375  1.00 25.77  ? 176 LEU A CD1 1 
ATOM   1032 C  CD2 . LEU A 1 126 ? 2.226   -6.754  -5.000  1.00 20.59  ? 176 LEU A CD2 1 
ATOM   1033 N  N   . ARG A 1 127 ? 3.599   -9.772  -1.512  1.00 21.05  ? 177 ARG A N   1 
ATOM   1034 C  CA  . ARG A 1 127 ? 3.003   -9.881  -0.184  1.00 31.05  ? 177 ARG A CA  1 
ATOM   1035 C  C   . ARG A 1 127 ? 4.049   -10.092 0.902   1.00 29.27  ? 177 ARG A C   1 
ATOM   1036 O  O   . ARG A 1 127 ? 3.914   -9.583  2.020   1.00 31.95  ? 177 ARG A O   1 
ATOM   1037 C  CB  . ARG A 1 127 ? 1.951   -11.003 -0.123  1.00 45.51  ? 177 ARG A CB  1 
ATOM   1038 C  CG  . ARG A 1 127 ? 2.258   -12.264 -0.912  1.00 59.66  ? 177 ARG A CG  1 
ATOM   1039 C  CD  . ARG A 1 127 ? 1.205   -13.349 -0.619  1.00 62.67  ? 177 ARG A CD  1 
ATOM   1040 N  NE  . ARG A 1 127 ? 1.195   -14.413 -1.628  1.00 62.77  ? 177 ARG A NE  1 
ATOM   1041 C  CZ  . ARG A 1 127 ? 0.520   -14.360 -2.776  1.00 59.78  ? 177 ARG A CZ  1 
ATOM   1042 N  NH1 . ARG A 1 127 ? -0.218  -13.291 -3.069  1.00 62.27  ? 177 ARG A NH1 1 
ATOM   1043 N  NH2 . ARG A 1 127 ? 0.600   -15.364 -3.646  1.00 47.40  ? 177 ARG A NH2 1 
ATOM   1044 N  N   . ASP A 1 128 ? 5.100   -10.827 0.569   1.00 27.54  ? 178 ASP A N   1 
ATOM   1045 C  CA  . ASP A 1 128 ? 6.165   -11.100 1.527   1.00 30.09  ? 178 ASP A CA  1 
ATOM   1046 C  C   . ASP A 1 128 ? 6.765   -9.797  2.075   1.00 30.92  ? 178 ASP A C   1 
ATOM   1047 O  O   . ASP A 1 128 ? 6.764   -9.561  3.290   1.00 33.79  ? 178 ASP A O   1 
ATOM   1048 C  CB  . ASP A 1 128 ? 7.254   -11.935 0.853   1.00 37.42  ? 178 ASP A CB  1 
ATOM   1049 C  CG  . ASP A 1 128 ? 8.245   -12.516 1.843   1.00 61.93  ? 178 ASP A CG  1 
ATOM   1050 O  OD1 . ASP A 1 128 ? 8.960   -11.739 2.512   1.00 62.82  ? 178 ASP A OD1 1 
ATOM   1051 O  OD2 . ASP A 1 128 ? 8.303   -13.758 1.949   1.00 82.15  ? 178 ASP A OD2 1 
ATOM   1052 N  N   . TYR A 1 129 ? 7.270   -8.958  1.174   1.00 28.14  ? 179 TYR A N   1 
ATOM   1053 C  CA  . TYR A 1 129 ? 7.874   -7.688  1.568   1.00 26.64  ? 179 TYR A CA  1 
ATOM   1054 C  C   . TYR A 1 129 ? 6.908   -6.811  2.345   1.00 19.87  ? 179 TYR A C   1 
ATOM   1055 O  O   . TYR A 1 129 ? 7.305   -6.132  3.286   1.00 32.13  ? 179 TYR A O   1 
ATOM   1056 C  CB  . TYR A 1 129 ? 8.358   -6.899  0.345   1.00 21.42  ? 179 TYR A CB  1 
ATOM   1057 C  CG  . TYR A 1 129 ? 8.555   -5.424  0.648   1.00 23.57  ? 179 TYR A CG  1 
ATOM   1058 C  CD1 . TYR A 1 129 ? 9.686   -4.970  1.335   1.00 28.94  ? 179 TYR A CD1 1 
ATOM   1059 C  CD2 . TYR A 1 129 ? 7.581   -4.491  0.291   1.00 17.73  ? 179 TYR A CD2 1 
ATOM   1060 C  CE1 . TYR A 1 129 ? 9.837   -3.615  1.664   1.00 19.11  ? 179 TYR A CE1 1 
ATOM   1061 C  CE2 . TYR A 1 129 ? 7.718   -3.147  0.607   1.00 20.79  ? 179 TYR A CE2 1 
ATOM   1062 C  CZ  . TYR A 1 129 ? 8.848   -2.710  1.298   1.00 26.41  ? 179 TYR A CZ  1 
ATOM   1063 O  OH  . TYR A 1 129 ? 8.960   -1.376  1.638   1.00 27.98  ? 179 TYR A OH  1 
ATOM   1064 N  N   . VAL A 1 130 ? 5.642   -6.814  1.942   1.00 26.53  ? 180 VAL A N   1 
ATOM   1065 C  CA  . VAL A 1 130 ? 4.654   -5.985  2.619   1.00 26.69  ? 180 VAL A CA  1 
ATOM   1066 C  C   . VAL A 1 130 ? 4.227   -6.534  3.978   1.00 32.33  ? 180 VAL A C   1 
ATOM   1067 O  O   . VAL A 1 130 ? 4.208   -5.803  4.967   1.00 35.90  ? 180 VAL A O   1 
ATOM   1068 C  CB  . VAL A 1 130 ? 3.397   -5.806  1.758   1.00 24.67  ? 180 VAL A CB  1 
ATOM   1069 C  CG1 . VAL A 1 130 ? 2.393   -4.906  2.489   1.00 24.38  ? 180 VAL A CG1 1 
ATOM   1070 C  CG2 . VAL A 1 130 ? 3.774   -5.218  0.404   1.00 30.27  ? 180 VAL A CG2 1 
ATOM   1071 N  N   . ASP A 1 131 ? 3.882   -7.815  4.037   1.00 31.78  ? 181 ASP A N   1 
ATOM   1072 C  CA  . ASP A 1 131 ? 3.446   -8.397  5.300   1.00 31.55  ? 181 ASP A CA  1 
ATOM   1073 C  C   . ASP A 1 131 ? 4.592   -8.573  6.275   1.00 31.04  ? 181 ASP A C   1 
ATOM   1074 O  O   . ASP A 1 131 ? 4.376   -8.720  7.473   1.00 34.94  ? 181 ASP A O   1 
ATOM   1075 C  CB  . ASP A 1 131 ? 2.754   -9.746  5.079   1.00 27.92  ? 181 ASP A CB  1 
ATOM   1076 C  CG  . ASP A 1 131 ? 1.358   -9.602  4.479   1.00 35.09  ? 181 ASP A CG  1 
ATOM   1077 O  OD1 . ASP A 1 131 ? 0.741   -8.527  4.635   1.00 34.27  ? 181 ASP A OD1 1 
ATOM   1078 O  OD2 . ASP A 1 131 ? 0.864   -10.573 3.867   1.00 44.06  ? 181 ASP A OD2 1 
ATOM   1079 N  N   . ARG A 1 132 ? 5.815   -8.554  5.763   1.00 24.90  ? 182 ARG A N   1 
ATOM   1080 C  CA  . ARG A 1 132 ? 6.967   -8.724  6.624   1.00 27.76  ? 182 ARG A CA  1 
ATOM   1081 C  C   . ARG A 1 132 ? 7.821   -7.484  6.771   1.00 20.65  ? 182 ARG A C   1 
ATOM   1082 O  O   . ARG A 1 132 ? 7.563   -6.657  7.635   1.00 30.37  ? 182 ARG A O   1 
ATOM   1083 C  CB  . ARG A 1 132 ? 7.822   -9.890  6.129   1.00 44.43  ? 182 ARG A CB  1 
ATOM   1084 C  CG  . ARG A 1 132 ? 7.201   -11.233 6.431   1.00 52.57  ? 182 ARG A CG  1 
ATOM   1085 C  CD  . ARG A 1 132 ? 8.073   -12.369 5.945   1.00 63.76  ? 182 ARG A CD  1 
ATOM   1086 N  NE  . ARG A 1 132 ? 7.615   -13.650 6.475   1.00 64.71  ? 182 ARG A NE  1 
ATOM   1087 C  CZ  . ARG A 1 132 ? 7.731   -14.022 7.747   1.00 71.46  ? 182 ARG A CZ  1 
ATOM   1088 N  NH1 . ARG A 1 132 ? 8.298   -13.213 8.636   1.00 69.59  ? 182 ARG A NH1 1 
ATOM   1089 N  NH2 . ARG A 1 132 ? 7.270   -15.204 8.130   1.00 83.27  ? 182 ARG A NH2 1 
ATOM   1090 N  N   . GLU A 1 133 ? 8.835   -7.343  5.928   1.00 24.23  ? 183 GLU A N   1 
ATOM   1091 C  CA  . GLU A 1 133 ? 9.719   -6.196  6.043   1.00 33.16  ? 183 GLU A CA  1 
ATOM   1092 C  C   . GLU A 1 133 ? 8.996   -4.864  6.275   1.00 33.67  ? 183 GLU A C   1 
ATOM   1093 O  O   . GLU A 1 133 ? 9.260   -4.179  7.255   1.00 34.36  ? 183 GLU A O   1 
ATOM   1094 C  CB  . GLU A 1 133 ? 10.623  -6.086  4.818   1.00 31.58  ? 183 GLU A CB  1 
ATOM   1095 C  CG  . GLU A 1 133 ? 11.701  -5.026  5.009   1.00 33.18  ? 183 GLU A CG  1 
ATOM   1096 C  CD  . GLU A 1 133 ? 12.609  -4.862  3.816   1.00 30.37  ? 183 GLU A CD  1 
ATOM   1097 O  OE1 . GLU A 1 133 ? 13.487  -3.979  3.879   1.00 35.66  ? 183 GLU A OE1 1 
ATOM   1098 O  OE2 . GLU A 1 133 ? 12.445  -5.602  2.823   1.00 34.46  ? 183 GLU A OE2 1 
ATOM   1099 N  N   . ALA A 1 134 ? 8.084   -4.499  5.385   1.00 29.08  ? 184 ALA A N   1 
ATOM   1100 C  CA  . ALA A 1 134 ? 7.363   -3.241  5.531   1.00 24.15  ? 184 ALA A CA  1 
ATOM   1101 C  C   . ALA A 1 134 ? 6.517   -3.136  6.816   1.00 30.44  ? 184 ALA A C   1 
ATOM   1102 O  O   . ALA A 1 134 ? 6.598   -2.132  7.530   1.00 28.50  ? 184 ALA A O   1 
ATOM   1103 C  CB  . ALA A 1 134 ? 6.487   -3.005  4.310   1.00 29.00  ? 184 ALA A CB  1 
ATOM   1104 N  N   . SER A 1 135 ? 5.717   -4.159  7.116   1.00 25.69  ? 185 SER A N   1 
ATOM   1105 C  CA  . SER A 1 135 ? 4.873   -4.109  8.307   1.00 32.25  ? 185 SER A CA  1 
ATOM   1106 C  C   . SER A 1 135 ? 5.683   -4.088  9.588   1.00 30.38  ? 185 SER A C   1 
ATOM   1107 O  O   . SER A 1 135 ? 5.307   -3.421  10.556  1.00 37.84  ? 185 SER A O   1 
ATOM   1108 C  CB  . SER A 1 135 ? 3.894   -5.284  8.332   1.00 30.71  ? 185 SER A CB  1 
ATOM   1109 O  OG  . SER A 1 135 ? 2.981   -5.171  7.255   1.00 31.85  ? 185 SER A OG  1 
ATOM   1110 N  N   . GLU A 1 136 ? 6.793   -4.820  9.589   1.00 24.79  ? 186 GLU A N   1 
ATOM   1111 C  CA  . GLU A 1 136 ? 7.671   -4.864  10.749  1.00 25.03  ? 186 GLU A CA  1 
ATOM   1112 C  C   . GLU A 1 136 ? 8.173   -3.456  11.052  1.00 32.36  ? 186 GLU A C   1 
ATOM   1113 O  O   . GLU A 1 136 ? 8.034   -2.965  12.166  1.00 43.04  ? 186 GLU A O   1 
ATOM   1114 C  CB  . GLU A 1 136 ? 8.882   -5.763  10.475  1.00 44.97  ? 186 GLU A CB  1 
ATOM   1115 C  CG  . GLU A 1 136 ? 8.554   -7.174  10.012  1.00 62.09  ? 186 GLU A CG  1 
ATOM   1116 C  CD  . GLU A 1 136 ? 8.254   -8.116  11.151  1.00 74.39  ? 186 GLU A CD  1 
ATOM   1117 O  OE1 . GLU A 1 136 ? 7.641   -7.668  12.140  1.00 74.37  ? 186 GLU A OE1 1 
ATOM   1118 O  OE2 . GLU A 1 136 ? 8.620   -9.307  11.045  1.00 85.49  ? 186 GLU A OE2 1 
ATOM   1119 N  N   . ALA A 1 137 ? 8.756   -2.811  10.045  1.00 29.54  ? 187 ALA A N   1 
ATOM   1120 C  CA  . ALA A 1 137 ? 9.307   -1.470  10.207  1.00 22.50  ? 187 ALA A CA  1 
ATOM   1121 C  C   . ALA A 1 137 ? 8.236   -0.466  10.614  1.00 25.49  ? 187 ALA A C   1 
ATOM   1122 O  O   . ALA A 1 137 ? 8.505   0.476   11.361  1.00 31.06  ? 187 ALA A O   1 
ATOM   1123 C  CB  . ALA A 1 137 ? 9.985   -1.033  8.917   1.00 28.38  ? 187 ALA A CB  1 
ATOM   1124 N  N   . MET A 1 138 ? 7.023   -0.670  10.120  1.00 20.48  ? 188 MET A N   1 
ATOM   1125 C  CA  . MET A 1 138 ? 5.919   0.213   10.447  1.00 22.50  ? 188 MET A CA  1 
ATOM   1126 C  C   . MET A 1 138 ? 5.619   0.070   11.942  1.00 30.74  ? 188 MET A C   1 
ATOM   1127 O  O   . MET A 1 138 ? 5.357   1.054   12.640  1.00 32.97  ? 188 MET A O   1 
ATOM   1128 C  CB  . MET A 1 138 ? 4.693   -0.175  9.628   1.00 31.40  ? 188 MET A CB  1 
ATOM   1129 C  CG  . MET A 1 138 ? 3.716   0.954   9.424   1.00 41.48  ? 188 MET A CG  1 
ATOM   1130 S  SD  . MET A 1 138 ? 4.505   2.365   8.630   1.00 38.35  ? 188 MET A SD  1 
ATOM   1131 C  CE  . MET A 1 138 ? 3.504   3.656   9.271   1.00 32.32  ? 188 MET A CE  1 
ATOM   1132 N  N   . GLY A 1 139 ? 5.672   -1.169  12.429  1.00 24.76  ? 189 GLY A N   1 
ATOM   1133 C  CA  . GLY A 1 139 ? 5.422   -1.421  13.835  1.00 25.42  ? 189 GLY A CA  1 
ATOM   1134 C  C   . GLY A 1 139 ? 6.463   -0.768  14.726  1.00 21.77  ? 189 GLY A C   1 
ATOM   1135 O  O   . GLY A 1 139 ? 6.139   -0.136  15.731  1.00 31.88  ? 189 GLY A O   1 
ATOM   1136 N  N   . ARG A 1 140 ? 7.728   -0.908  14.358  1.00 25.12  ? 190 ARG A N   1 
ATOM   1137 C  CA  . ARG A 1 140 ? 8.794   -0.319  15.151  1.00 25.42  ? 190 ARG A CA  1 
ATOM   1138 C  C   . ARG A 1 140 ? 8.660   1.197   15.139  1.00 32.16  ? 190 ARG A C   1 
ATOM   1139 O  O   . ARG A 1 140 ? 8.816   1.855   16.162  1.00 47.15  ? 190 ARG A O   1 
ATOM   1140 C  CB  . ARG A 1 140 ? 10.156  -0.759  14.607  1.00 28.99  ? 190 ARG A CB  1 
ATOM   1141 C  CG  . ARG A 1 140 ? 10.404  -2.271  14.779  1.00 33.12  ? 190 ARG A CG  1 
ATOM   1142 C  CD  . ARG A 1 140 ? 11.876  -2.636  14.537  1.00 36.67  ? 190 ARG A CD  1 
ATOM   1143 N  NE  . ARG A 1 140 ? 12.269  -2.422  13.145  1.00 35.15  ? 190 ARG A NE  1 
ATOM   1144 C  CZ  . ARG A 1 140 ? 12.115  -3.322  12.173  1.00 30.72  ? 190 ARG A CZ  1 
ATOM   1145 N  NH1 . ARG A 1 140 ? 11.585  -4.509  12.437  1.00 26.91  ? 190 ARG A NH1 1 
ATOM   1146 N  NH2 . ARG A 1 140 ? 12.471  -3.022  10.929  1.00 39.93  ? 190 ARG A NH2 1 
ATOM   1147 N  N   . ILE A 1 141 ? 8.353   1.754   13.978  1.00 32.43  ? 191 ILE A N   1 
ATOM   1148 C  CA  . ILE A 1 141 ? 8.182   3.190   13.882  1.00 30.34  ? 191 ILE A CA  1 
ATOM   1149 C  C   . ILE A 1 141 ? 7.098   3.629   14.871  1.00 36.03  ? 191 ILE A C   1 
ATOM   1150 O  O   . ILE A 1 141 ? 7.247   4.634   15.569  1.00 37.25  ? 191 ILE A O   1 
ATOM   1151 C  CB  . ILE A 1 141 ? 7.791   3.597   12.447  1.00 32.37  ? 191 ILE A CB  1 
ATOM   1152 C  CG1 . ILE A 1 141 ? 9.022   3.525   11.550  1.00 35.55  ? 191 ILE A CG1 1 
ATOM   1153 C  CG2 . ILE A 1 141 ? 7.174   4.985   12.433  1.00 24.78  ? 191 ILE A CG2 1 
ATOM   1154 C  CD1 . ILE A 1 141 ? 8.801   4.078   10.154  1.00 34.15  ? 191 ILE A CD1 1 
ATOM   1155 N  N   . LYS A 1 142 ? 6.018   2.856   14.945  1.00 32.02  ? 192 LYS A N   1 
ATOM   1156 C  CA  . LYS A 1 142 ? 4.925   3.180   15.845  1.00 27.35  ? 192 LYS A CA  1 
ATOM   1157 C  C   . LYS A 1 142 ? 5.275   3.073   17.327  1.00 32.17  ? 192 LYS A C   1 
ATOM   1158 O  O   . LYS A 1 142 ? 4.685   3.771   18.162  1.00 32.70  ? 192 LYS A O   1 
ATOM   1159 C  CB  . LYS A 1 142 ? 3.693   2.338   15.504  1.00 27.68  ? 192 LYS A CB  1 
ATOM   1160 C  CG  . LYS A 1 142 ? 2.997   2.853   14.252  1.00 35.50  ? 192 LYS A CG  1 
ATOM   1161 C  CD  . LYS A 1 142 ? 1.766   2.060   13.881  1.00 29.54  ? 192 LYS A CD  1 
ATOM   1162 C  CE  . LYS A 1 142 ? 1.067   2.665   12.660  1.00 25.93  ? 192 LYS A CE  1 
ATOM   1163 N  NZ  . LYS A 1 142 ? -0.020  1.757   12.160  1.00 34.77  ? 192 LYS A NZ  1 
ATOM   1164 N  N   . GLN A 1 143 ? 6.225   2.208   17.662  1.00 36.82  ? 193 GLN A N   1 
ATOM   1165 C  CA  . GLN A 1 143 ? 6.652   2.100   19.050  1.00 34.93  ? 193 GLN A CA  1 
ATOM   1166 C  C   . GLN A 1 143 ? 7.380   3.398   19.377  1.00 39.48  ? 193 GLN A C   1 
ATOM   1167 O  O   . GLN A 1 143 ? 7.218   3.951   20.456  1.00 40.18  ? 193 GLN A O   1 
ATOM   1168 C  CB  . GLN A 1 143 ? 7.612   0.934   19.241  1.00 38.22  ? 193 GLN A CB  1 
ATOM   1169 C  CG  . GLN A 1 143 ? 6.959   -0.419  19.182  1.00 58.65  ? 193 GLN A CG  1 
ATOM   1170 C  CD  . GLN A 1 143 ? 7.712   -1.444  20.007  1.00 68.61  ? 193 GLN A CD  1 
ATOM   1171 O  OE1 . GLN A 1 143 ? 8.946   -1.475  20.006  1.00 69.83  ? 193 GLN A OE1 1 
ATOM   1172 N  NE2 . GLN A 1 143 ? 6.972   -2.296  20.715  1.00 66.16  ? 193 GLN A NE2 1 
ATOM   1173 N  N   . ARG A 1 144 ? 8.184   3.873   18.427  1.00 36.28  ? 194 ARG A N   1 
ATOM   1174 C  CA  . ARG A 1 144 ? 8.941   5.111   18.596  1.00 30.36  ? 194 ARG A CA  1 
ATOM   1175 C  C   . ARG A 1 144 ? 7.964   6.229   18.919  1.00 34.13  ? 194 ARG A C   1 
ATOM   1176 O  O   . ARG A 1 144 ? 8.016   6.844   19.984  1.00 41.05  ? 194 ARG A O   1 
ATOM   1177 C  CB  . ARG A 1 144 ? 9.678   5.451   17.299  1.00 35.02  ? 194 ARG A CB  1 
ATOM   1178 C  CG  . ARG A 1 144 ? 11.130  5.842   17.465  1.00 57.42  ? 194 ARG A CG  1 
ATOM   1179 C  CD  . ARG A 1 144 ? 11.328  7.106   18.281  1.00 60.16  ? 194 ARG A CD  1 
ATOM   1180 N  NE  . ARG A 1 144 ? 11.662  6.817   19.670  1.00 64.74  ? 194 ARG A NE  1 
ATOM   1181 C  CZ  . ARG A 1 144 ? 12.247  7.685   20.489  1.00 66.23  ? 194 ARG A CZ  1 
ATOM   1182 N  NH1 . ARG A 1 144 ? 12.564  8.897   20.052  1.00 63.29  ? 194 ARG A NH1 1 
ATOM   1183 N  NH2 . ARG A 1 144 ? 12.518  7.343   21.742  1.00 64.53  ? 194 ARG A NH2 1 
ATOM   1184 N  N   . VAL A 1 145 ? 7.076   6.488   17.969  1.00 30.56  ? 195 VAL A N   1 
ATOM   1185 C  CA  . VAL A 1 145 ? 6.052   7.511   18.106  1.00 34.96  ? 195 VAL A CA  1 
ATOM   1186 C  C   . VAL A 1 145 ? 5.321   7.445   19.451  1.00 34.98  ? 195 VAL A C   1 
ATOM   1187 O  O   . VAL A 1 145 ? 5.077   8.468   20.086  1.00 38.49  ? 195 VAL A O   1 
ATOM   1188 C  CB  . VAL A 1 145 ? 5.019   7.374   16.976  1.00 35.27  ? 195 VAL A CB  1 
ATOM   1189 C  CG1 . VAL A 1 145 ? 3.823   8.256   17.258  1.00 37.64  ? 195 VAL A CG1 1 
ATOM   1190 C  CG2 . VAL A 1 145 ? 5.661   7.748   15.651  1.00 44.28  ? 195 VAL A CG2 1 
ATOM   1191 N  N   . ALA A 1 146 ? 4.967   6.238   19.875  1.00 35.29  ? 196 ALA A N   1 
ATOM   1192 C  CA  . ALA A 1 146 ? 4.266   6.062   21.136  1.00 36.97  ? 196 ALA A CA  1 
ATOM   1193 C  C   . ALA A 1 146 ? 5.105   6.655   22.256  1.00 34.95  ? 196 ALA A C   1 
ATOM   1194 O  O   . ALA A 1 146 ? 4.614   7.448   23.062  1.00 35.64  ? 196 ALA A O   1 
ATOM   1195 C  CB  . ALA A 1 146 ? 4.000   4.577   21.396  1.00 38.97  ? 196 ALA A CB  1 
ATOM   1196 N  N   . GLU A 1 147 ? 6.375   6.266   22.297  1.00 31.52  ? 197 GLU A N   1 
ATOM   1197 C  CA  . GLU A 1 147 ? 7.298   6.763   23.313  1.00 40.88  ? 197 GLU A CA  1 
ATOM   1198 C  C   . GLU A 1 147 ? 7.414   8.271   23.164  1.00 46.51  ? 197 GLU A C   1 
ATOM   1199 O  O   . GLU A 1 147 ? 7.399   9.004   24.146  1.00 53.52  ? 197 GLU A O   1 
ATOM   1200 C  CB  . GLU A 1 147 ? 8.670   6.121   23.130  1.00 47.66  ? 197 GLU A CB  1 
ATOM   1201 C  CG  . GLU A 1 147 ? 8.595   4.640   22.830  1.00 52.96  ? 197 GLU A CG  1 
ATOM   1202 C  CD  . GLU A 1 147 ? 9.953   3.976   22.719  1.00 58.65  ? 197 GLU A CD  1 
ATOM   1203 O  OE1 . GLU A 1 147 ? 10.898  4.625   22.210  1.00 59.10  ? 197 GLU A OE1 1 
ATOM   1204 O  OE2 . GLU A 1 147 ? 10.061  2.796   23.130  1.00 57.89  ? 197 GLU A OE2 1 
ATOM   1205 N  N   . LEU A 1 148 ? 7.527   8.728   21.923  1.00 49.28  ? 198 LEU A N   1 
ATOM   1206 C  CA  . LEU A 1 148 ? 7.643   10.156  21.647  1.00 39.57  ? 198 LEU A CA  1 
ATOM   1207 C  C   . LEU A 1 148 ? 6.434   10.941  22.125  1.00 37.38  ? 198 LEU A C   1 
ATOM   1208 O  O   . LEU A 1 148 ? 6.573   12.045  22.645  1.00 39.94  ? 198 LEU A O   1 
ATOM   1209 C  CB  . LEU A 1 148 ? 7.833   10.385  20.157  1.00 32.05  ? 198 LEU A CB  1 
ATOM   1210 C  CG  . LEU A 1 148 ? 9.270   10.195  19.700  1.00 34.45  ? 198 LEU A CG  1 
ATOM   1211 C  CD1 . LEU A 1 148 ? 9.352   10.176  18.167  1.00 46.43  ? 198 LEU A CD1 1 
ATOM   1212 C  CD2 . LEU A 1 148 ? 10.096  11.317  20.281  1.00 31.72  ? 198 LEU A CD2 1 
ATOM   1213 N  N   . GLU A 1 149 ? 5.248   10.375  21.930  1.00 38.64  ? 199 GLU A N   1 
ATOM   1214 C  CA  . GLU A 1 149 ? 4.023   11.028  22.351  1.00 42.01  ? 199 GLU A CA  1 
ATOM   1215 C  C   . GLU A 1 149 ? 4.020   11.029  23.872  1.00 47.14  ? 199 GLU A C   1 
ATOM   1216 O  O   . GLU A 1 149 ? 3.543   11.966  24.503  1.00 55.71  ? 199 GLU A O   1 
ATOM   1217 C  CB  . GLU A 1 149 ? 2.804   10.267  21.811  1.00 37.55  ? 199 GLU A CB  1 
ATOM   1218 C  CG  . GLU A 1 149 ? 1.613   11.161  21.471  1.00 39.59  ? 199 GLU A CG  1 
ATOM   1219 C  CD  . GLU A 1 149 ? 0.510   10.410  20.751  1.00 48.93  ? 199 GLU A CD  1 
ATOM   1220 O  OE1 . GLU A 1 149 ? 0.834   9.697   19.783  1.00 39.35  ? 199 GLU A OE1 1 
ATOM   1221 O  OE2 . GLU A 1 149 ? -0.674  10.531  21.142  1.00 56.05  ? 199 GLU A OE2 1 
ATOM   1222 N  N   . ILE A 1 150 ? 4.571   9.971   24.457  1.00 45.16  ? 200 ILE A N   1 
ATOM   1223 C  CA  . ILE A 1 150 ? 4.640   9.851   25.905  1.00 44.76  ? 200 ILE A CA  1 
ATOM   1224 C  C   . ILE A 1 150 ? 5.678   10.785  26.507  1.00 41.23  ? 200 ILE A C   1 
ATOM   1225 O  O   . ILE A 1 150 ? 5.446   11.382  27.555  1.00 32.56  ? 200 ILE A O   1 
ATOM   1226 C  CB  . ILE A 1 150 ? 4.963   8.407   26.326  1.00 42.23  ? 200 ILE A CB  1 
ATOM   1227 C  CG1 . ILE A 1 150 ? 3.674   7.585   26.354  1.00 44.89  ? 200 ILE A CG1 1 
ATOM   1228 C  CG2 . ILE A 1 150 ? 5.652   8.394   27.689  1.00 40.50  ? 200 ILE A CG2 1 
ATOM   1229 C  CD1 . ILE A 1 150 ? 2.690   8.042   27.416  1.00 48.00  ? 200 ILE A CD1 1 
ATOM   1230 N  N   . LEU A 1 151 ? 6.826   10.899  25.848  1.00 49.00  ? 201 LEU A N   1 
ATOM   1231 C  CA  . LEU A 1 151 ? 7.891   11.774  26.326  1.00 52.24  ? 201 LEU A CA  1 
ATOM   1232 C  C   . LEU A 1 151 ? 7.479   13.223  26.080  1.00 55.98  ? 201 LEU A C   1 
ATOM   1233 O  O   . LEU A 1 151 ? 7.658   14.082  26.945  1.00 63.10  ? 201 LEU A O   1 
ATOM   1234 C  CB  . LEU A 1 151 ? 9.204   11.465  25.601  1.00 49.54  ? 201 LEU A CB  1 
ATOM   1235 C  CG  . LEU A 1 151 ? 9.677   10.006  25.676  1.00 55.17  ? 201 LEU A CG  1 
ATOM   1236 C  CD1 . LEU A 1 151 ? 10.962  9.823   24.871  1.00 53.11  ? 201 LEU A CD1 1 
ATOM   1237 C  CD2 . LEU A 1 151 ? 9.887   9.608   27.127  1.00 64.00  ? 201 LEU A CD2 1 
ATOM   1238 N  N   . GLU A 1 152 ? 6.927   13.488  24.899  1.00 65.34  ? 202 GLU A N   1 
ATOM   1239 C  CA  . GLU A 1 152 ? 6.473   14.829  24.556  1.00 75.65  ? 202 GLU A CA  1 
ATOM   1240 C  C   . GLU A 1 152 ? 5.538   15.269  25.673  1.00 80.54  ? 202 GLU A C   1 
ATOM   1241 O  O   . GLU A 1 152 ? 5.694   16.347  26.245  1.00 95.16  ? 202 GLU A O   1 
ATOM   1242 C  CB  . GLU A 1 152 ? 5.731   14.818  23.214  1.00 87.14  ? 202 GLU A CB  1 
ATOM   1243 C  CG  . GLU A 1 152 ? 5.251   16.190  22.744  1.00 97.51  ? 202 GLU A CG  1 
ATOM   1244 C  CD  . GLU A 1 152 ? 4.051   16.704  23.525  1.00 103.34 ? 202 GLU A CD  1 
ATOM   1245 O  OE1 . GLU A 1 152 ? 3.782   17.923  23.464  1.00 107.38 ? 202 GLU A OE1 1 
ATOM   1246 O  OE2 . GLU A 1 152 ? 3.369   15.896  24.190  1.00 103.79 ? 202 GLU A OE2 1 
ATOM   1247 N  N   . HIS A 1 153 ? 4.560   14.420  25.973  1.00 71.63  ? 203 HIS A N   1 
ATOM   1248 C  CA  . HIS A 1 153 ? 3.611   14.694  27.039  1.00 73.69  ? 203 HIS A CA  1 
ATOM   1249 C  C   . HIS A 1 153 ? 4.353   14.254  28.299  1.00 85.69  ? 203 HIS A C   1 
ATOM   1250 O  O   . HIS A 1 153 ? 4.037   13.221  28.887  1.00 91.94  ? 203 HIS A O   1 
ATOM   1251 C  CB  . HIS A 1 153 ? 2.341   13.860  26.826  1.00 71.22  ? 203 HIS A CB  1 
ATOM   1252 C  CG  . HIS A 1 153 ? 1.268   14.106  27.841  1.00 82.84  ? 203 HIS A CG  1 
ATOM   1253 N  ND1 . HIS A 1 153 ? 1.398   13.749  29.167  1.00 86.90  ? 203 HIS A ND1 1 
ATOM   1254 C  CD2 . HIS A 1 153 ? 0.034   14.653  27.720  1.00 87.24  ? 203 HIS A CD2 1 
ATOM   1255 C  CE1 . HIS A 1 153 ? 0.293   14.062  29.817  1.00 86.67  ? 203 HIS A CE1 1 
ATOM   1256 N  NE2 . HIS A 1 153 ? -0.552  14.612  28.963  1.00 88.93  ? 203 HIS A NE2 1 
ATOM   1257 N  N   . HIS A 1 154 ? 5.357   15.041  28.686  1.00 87.58  ? 204 HIS A N   1 
ATOM   1258 C  CA  . HIS A 1 154 ? 6.175   14.735  29.855  1.00 89.11  ? 204 HIS A CA  1 
ATOM   1259 C  C   . HIS A 1 154 ? 5.354   14.068  30.949  1.00 84.12  ? 204 HIS A C   1 
ATOM   1260 O  O   . HIS A 1 154 ? 5.529   12.844  31.146  1.00 75.25  ? 204 HIS A O   1 
ATOM   1261 C  CB  . HIS A 1 154 ? 6.825   16.004  30.420  1.00 94.24  ? 204 HIS A CB  1 
ATOM   1262 C  CG  . HIS A 1 154 ? 7.677   16.746  29.435  1.00 95.15  ? 204 HIS A CG  1 
ATOM   1263 N  ND1 . HIS A 1 154 ? 7.153   17.612  28.501  1.00 96.36  ? 204 HIS A ND1 1 
ATOM   1264 C  CD2 . HIS A 1 154 ? 9.017   16.750  29.240  1.00 97.73  ? 204 HIS A CD2 1 
ATOM   1265 C  CE1 . HIS A 1 154 ? 8.132   18.120  27.773  1.00 98.02  ? 204 HIS A CE1 1 
ATOM   1266 N  NE2 . HIS A 1 154 ? 9.275   17.612  28.202  1.00 97.75  ? 204 HIS A NE2 1 
ATOM   1267 O  OXT . HIS A 1 154 ? 4.536   14.774  31.584  1.00 47.09  ? 204 HIS A OXT 1 
HETATM 1268 CL CL  . CL  B 2 .   ? 10.872  -1.155  -0.940  1.00 71.49  ? 301 CL  A CL  1 
HETATM 1269 CL CL  . CL  C 2 .   ? 11.618  -4.938  8.597   1.00 64.66  ? 302 CL  A CL  1 
HETATM 1270 N  N   . NO3 D 3 .   ? -2.649  -2.885  -9.733  1.00 66.93  ? 303 NO3 A N   1 
HETATM 1271 O  O1  . NO3 D 3 .   ? -2.404  -1.526  -9.400  1.00 60.79  ? 303 NO3 A O1  1 
HETATM 1272 O  O2  . NO3 D 3 .   ? -3.983  -3.355  -9.890  1.00 45.24  ? 303 NO3 A O2  1 
HETATM 1273 O  O3  . NO3 D 3 .   ? -1.555  -3.775  -9.926  1.00 80.00  ? 303 NO3 A O3  1 
HETATM 1274 O  O   . HOH E 4 .   ? -16.485 2.285   -3.285  1.00 39.63  ? 401 HOH A O   1 
HETATM 1275 O  O   . HOH E 4 .   ? 9.725   8.040   -3.029  1.00 32.40  ? 402 HOH A O   1 
HETATM 1276 O  O   . HOH E 4 .   ? 2.072   1.772   -3.412  1.00 28.60  ? 403 HOH A O   1 
HETATM 1277 O  O   . HOH E 4 .   ? 4.975   1.651   -3.670  1.00 26.17  ? 404 HOH A O   1 
HETATM 1278 O  O   . HOH E 4 .   ? 2.561   8.946   -12.443 1.00 55.83  ? 405 HOH A O   1 
HETATM 1279 O  O   . HOH E 4 .   ? -13.248 -1.711  -18.579 1.00 52.02  ? 406 HOH A O   1 
HETATM 1280 O  O   . HOH E 4 .   ? -3.517  -15.139 -9.443  1.00 44.46  ? 407 HOH A O   1 
HETATM 1281 O  O   . HOH E 4 .   ? -5.101  -16.709 -5.847  1.00 46.58  ? 408 HOH A O   1 
HETATM 1282 O  O   . HOH E 4 .   ? -3.374  -12.121 -0.948  1.00 63.18  ? 409 HOH A O   1 
HETATM 1283 O  O   . HOH E 4 .   ? 0.304   -10.164 -4.170  1.00 36.59  ? 410 HOH A O   1 
HETATM 1284 O  O   . HOH E 4 .   ? -1.757  0.027   8.716   1.00 41.13  ? 411 HOH A O   1 
HETATM 1285 O  O   . HOH E 4 .   ? 17.968  13.906  13.663  1.00 51.14  ? 412 HOH A O   1 
HETATM 1286 O  O   . HOH E 4 .   ? 11.257  1.760   17.821  1.00 34.71  ? 413 HOH A O   1 
HETATM 1287 O  O   . HOH E 4 .   ? 18.573  3.401   7.603   1.00 34.72  ? 414 HOH A O   1 
HETATM 1288 O  O   . HOH E 4 .   ? 14.385  6.906   -7.676  1.00 39.01  ? 415 HOH A O   1 
HETATM 1289 O  O   . HOH E 4 .   ? 13.408  0.765   1.281   1.00 61.09  ? 416 HOH A O   1 
HETATM 1290 O  O   . HOH E 4 .   ? 3.736   -3.967  -7.398  1.00 27.62  ? 417 HOH A O   1 
HETATM 1291 O  O   . HOH E 4 .   ? 3.265   -15.533 -6.785  1.00 42.29  ? 418 HOH A O   1 
HETATM 1292 O  O   . HOH E 4 .   ? 10.136  -9.416  3.729   1.00 34.67  ? 419 HOH A O   1 
HETATM 1293 O  O   . HOH E 4 .   ? -6.472  9.695   9.374   1.00 43.71  ? 420 HOH A O   1 
HETATM 1294 O  O   . HOH E 4 .   ? -2.078  20.237  11.268  1.00 43.62  ? 421 HOH A O   1 
HETATM 1295 O  O   . HOH E 4 .   ? 19.282  2.556   4.178   1.00 47.07  ? 422 HOH A O   1 
HETATM 1296 O  O   . HOH E 4 .   ? 1.483   -11.847 -13.715 0.50 28.64  ? 423 HOH A O   1 
HETATM 1297 O  O   . HOH E 4 .   ? 4.680   -14.942 -8.889  1.00 34.92  ? 424 HOH A O   1 
HETATM 1298 O  O   . HOH E 4 .   ? 8.932   6.443   -0.943  1.00 31.25  ? 425 HOH A O   1 
HETATM 1299 O  O   . HOH E 4 .   ? -1.627  -11.208 -12.548 1.00 45.49  ? 426 HOH A O   1 
HETATM 1300 O  O   . HOH E 4 .   ? -10.480 12.965  -1.907  1.00 54.24  ? 427 HOH A O   1 
HETATM 1301 O  O   . HOH E 4 .   ? -14.816 -0.962  -9.906  1.00 36.05  ? 428 HOH A O   1 
HETATM 1302 O  O   . HOH E 4 .   ? -11.065 2.993   -15.715 1.00 55.24  ? 429 HOH A O   1 
HETATM 1303 O  O   . HOH E 4 .   ? 19.104  0.619   -8.346  1.00 43.53  ? 430 HOH A O   1 
HETATM 1304 O  O   . HOH E 4 .   ? -1.801  9.552   -12.814 1.00 57.22  ? 431 HOH A O   1 
# 
